data_6ER0
#
_entry.id   6ER0
#
_entity_poly.entity_id   1
_entity_poly.type   'polypeptide(L)'
_entity_poly.pdbx_seq_one_letter_code
;GGYNPHTPGSGIEQNSSDWVTTDIQVKVRDTYLDTQVVGQTGVIRSVTGGMCSVYLKDSEKVVSISSEHLEPITPTKNNK
VKVILGEDREATGVLLSIDGEDGIVRMDLDEQLKILNLRFLGKLLEA
;
_entity_poly.pdbx_strand_id   A
#
# COMPACT_ATOMS: atom_id res chain seq x y z
N GLN A 14 12.14 -7.03 -15.03
CA GLN A 14 10.88 -6.67 -14.33
C GLN A 14 10.29 -5.40 -14.97
N ASN A 15 10.88 -4.27 -14.71
CA ASN A 15 10.36 -3.00 -15.30
C ASN A 15 8.90 -2.79 -14.85
N SER A 16 8.58 -3.18 -13.65
CA SER A 16 7.18 -3.00 -13.16
C SER A 16 7.17 -1.94 -12.06
N SER A 17 7.31 -0.69 -12.42
CA SER A 17 7.29 0.40 -11.40
C SER A 17 5.90 1.02 -11.35
N ASP A 18 4.94 0.41 -11.98
CA ASP A 18 3.55 0.98 -11.95
C ASP A 18 2.79 0.41 -10.75
N TRP A 19 3.50 0.01 -9.73
CA TRP A 19 2.81 -0.55 -8.53
C TRP A 19 2.91 0.46 -7.38
N VAL A 20 2.70 1.72 -7.65
CA VAL A 20 2.77 2.73 -6.58
C VAL A 20 1.40 3.36 -6.36
N THR A 21 0.85 3.21 -5.19
CA THR A 21 -0.50 3.80 -4.92
C THR A 21 -0.42 4.71 -3.69
N THR A 22 -1.25 5.72 -3.64
CA THR A 22 -1.22 6.64 -2.47
C THR A 22 -2.28 6.21 -1.45
N ASP A 23 -2.23 6.74 -0.27
CA ASP A 23 -3.24 6.37 0.77
C ASP A 23 -2.89 4.98 1.33
N ILE A 24 -1.85 4.37 0.83
CA ILE A 24 -1.47 3.02 1.34
C ILE A 24 -0.24 3.15 2.25
N GLN A 25 -0.01 2.17 3.09
CA GLN A 25 1.17 2.23 3.99
C GLN A 25 2.38 1.61 3.27
N VAL A 26 3.56 2.09 3.58
CA VAL A 26 4.77 1.52 2.91
C VAL A 26 5.78 1.08 3.97
N LYS A 27 6.53 0.05 3.69
CA LYS A 27 7.54 -0.43 4.67
C LYS A 27 8.94 -0.09 4.17
N VAL A 28 9.70 0.62 4.95
CA VAL A 28 11.08 0.98 4.52
C VAL A 28 11.95 -0.28 4.45
N ARG A 29 12.39 -0.64 3.27
CA ARG A 29 13.23 -1.87 3.14
C ARG A 29 14.61 -1.60 3.79
N ASP A 30 15.21 -2.62 4.33
CA ASP A 30 16.54 -2.44 4.97
C ASP A 30 17.55 -1.96 3.93
N THR A 31 17.21 -2.04 2.68
CA THR A 31 18.15 -1.59 1.62
C THR A 31 18.15 -0.05 1.56
N TYR A 32 17.31 0.58 2.33
CA TYR A 32 17.26 2.07 2.31
C TYR A 32 18.54 2.62 2.95
N LEU A 33 19.05 3.71 2.44
CA LEU A 33 20.29 4.29 3.01
C LEU A 33 20.03 4.75 4.44
N ASP A 34 18.90 5.34 4.69
CA ASP A 34 18.57 5.80 6.07
C ASP A 34 18.27 4.58 6.95
N THR A 35 19.27 4.03 7.58
CA THR A 35 19.03 2.84 8.45
C THR A 35 18.14 3.25 9.62
N GLN A 36 18.05 4.52 9.90
CA GLN A 36 17.19 4.97 11.03
C GLN A 36 15.72 4.83 10.63
N VAL A 37 15.45 4.72 9.37
CA VAL A 37 14.03 4.58 8.92
C VAL A 37 13.79 3.15 8.42
N VAL A 38 14.76 2.29 8.59
CA VAL A 38 14.59 0.88 8.12
C VAL A 38 13.60 0.15 9.04
N GLY A 39 12.70 -0.59 8.47
CA GLY A 39 11.70 -1.33 9.31
C GLY A 39 10.62 -0.36 9.79
N GLN A 40 10.76 0.90 9.47
CA GLN A 40 9.73 1.89 9.92
C GLN A 40 8.59 1.93 8.90
N THR A 41 7.41 2.30 9.34
CA THR A 41 6.26 2.36 8.40
C THR A 41 5.85 3.81 8.18
N GLY A 42 5.37 4.14 7.02
CA GLY A 42 4.94 5.53 6.73
C GLY A 42 3.76 5.53 5.76
N VAL A 43 3.14 6.66 5.56
CA VAL A 43 1.98 6.71 4.63
C VAL A 43 2.38 7.45 3.35
N ILE A 44 1.86 7.05 2.22
CA ILE A 44 2.21 7.73 0.95
C ILE A 44 1.23 8.88 0.70
N ARG A 45 1.71 10.10 0.71
CA ARG A 45 0.81 11.26 0.48
C ARG A 45 0.75 11.58 -1.02
N SER A 46 1.89 11.66 -1.66
CA SER A 46 1.90 11.97 -3.12
C SER A 46 2.77 10.94 -3.85
N VAL A 47 2.37 10.56 -5.03
CA VAL A 47 3.17 9.56 -5.80
C VAL A 47 3.72 10.21 -7.06
N THR A 48 4.96 9.96 -7.38
CA THR A 48 5.55 10.57 -8.61
C THR A 48 6.40 9.53 -9.33
N GLY A 49 6.12 9.30 -10.60
CA GLY A 49 6.90 8.30 -11.36
C GLY A 49 8.40 8.46 -11.04
N GLY A 50 8.84 9.67 -10.82
CA GLY A 50 10.28 9.88 -10.50
C GLY A 50 10.57 9.39 -9.08
N MET A 51 9.77 9.80 -8.12
CA MET A 51 10.00 9.36 -6.73
C MET A 51 8.66 9.29 -5.99
N CYS A 52 8.67 8.83 -4.77
CA CYS A 52 7.38 8.73 -4.01
C CYS A 52 7.50 9.51 -2.69
N SER A 53 6.45 10.15 -2.28
CA SER A 53 6.51 10.91 -1.00
C SER A 53 5.79 10.13 0.10
N VAL A 54 6.52 9.62 1.06
CA VAL A 54 5.87 8.84 2.15
C VAL A 54 6.14 9.52 3.49
N TYR A 55 5.14 9.58 4.34
CA TYR A 55 5.32 10.20 5.68
C TYR A 55 5.62 9.11 6.70
N LEU A 56 6.70 9.23 7.43
CA LEU A 56 7.03 8.18 8.43
C LEU A 56 6.27 8.44 9.74
N LYS A 57 5.36 7.57 10.08
CA LYS A 57 4.57 7.78 11.34
C LYS A 57 5.53 7.79 12.53
N ASP A 58 6.53 6.94 12.52
CA ASP A 58 7.48 6.91 13.67
C ASP A 58 8.35 8.17 13.64
N SER A 59 8.88 8.52 12.51
CA SER A 59 9.74 9.74 12.43
C SER A 59 8.86 10.99 12.49
N GLU A 60 7.59 10.84 12.30
CA GLU A 60 6.68 12.03 12.35
C GLU A 60 7.22 13.11 11.42
N LYS A 61 7.82 12.74 10.33
CA LYS A 61 8.36 13.75 9.38
C LYS A 61 7.99 13.37 7.95
N VAL A 62 8.08 14.30 7.03
CA VAL A 62 7.73 14.00 5.61
C VAL A 62 9.00 13.70 4.82
N VAL A 63 9.06 12.58 4.16
CA VAL A 63 10.27 12.24 3.37
C VAL A 63 9.87 11.55 2.07
N SER A 64 10.68 11.65 1.05
CA SER A 64 10.34 11.00 -0.25
C SER A 64 11.21 9.76 -0.43
N ILE A 65 10.62 8.65 -0.79
CA ILE A 65 11.41 7.42 -0.99
C ILE A 65 11.07 6.80 -2.36
N SER A 66 12.03 6.19 -2.99
CA SER A 66 11.76 5.57 -4.32
C SER A 66 10.99 4.26 -4.13
N SER A 67 10.11 3.93 -5.04
CA SER A 67 9.33 2.67 -4.90
C SER A 67 10.29 1.50 -4.67
N GLU A 68 11.50 1.60 -5.15
CA GLU A 68 12.48 0.49 -4.96
C GLU A 68 12.88 0.42 -3.48
N HIS A 69 12.71 1.50 -2.76
CA HIS A 69 13.09 1.49 -1.31
C HIS A 69 11.82 1.41 -0.45
N LEU A 70 10.68 1.37 -1.08
CA LEU A 70 9.41 1.29 -0.29
C LEU A 70 8.80 -0.11 -0.44
N GLU A 71 8.19 -0.61 0.59
CA GLU A 71 7.58 -1.97 0.52
C GLU A 71 6.09 -1.88 0.84
N PRO A 72 5.27 -2.65 0.12
CA PRO A 72 3.82 -2.67 0.33
C PRO A 72 3.43 -3.32 1.65
N ILE A 73 2.36 -2.87 2.26
CA ILE A 73 1.93 -3.48 3.56
C ILE A 73 0.68 -4.32 3.34
N THR A 74 0.62 -5.48 3.93
CA THR A 74 -0.59 -6.34 3.75
C THR A 74 -1.69 -5.90 4.71
N PRO A 75 -2.89 -5.64 4.19
CA PRO A 75 -4.03 -5.20 5.00
C PRO A 75 -4.57 -6.34 5.88
N THR A 76 -5.03 -6.02 7.06
CA THR A 76 -5.56 -7.09 7.96
C THR A 76 -7.07 -7.21 7.76
N LYS A 77 -7.64 -8.32 8.16
CA LYS A 77 -9.10 -8.51 8.00
C LYS A 77 -9.85 -7.31 8.58
N ASN A 78 -11.01 -7.02 8.07
CA ASN A 78 -11.78 -5.85 8.60
C ASN A 78 -10.95 -4.58 8.43
N ASN A 79 -9.99 -4.59 7.55
CA ASN A 79 -9.15 -3.38 7.35
C ASN A 79 -9.43 -2.79 5.98
N LYS A 80 -9.09 -1.55 5.76
CA LYS A 80 -9.34 -0.92 4.43
C LYS A 80 -8.18 -1.24 3.48
N VAL A 81 -8.49 -1.58 2.26
CA VAL A 81 -7.40 -1.89 1.29
C VAL A 81 -7.64 -1.12 -0.01
N LYS A 82 -6.61 -0.89 -0.77
CA LYS A 82 -6.77 -0.15 -2.05
C LYS A 82 -6.12 -0.92 -3.19
N VAL A 83 -6.78 -1.03 -4.32
CA VAL A 83 -6.20 -1.77 -5.46
C VAL A 83 -5.02 -0.97 -6.04
N ILE A 84 -3.82 -1.48 -5.89
CA ILE A 84 -2.64 -0.74 -6.42
C ILE A 84 -2.36 -1.20 -7.86
N LEU A 85 -3.04 -2.22 -8.31
CA LEU A 85 -2.81 -2.72 -9.70
C LEU A 85 -4.13 -3.23 -10.29
N GLY A 86 -4.21 -3.32 -11.58
CA GLY A 86 -5.47 -3.81 -12.22
C GLY A 86 -6.32 -2.62 -12.65
N GLU A 87 -7.36 -2.86 -13.39
CA GLU A 87 -8.23 -1.74 -13.85
C GLU A 87 -8.92 -1.11 -12.64
N ASP A 88 -9.00 -1.83 -11.55
CA ASP A 88 -9.67 -1.27 -10.33
C ASP A 88 -8.65 -0.43 -9.53
N ARG A 89 -7.54 -0.11 -10.14
CA ARG A 89 -6.51 0.70 -9.41
C ARG A 89 -7.17 1.97 -8.87
N GLU A 90 -6.62 2.51 -7.81
CA GLU A 90 -7.21 3.76 -7.24
C GLU A 90 -8.55 3.43 -6.57
N ALA A 91 -8.90 2.17 -6.51
CA ALA A 91 -10.19 1.78 -5.86
C ALA A 91 -9.94 1.37 -4.42
N THR A 92 -10.82 1.73 -3.53
CA THR A 92 -10.63 1.35 -2.10
C THR A 92 -11.75 0.40 -1.67
N GLY A 93 -11.57 -0.29 -0.57
CA GLY A 93 -12.62 -1.23 -0.11
C GLY A 93 -12.18 -1.87 1.21
N VAL A 94 -13.06 -2.58 1.86
CA VAL A 94 -12.70 -3.23 3.14
C VAL A 94 -12.44 -4.72 2.91
N LEU A 95 -11.50 -5.29 3.61
CA LEU A 95 -11.19 -6.73 3.42
C LEU A 95 -12.07 -7.57 4.35
N LEU A 96 -12.89 -8.42 3.82
CA LEU A 96 -13.77 -9.27 4.67
C LEU A 96 -13.11 -10.62 4.93
N SER A 97 -12.35 -11.10 3.99
CA SER A 97 -11.66 -12.42 4.18
C SER A 97 -10.51 -12.54 3.18
N ILE A 98 -9.76 -13.61 3.26
CA ILE A 98 -8.62 -13.79 2.33
C ILE A 98 -8.44 -15.28 2.03
N ASP A 99 -8.09 -15.62 0.82
CA ASP A 99 -7.90 -17.05 0.47
C ASP A 99 -6.40 -17.36 0.41
N GLY A 100 -5.95 -18.30 1.19
CA GLY A 100 -4.49 -18.65 1.20
C GLY A 100 -3.93 -18.57 -0.22
N GLU A 101 -4.74 -18.80 -1.22
CA GLU A 101 -4.24 -18.73 -2.62
C GLU A 101 -4.35 -17.29 -3.15
N ASP A 102 -5.36 -16.57 -2.73
CA ASP A 102 -5.52 -15.18 -3.21
C ASP A 102 -5.99 -14.29 -2.05
N GLY A 103 -6.76 -13.28 -2.33
CA GLY A 103 -7.24 -12.38 -1.25
C GLY A 103 -8.63 -11.83 -1.61
N ILE A 104 -9.66 -12.32 -0.97
CA ILE A 104 -11.03 -11.83 -1.28
C ILE A 104 -11.26 -10.49 -0.59
N VAL A 105 -11.70 -9.50 -1.31
CA VAL A 105 -11.94 -8.17 -0.69
C VAL A 105 -13.35 -7.69 -1.04
N ARG A 106 -13.92 -6.83 -0.23
CA ARG A 106 -15.28 -6.34 -0.52
C ARG A 106 -15.21 -4.85 -0.89
N MET A 107 -15.83 -4.47 -1.97
CA MET A 107 -15.80 -3.03 -2.39
C MET A 107 -16.68 -2.21 -1.45
N ASP A 108 -16.09 -1.29 -0.73
CA ASP A 108 -16.90 -0.45 0.20
C ASP A 108 -17.76 0.52 -0.61
N LEU A 109 -17.49 0.66 -1.87
CA LEU A 109 -18.30 1.59 -2.71
C LEU A 109 -19.62 0.91 -3.10
N ASP A 110 -19.54 -0.25 -3.70
CA ASP A 110 -20.78 -0.96 -4.11
C ASP A 110 -21.06 -2.11 -3.15
N GLU A 111 -20.21 -2.31 -2.18
CA GLU A 111 -20.43 -3.42 -1.20
C GLU A 111 -20.36 -4.76 -1.93
N GLN A 112 -19.95 -4.76 -3.16
CA GLN A 112 -19.86 -6.04 -3.92
C GLN A 112 -18.60 -6.80 -3.50
N LEU A 113 -18.66 -8.11 -3.47
CA LEU A 113 -17.47 -8.89 -3.07
C LEU A 113 -16.60 -9.18 -4.30
N LYS A 114 -15.31 -9.08 -4.16
CA LYS A 114 -14.41 -9.33 -5.33
C LYS A 114 -13.16 -10.08 -4.86
N ILE A 115 -12.59 -10.90 -5.70
CA ILE A 115 -11.37 -11.65 -5.29
C ILE A 115 -10.14 -11.02 -5.95
N LEU A 116 -9.11 -10.79 -5.19
CA LEU A 116 -7.87 -10.18 -5.77
C LEU A 116 -6.64 -10.69 -5.03
N ASN A 117 -5.56 -10.90 -5.73
CA ASN A 117 -4.32 -11.40 -5.06
C ASN A 117 -3.81 -10.37 -4.07
N LEU A 118 -3.23 -10.79 -2.99
CA LEU A 118 -2.70 -9.83 -1.98
C LEU A 118 -1.64 -8.94 -2.63
N ARG A 119 -1.07 -9.38 -3.71
CA ARG A 119 -0.02 -8.55 -4.38
C ARG A 119 -0.66 -7.27 -4.92
N PHE A 120 -1.94 -7.28 -5.13
CA PHE A 120 -2.62 -6.05 -5.66
C PHE A 120 -3.41 -5.38 -4.54
N LEU A 121 -3.34 -5.91 -3.35
CA LEU A 121 -4.09 -5.30 -2.21
C LEU A 121 -3.13 -4.51 -1.32
N GLY A 122 -3.40 -3.26 -1.12
CA GLY A 122 -2.50 -2.43 -0.26
C GLY A 122 -3.22 -2.08 1.05
N LYS A 123 -2.51 -1.97 2.13
CA LYS A 123 -3.15 -1.64 3.42
C LYS A 123 -3.26 -0.13 3.57
N LEU A 124 -4.43 0.37 3.88
CA LEU A 124 -4.59 1.84 4.04
C LEU A 124 -4.43 2.22 5.51
N LEU A 125 -4.04 3.43 5.79
CA LEU A 125 -3.86 3.86 7.20
C LEU A 125 -5.11 4.61 7.66
N GLU A 126 -5.75 4.14 8.69
CA GLU A 126 -6.97 4.82 9.19
C GLU A 126 -6.57 6.15 9.85
N ALA A 127 -5.64 6.12 10.76
CA ALA A 127 -5.21 7.37 11.43
C ALA A 127 -6.44 8.08 12.01
N GLN A 14 9.71 -9.18 -11.18
CA GLN A 14 8.55 -10.02 -10.78
C GLN A 14 7.29 -9.15 -10.74
N ASN A 15 7.31 -8.08 -9.99
CA ASN A 15 6.12 -7.20 -9.92
C ASN A 15 6.37 -5.92 -10.72
N SER A 16 5.54 -5.65 -11.69
CA SER A 16 5.73 -4.42 -12.51
C SER A 16 5.96 -3.22 -11.60
N SER A 17 6.40 -2.12 -12.14
CA SER A 17 6.64 -0.92 -11.30
C SER A 17 5.45 0.03 -11.41
N ASP A 18 4.37 -0.42 -11.99
CA ASP A 18 3.17 0.46 -12.12
C ASP A 18 2.22 0.20 -10.96
N TRP A 19 2.74 -0.24 -9.84
CA TRP A 19 1.86 -0.51 -8.66
C TRP A 19 1.96 0.66 -7.67
N VAL A 20 3.02 1.41 -7.73
CA VAL A 20 3.17 2.56 -6.80
C VAL A 20 1.89 3.39 -6.81
N THR A 21 1.27 3.56 -5.67
CA THR A 21 0.02 4.37 -5.61
C THR A 21 0.00 5.16 -4.31
N THR A 22 -0.88 6.14 -4.22
CA THR A 22 -0.95 6.95 -2.97
C THR A 22 -2.09 6.44 -2.09
N ASP A 23 -2.19 6.94 -0.88
CA ASP A 23 -3.28 6.49 0.02
C ASP A 23 -2.93 5.11 0.61
N ILE A 24 -1.84 4.54 0.17
CA ILE A 24 -1.44 3.20 0.71
C ILE A 24 -0.19 3.34 1.57
N GLN A 25 -0.05 2.52 2.58
CA GLN A 25 1.16 2.61 3.45
C GLN A 25 2.36 2.03 2.71
N VAL A 26 3.54 2.15 3.26
CA VAL A 26 4.74 1.61 2.59
C VAL A 26 5.76 1.14 3.63
N LYS A 27 6.58 0.19 3.30
CA LYS A 27 7.59 -0.30 4.27
C LYS A 27 8.99 0.03 3.75
N VAL A 28 9.83 0.58 4.58
CA VAL A 28 11.21 0.93 4.12
C VAL A 28 12.06 -0.33 4.08
N ARG A 29 12.57 -0.68 2.92
CA ARG A 29 13.41 -1.90 2.81
C ARG A 29 14.75 -1.66 3.52
N ASP A 30 15.38 -2.70 4.00
CA ASP A 30 16.69 -2.53 4.70
C ASP A 30 17.74 -2.03 3.69
N THR A 31 17.41 -2.03 2.42
CA THR A 31 18.39 -1.56 1.41
C THR A 31 18.39 -0.04 1.36
N TYR A 32 17.50 0.59 2.08
CA TYR A 32 17.44 2.08 2.07
C TYR A 32 18.76 2.64 2.62
N LEU A 33 19.17 3.80 2.17
CA LEU A 33 20.43 4.38 2.67
C LEU A 33 20.29 4.78 4.13
N ASP A 34 19.12 5.24 4.52
CA ASP A 34 18.91 5.64 5.93
C ASP A 34 18.54 4.41 6.77
N THR A 35 19.50 3.81 7.42
CA THR A 35 19.20 2.61 8.25
C THR A 35 18.26 3.01 9.40
N GLN A 36 18.19 4.27 9.71
CA GLN A 36 17.29 4.72 10.81
C GLN A 36 15.84 4.64 10.34
N VAL A 37 15.62 4.57 9.05
CA VAL A 37 14.23 4.49 8.53
C VAL A 37 13.98 3.09 7.97
N VAL A 38 14.89 2.18 8.19
CA VAL A 38 14.70 0.80 7.67
C VAL A 38 13.62 0.09 8.48
N GLY A 39 12.71 -0.58 7.82
CA GLY A 39 11.63 -1.29 8.56
C GLY A 39 10.63 -0.28 9.11
N GLN A 40 10.78 0.96 8.76
CA GLN A 40 9.83 2.00 9.26
C GLN A 40 8.57 2.01 8.38
N THR A 41 7.42 2.07 8.98
CA THR A 41 6.16 2.10 8.18
C THR A 41 5.64 3.52 8.09
N GLY A 42 5.13 3.91 6.96
CA GLY A 42 4.60 5.30 6.81
C GLY A 42 3.46 5.32 5.79
N VAL A 43 3.00 6.48 5.41
CA VAL A 43 1.90 6.56 4.41
C VAL A 43 2.36 7.36 3.20
N ILE A 44 1.89 7.03 2.03
CA ILE A 44 2.30 7.79 0.81
C ILE A 44 1.35 8.95 0.59
N ARG A 45 1.84 10.16 0.69
CA ARG A 45 0.96 11.34 0.48
C ARG A 45 0.85 11.64 -1.01
N SER A 46 1.88 11.36 -1.76
CA SER A 46 1.84 11.64 -3.23
C SER A 46 2.95 10.86 -3.92
N VAL A 47 2.83 10.67 -5.21
CA VAL A 47 3.89 9.92 -5.96
C VAL A 47 4.46 10.81 -7.06
N THR A 48 5.76 10.87 -7.18
CA THR A 48 6.36 11.71 -8.25
C THR A 48 7.19 10.83 -9.20
N GLY A 49 7.20 11.17 -10.46
CA GLY A 49 7.98 10.35 -11.43
C GLY A 49 9.44 10.30 -11.00
N GLY A 50 9.85 9.24 -10.36
CA GLY A 50 11.27 9.12 -9.91
C GLY A 50 11.31 9.04 -8.39
N MET A 51 10.52 9.84 -7.71
CA MET A 51 10.52 9.80 -6.23
C MET A 51 9.08 9.85 -5.72
N CYS A 52 8.85 9.41 -4.51
CA CYS A 52 7.47 9.43 -3.97
C CYS A 52 7.48 10.08 -2.58
N SER A 53 6.36 10.61 -2.15
CA SER A 53 6.29 11.25 -0.81
C SER A 53 5.69 10.26 0.18
N VAL A 54 6.33 10.07 1.31
CA VAL A 54 5.79 9.12 2.31
C VAL A 54 6.03 9.65 3.72
N TYR A 55 5.02 9.65 4.55
CA TYR A 55 5.19 10.16 5.94
C TYR A 55 5.45 8.98 6.87
N LEU A 56 6.50 9.02 7.63
CA LEU A 56 6.80 7.89 8.57
C LEU A 56 6.01 8.07 9.86
N LYS A 57 5.11 7.17 10.14
CA LYS A 57 4.31 7.28 11.39
C LYS A 57 5.20 7.00 12.60
N ASP A 58 6.11 6.06 12.49
CA ASP A 58 7.00 5.75 13.64
C ASP A 58 7.89 6.96 13.93
N SER A 59 8.45 7.56 12.91
CA SER A 59 9.32 8.75 13.13
C SER A 59 8.47 10.01 13.20
N GLU A 60 7.19 9.88 12.95
CA GLU A 60 6.30 11.07 12.99
C GLU A 60 6.91 12.21 12.16
N LYS A 61 7.61 11.88 11.11
CA LYS A 61 8.23 12.94 10.27
C LYS A 61 7.91 12.66 8.79
N VAL A 62 8.00 13.67 7.96
CA VAL A 62 7.70 13.47 6.52
C VAL A 62 9.01 13.45 5.73
N VAL A 63 9.19 12.47 4.88
CA VAL A 63 10.44 12.39 4.08
C VAL A 63 10.12 11.81 2.71
N SER A 64 10.98 12.05 1.75
CA SER A 64 10.73 11.51 0.38
C SER A 64 11.44 10.17 0.21
N ILE A 65 10.82 9.24 -0.46
CA ILE A 65 11.46 7.90 -0.65
C ILE A 65 11.08 7.36 -2.02
N SER A 66 12.04 6.85 -2.75
CA SER A 66 11.74 6.30 -4.10
C SER A 66 10.99 4.98 -3.96
N SER A 67 10.03 4.72 -4.82
CA SER A 67 9.25 3.46 -4.73
C SER A 67 10.22 2.28 -4.66
N GLU A 68 11.39 2.41 -5.22
CA GLU A 68 12.37 1.29 -5.18
C GLU A 68 12.79 1.04 -3.73
N HIS A 69 12.69 2.03 -2.89
CA HIS A 69 13.09 1.84 -1.47
C HIS A 69 11.83 1.67 -0.61
N LEU A 70 10.67 1.70 -1.21
CA LEU A 70 9.43 1.54 -0.43
C LEU A 70 8.87 0.14 -0.62
N GLU A 71 8.24 -0.41 0.37
CA GLU A 71 7.67 -1.78 0.24
C GLU A 71 6.17 -1.74 0.50
N PRO A 72 5.40 -2.55 -0.25
CA PRO A 72 3.94 -2.62 -0.10
C PRO A 72 3.53 -3.26 1.22
N ILE A 73 2.46 -2.80 1.82
CA ILE A 73 2.00 -3.39 3.10
C ILE A 73 0.70 -4.16 2.87
N THR A 74 0.57 -5.32 3.43
CA THR A 74 -0.67 -6.12 3.24
C THR A 74 -1.70 -5.74 4.31
N PRO A 75 -2.92 -5.38 3.87
CA PRO A 75 -4.01 -4.99 4.78
C PRO A 75 -4.55 -6.19 5.57
N THR A 76 -5.08 -5.95 6.73
CA THR A 76 -5.62 -7.08 7.56
C THR A 76 -7.15 -7.14 7.37
N LYS A 77 -7.75 -8.21 7.82
CA LYS A 77 -9.23 -8.34 7.67
C LYS A 77 -9.92 -7.20 8.44
N ASN A 78 -10.94 -6.63 7.87
CA ASN A 78 -11.66 -5.52 8.56
C ASN A 78 -10.88 -4.22 8.38
N ASN A 79 -9.91 -4.20 7.50
CA ASN A 79 -9.13 -2.96 7.28
C ASN A 79 -9.41 -2.41 5.88
N LYS A 80 -9.10 -1.17 5.63
CA LYS A 80 -9.34 -0.59 4.28
C LYS A 80 -8.20 -1.00 3.34
N VAL A 81 -8.54 -1.45 2.16
CA VAL A 81 -7.48 -1.86 1.19
C VAL A 81 -7.66 -1.10 -0.12
N LYS A 82 -6.60 -0.91 -0.86
CA LYS A 82 -6.71 -0.18 -2.15
C LYS A 82 -6.15 -1.04 -3.28
N VAL A 83 -6.91 -1.25 -4.31
CA VAL A 83 -6.42 -2.09 -5.44
C VAL A 83 -5.23 -1.39 -6.11
N ILE A 84 -4.07 -2.01 -6.08
CA ILE A 84 -2.88 -1.38 -6.71
C ILE A 84 -2.60 -2.04 -8.06
N LEU A 85 -3.38 -3.03 -8.42
CA LEU A 85 -3.16 -3.70 -9.72
C LEU A 85 -4.52 -4.01 -10.37
N GLY A 86 -4.59 -3.99 -11.67
CA GLY A 86 -5.88 -4.28 -12.35
C GLY A 86 -6.53 -2.97 -12.79
N GLU A 87 -7.49 -3.03 -13.66
CA GLU A 87 -8.17 -1.79 -14.11
C GLU A 87 -8.94 -1.17 -12.94
N ASP A 88 -9.08 -1.88 -11.86
CA ASP A 88 -9.81 -1.34 -10.69
C ASP A 88 -8.83 -0.59 -9.78
N ARG A 89 -7.64 -0.34 -10.25
CA ARG A 89 -6.64 0.38 -9.42
C ARG A 89 -7.23 1.70 -8.94
N GLU A 90 -6.74 2.23 -7.85
CA GLU A 90 -7.28 3.52 -7.33
C GLU A 90 -8.63 3.28 -6.66
N ALA A 91 -9.09 2.06 -6.65
CA ALA A 91 -10.41 1.77 -6.01
C ALA A 91 -10.18 1.36 -4.55
N THR A 92 -11.06 1.74 -3.67
CA THR A 92 -10.89 1.37 -2.24
C THR A 92 -11.98 0.38 -1.83
N GLY A 93 -11.77 -0.36 -0.78
CA GLY A 93 -12.80 -1.34 -0.34
C GLY A 93 -12.42 -1.88 1.04
N VAL A 94 -13.34 -2.55 1.70
CA VAL A 94 -13.03 -3.10 3.05
C VAL A 94 -12.74 -4.60 2.93
N LEU A 95 -11.84 -5.10 3.72
CA LEU A 95 -11.52 -6.55 3.66
C LEU A 95 -12.50 -7.33 4.52
N LEU A 96 -13.12 -8.35 3.97
CA LEU A 96 -14.10 -9.14 4.75
C LEU A 96 -13.52 -10.53 5.04
N SER A 97 -12.71 -11.04 4.15
CA SER A 97 -12.11 -12.39 4.37
C SER A 97 -10.88 -12.56 3.49
N ILE A 98 -10.07 -13.54 3.77
CA ILE A 98 -8.84 -13.75 2.94
C ILE A 98 -8.57 -15.25 2.81
N ASP A 99 -8.10 -15.68 1.67
CA ASP A 99 -7.81 -17.13 1.48
C ASP A 99 -6.30 -17.36 1.54
N GLY A 100 -5.87 -18.29 2.36
CA GLY A 100 -4.40 -18.57 2.47
C GLY A 100 -3.73 -18.46 1.10
N GLU A 101 -4.47 -18.69 0.03
CA GLU A 101 -3.86 -18.60 -1.32
C GLU A 101 -4.20 -17.25 -1.96
N ASP A 102 -5.36 -16.72 -1.66
CA ASP A 102 -5.74 -15.40 -2.26
C ASP A 102 -6.34 -14.51 -1.18
N GLY A 103 -6.76 -13.33 -1.55
CA GLY A 103 -7.35 -12.40 -0.54
C GLY A 103 -8.70 -11.87 -1.07
N ILE A 104 -9.79 -12.39 -0.56
CA ILE A 104 -11.12 -11.92 -1.03
C ILE A 104 -11.44 -10.58 -0.37
N VAL A 105 -11.84 -9.61 -1.14
CA VAL A 105 -12.17 -8.28 -0.57
C VAL A 105 -13.53 -7.82 -1.09
N ARG A 106 -14.16 -6.89 -0.41
CA ARG A 106 -15.49 -6.41 -0.87
C ARG A 106 -15.46 -4.89 -1.02
N MET A 107 -16.04 -4.38 -2.08
CA MET A 107 -16.04 -2.89 -2.28
C MET A 107 -17.04 -2.25 -1.32
N ASP A 108 -16.60 -1.34 -0.50
CA ASP A 108 -17.54 -0.69 0.45
C ASP A 108 -18.46 0.26 -0.31
N LEU A 109 -18.14 0.57 -1.54
CA LEU A 109 -19.00 1.49 -2.33
C LEU A 109 -20.22 0.73 -2.86
N ASP A 110 -20.00 -0.34 -3.58
CA ASP A 110 -21.15 -1.11 -4.12
C ASP A 110 -21.37 -2.37 -3.28
N GLU A 111 -20.54 -2.59 -2.29
CA GLU A 111 -20.71 -3.81 -1.44
C GLU A 111 -20.48 -5.06 -2.28
N GLN A 112 -20.03 -4.91 -3.49
CA GLN A 112 -19.79 -6.11 -4.34
C GLN A 112 -18.54 -6.85 -3.86
N LEU A 113 -18.56 -8.16 -3.88
CA LEU A 113 -17.38 -8.93 -3.41
C LEU A 113 -16.44 -9.20 -4.59
N LYS A 114 -15.16 -9.15 -4.36
CA LYS A 114 -14.19 -9.41 -5.47
C LYS A 114 -12.98 -10.17 -4.93
N ILE A 115 -12.35 -10.96 -5.76
CA ILE A 115 -11.16 -11.72 -5.29
C ILE A 115 -9.89 -11.09 -5.87
N LEU A 116 -8.88 -10.92 -5.05
CA LEU A 116 -7.61 -10.32 -5.55
C LEU A 116 -6.43 -10.87 -4.75
N ASN A 117 -5.32 -11.08 -5.40
CA ASN A 117 -4.13 -11.62 -4.68
C ASN A 117 -3.67 -10.61 -3.61
N LEU A 118 -3.14 -11.09 -2.53
CA LEU A 118 -2.67 -10.16 -1.45
C LEU A 118 -1.49 -9.34 -1.97
N ARG A 119 -0.81 -9.82 -2.97
CA ARG A 119 0.35 -9.07 -3.51
C ARG A 119 -0.13 -7.78 -4.17
N PHE A 120 -1.39 -7.72 -4.52
CA PHE A 120 -1.93 -6.49 -5.17
C PHE A 120 -2.85 -5.76 -4.20
N LEU A 121 -2.88 -6.18 -2.97
CA LEU A 121 -3.76 -5.51 -1.98
C LEU A 121 -2.92 -4.54 -1.13
N GLY A 122 -3.22 -3.27 -1.20
CA GLY A 122 -2.44 -2.28 -0.40
C GLY A 122 -3.24 -1.90 0.84
N LYS A 123 -2.58 -1.75 1.96
CA LYS A 123 -3.31 -1.38 3.21
C LYS A 123 -3.36 0.15 3.32
N LEU A 124 -4.52 0.70 3.55
CA LEU A 124 -4.63 2.18 3.67
C LEU A 124 -4.57 2.57 5.15
N LEU A 125 -3.84 3.62 5.47
CA LEU A 125 -3.75 4.05 6.89
C LEU A 125 -4.74 5.20 7.14
N GLU A 126 -5.50 5.13 8.19
CA GLU A 126 -6.47 6.21 8.48
C GLU A 126 -6.30 6.67 9.94
N ALA A 127 -6.65 7.90 10.21
CA ALA A 127 -6.50 8.41 11.61
C ALA A 127 -7.61 7.81 12.49
N GLN A 14 2.05 2.83 -19.03
CA GLN A 14 3.27 3.03 -19.86
C GLN A 14 4.34 2.02 -19.45
N ASN A 15 4.83 2.13 -18.25
CA ASN A 15 5.88 1.16 -17.79
C ASN A 15 5.27 0.19 -16.78
N SER A 16 5.59 -1.07 -16.90
CA SER A 16 5.03 -2.07 -15.95
C SER A 16 5.55 -1.78 -14.53
N SER A 17 6.51 -0.90 -14.41
CA SER A 17 7.05 -0.57 -13.06
C SER A 17 6.03 0.26 -12.28
N ASP A 18 4.98 0.68 -12.94
CA ASP A 18 3.95 1.50 -12.24
C ASP A 18 3.08 0.59 -11.37
N TRP A 19 3.12 0.76 -10.08
CA TRP A 19 2.31 -0.10 -9.18
C TRP A 19 2.13 0.59 -7.82
N VAL A 20 3.11 1.34 -7.39
CA VAL A 20 3.00 2.03 -6.08
C VAL A 20 1.73 2.89 -6.06
N THR A 21 1.14 3.07 -4.91
CA THR A 21 -0.10 3.89 -4.82
C THR A 21 -0.07 4.71 -3.54
N THR A 22 -0.92 5.70 -3.43
CA THR A 22 -0.94 6.54 -2.19
C THR A 22 -2.06 6.05 -1.27
N ASP A 23 -2.08 6.55 -0.06
CA ASP A 23 -3.14 6.13 0.90
C ASP A 23 -2.83 4.72 1.42
N ILE A 24 -1.78 4.12 0.96
CA ILE A 24 -1.43 2.74 1.44
C ILE A 24 -0.19 2.81 2.34
N GLN A 25 -0.07 1.89 3.25
CA GLN A 25 1.12 1.89 4.16
C GLN A 25 2.21 0.98 3.57
N VAL A 26 3.44 1.40 3.64
CA VAL A 26 4.54 0.55 3.09
C VAL A 26 5.72 0.55 4.06
N LYS A 27 6.71 -0.25 3.79
CA LYS A 27 7.90 -0.29 4.69
C LYS A 27 9.14 0.16 3.92
N VAL A 28 10.17 0.57 4.62
CA VAL A 28 11.41 1.02 3.92
C VAL A 28 12.40 -0.13 3.84
N ARG A 29 13.01 -0.33 2.70
CA ARG A 29 13.99 -1.44 2.56
C ARG A 29 15.29 -1.06 3.28
N ASP A 30 16.06 -2.03 3.68
CA ASP A 30 17.34 -1.72 4.38
C ASP A 30 18.29 -0.99 3.42
N THR A 31 17.96 -0.92 2.17
CA THR A 31 18.84 -0.23 1.19
C THR A 31 18.61 1.28 1.28
N TYR A 32 17.63 1.69 2.03
CA TYR A 32 17.36 3.15 2.16
C TYR A 32 18.60 3.86 2.70
N LEU A 33 18.81 5.09 2.31
CA LEU A 33 20.01 5.84 2.80
C LEU A 33 19.84 6.14 4.29
N ASP A 34 18.66 6.51 4.70
CA ASP A 34 18.43 6.83 6.14
C ASP A 34 18.28 5.52 6.93
N THR A 35 19.31 5.12 7.64
CA THR A 35 19.21 3.87 8.43
C THR A 35 18.17 4.04 9.54
N GLN A 36 17.86 5.26 9.89
CA GLN A 36 16.86 5.49 10.96
C GLN A 36 15.46 5.17 10.43
N VAL A 37 15.33 5.05 9.13
CA VAL A 37 14.00 4.74 8.54
C VAL A 37 14.03 3.31 7.97
N VAL A 38 15.11 2.60 8.15
CA VAL A 38 15.19 1.22 7.62
C VAL A 38 14.29 0.29 8.45
N GLY A 39 13.36 -0.37 7.82
CA GLY A 39 12.46 -1.28 8.59
C GLY A 39 11.35 -0.45 9.24
N GLN A 40 11.22 0.79 8.86
CA GLN A 40 10.15 1.64 9.46
C GLN A 40 8.90 1.60 8.57
N THR A 41 7.75 1.72 9.15
CA THR A 41 6.49 1.68 8.35
C THR A 41 5.95 3.10 8.17
N GLY A 42 5.37 3.39 7.03
CA GLY A 42 4.81 4.75 6.81
C GLY A 42 3.71 4.68 5.76
N VAL A 43 3.06 5.78 5.48
CA VAL A 43 1.98 5.78 4.46
C VAL A 43 2.38 6.67 3.28
N ILE A 44 1.98 6.32 2.09
CA ILE A 44 2.32 7.14 0.90
C ILE A 44 1.37 8.33 0.81
N ARG A 45 1.86 9.52 0.98
CA ARG A 45 0.97 10.72 0.90
C ARG A 45 0.74 11.07 -0.57
N SER A 46 1.78 11.15 -1.35
CA SER A 46 1.61 11.50 -2.79
C SER A 46 2.75 10.87 -3.60
N VAL A 47 2.63 10.85 -4.90
CA VAL A 47 3.69 10.26 -5.74
C VAL A 47 3.88 11.11 -7.00
N THR A 48 5.09 11.25 -7.46
CA THR A 48 5.34 12.06 -8.68
C THR A 48 6.52 11.49 -9.45
N GLY A 49 6.51 11.60 -10.75
CA GLY A 49 7.64 11.06 -11.56
C GLY A 49 7.97 9.64 -11.09
N GLY A 50 9.22 9.37 -10.78
CA GLY A 50 9.59 8.01 -10.31
C GLY A 50 9.77 8.02 -8.79
N MET A 51 9.70 9.17 -8.19
CA MET A 51 9.85 9.24 -6.71
C MET A 51 8.52 9.61 -6.07
N CYS A 52 8.27 9.16 -4.87
CA CYS A 52 6.99 9.49 -4.19
C CYS A 52 7.26 9.99 -2.79
N SER A 53 6.26 10.49 -2.11
CA SER A 53 6.46 10.99 -0.72
C SER A 53 5.74 10.06 0.26
N VAL A 54 6.46 9.47 1.17
CA VAL A 54 5.82 8.55 2.14
C VAL A 54 5.96 9.11 3.56
N TYR A 55 4.93 9.04 4.35
CA TYR A 55 5.02 9.56 5.75
C TYR A 55 5.40 8.41 6.69
N LEU A 56 6.40 8.61 7.50
CA LEU A 56 6.80 7.52 8.44
C LEU A 56 6.08 7.69 9.78
N LYS A 57 5.23 6.76 10.12
CA LYS A 57 4.49 6.87 11.41
C LYS A 57 5.48 6.83 12.59
N ASP A 58 6.44 5.96 12.54
CA ASP A 58 7.43 5.88 13.66
C ASP A 58 8.17 7.21 13.77
N SER A 59 8.61 7.76 12.68
CA SER A 59 9.34 9.05 12.72
C SER A 59 8.34 10.20 12.78
N GLU A 60 7.10 9.93 12.43
CA GLU A 60 6.08 11.01 12.46
C GLU A 60 6.50 12.16 11.56
N LYS A 61 7.37 11.90 10.62
CA LYS A 61 7.83 12.97 9.70
C LYS A 61 7.52 12.60 8.25
N VAL A 62 7.71 13.49 7.33
CA VAL A 62 7.44 13.18 5.91
C VAL A 62 8.76 13.11 5.13
N VAL A 63 8.94 12.08 4.34
CA VAL A 63 10.20 11.97 3.56
C VAL A 63 9.88 11.41 2.17
N SER A 64 10.70 11.73 1.20
CA SER A 64 10.45 11.23 -0.18
C SER A 64 11.23 9.92 -0.40
N ILE A 65 10.58 8.90 -0.85
CA ILE A 65 11.29 7.60 -1.08
C ILE A 65 10.87 7.02 -2.42
N SER A 66 11.78 6.40 -3.12
CA SER A 66 11.43 5.80 -4.44
C SER A 66 10.66 4.50 -4.22
N SER A 67 9.81 4.14 -5.15
CA SER A 67 9.02 2.88 -4.99
C SER A 67 9.98 1.71 -4.82
N GLU A 68 11.14 1.78 -5.40
CA GLU A 68 12.11 0.66 -5.26
C GLU A 68 12.52 0.51 -3.79
N HIS A 69 12.43 1.56 -3.03
CA HIS A 69 12.83 1.47 -1.59
C HIS A 69 11.57 1.37 -0.73
N LEU A 70 10.41 1.35 -1.34
CA LEU A 70 9.15 1.24 -0.55
C LEU A 70 8.61 -0.19 -0.63
N GLU A 71 8.02 -0.66 0.42
CA GLU A 71 7.47 -2.04 0.41
C GLU A 71 6.00 -2.00 0.84
N PRO A 72 5.10 -2.64 0.05
CA PRO A 72 3.67 -2.67 0.34
C PRO A 72 3.36 -3.54 1.57
N ILE A 73 2.43 -3.14 2.38
CA ILE A 73 2.09 -3.95 3.59
C ILE A 73 0.77 -4.70 3.34
N THR A 74 0.66 -5.89 3.85
CA THR A 74 -0.60 -6.67 3.64
C THR A 74 -1.68 -6.18 4.60
N PRO A 75 -2.88 -5.87 4.07
CA PRO A 75 -3.99 -5.39 4.88
C PRO A 75 -4.58 -6.50 5.77
N THR A 76 -5.05 -6.15 6.94
CA THR A 76 -5.64 -7.18 7.84
C THR A 76 -7.14 -7.28 7.59
N LYS A 77 -7.76 -8.34 8.04
CA LYS A 77 -9.22 -8.50 7.83
C LYS A 77 -9.95 -7.25 8.36
N ASN A 78 -11.12 -6.98 7.85
CA ASN A 78 -11.87 -5.78 8.31
C ASN A 78 -10.98 -4.55 8.20
N ASN A 79 -9.98 -4.59 7.37
CA ASN A 79 -9.08 -3.41 7.22
C ASN A 79 -9.32 -2.77 5.86
N LYS A 80 -8.93 -1.53 5.70
CA LYS A 80 -9.13 -0.85 4.39
C LYS A 80 -7.99 -1.21 3.44
N VAL A 81 -8.31 -1.60 2.24
CA VAL A 81 -7.24 -1.98 1.28
C VAL A 81 -7.42 -1.19 -0.03
N LYS A 82 -6.37 -0.99 -0.77
CA LYS A 82 -6.48 -0.23 -2.04
C LYS A 82 -5.87 -1.05 -3.18
N VAL A 83 -6.56 -1.17 -4.27
CA VAL A 83 -6.02 -1.95 -5.42
C VAL A 83 -4.81 -1.24 -6.01
N ILE A 84 -3.63 -1.79 -5.85
CA ILE A 84 -2.42 -1.14 -6.39
C ILE A 84 -2.14 -1.66 -7.81
N LEU A 85 -2.91 -2.62 -8.26
CA LEU A 85 -2.68 -3.16 -9.63
C LEU A 85 -4.04 -3.56 -10.24
N GLY A 86 -4.09 -3.68 -11.54
CA GLY A 86 -5.37 -4.06 -12.19
C GLY A 86 -6.13 -2.80 -12.61
N GLU A 87 -7.13 -2.94 -13.44
CA GLU A 87 -7.89 -1.75 -13.89
C GLU A 87 -8.54 -1.08 -12.68
N ASP A 88 -8.66 -1.78 -11.59
CA ASP A 88 -9.28 -1.19 -10.38
C ASP A 88 -8.22 -0.44 -9.56
N ARG A 89 -7.10 -0.17 -10.16
CA ARG A 89 -6.02 0.56 -9.42
C ARG A 89 -6.58 1.87 -8.87
N GLU A 90 -5.99 2.39 -7.83
CA GLU A 90 -6.49 3.67 -7.25
C GLU A 90 -7.87 3.44 -6.64
N ALA A 91 -8.31 2.22 -6.57
CA ALA A 91 -9.66 1.94 -5.99
C ALA A 91 -9.50 1.51 -4.53
N THR A 92 -10.42 1.90 -3.70
CA THR A 92 -10.33 1.51 -2.26
C THR A 92 -11.48 0.56 -1.90
N GLY A 93 -11.35 -0.18 -0.84
CA GLY A 93 -12.43 -1.12 -0.45
C GLY A 93 -12.13 -1.70 0.93
N VAL A 94 -13.09 -2.33 1.55
CA VAL A 94 -12.86 -2.92 2.90
C VAL A 94 -12.69 -4.43 2.77
N LEU A 95 -11.85 -5.02 3.59
CA LEU A 95 -11.63 -6.49 3.50
C LEU A 95 -12.63 -7.20 4.43
N LEU A 96 -13.34 -8.17 3.91
CA LEU A 96 -14.32 -8.90 4.77
C LEU A 96 -13.81 -10.32 5.05
N SER A 97 -13.07 -10.88 4.13
CA SER A 97 -12.56 -12.26 4.34
C SER A 97 -11.28 -12.47 3.51
N ILE A 98 -10.60 -13.56 3.70
CA ILE A 98 -9.36 -13.81 2.93
C ILE A 98 -9.13 -15.33 2.79
N ASP A 99 -8.65 -15.76 1.66
CA ASP A 99 -8.41 -17.22 1.47
C ASP A 99 -6.91 -17.49 1.48
N GLY A 100 -6.47 -18.44 2.26
CA GLY A 100 -5.01 -18.76 2.33
C GLY A 100 -4.39 -18.66 0.94
N GLU A 101 -5.17 -18.87 -0.10
CA GLU A 101 -4.60 -18.79 -1.47
C GLU A 101 -4.85 -17.40 -2.07
N ASP A 102 -5.96 -16.80 -1.73
CA ASP A 102 -6.26 -15.44 -2.29
C ASP A 102 -6.89 -14.57 -1.18
N GLY A 103 -7.08 -13.32 -1.45
CA GLY A 103 -7.68 -12.43 -0.41
C GLY A 103 -8.98 -11.83 -0.95
N ILE A 104 -10.10 -12.28 -0.44
CA ILE A 104 -11.41 -11.74 -0.91
C ILE A 104 -11.69 -10.40 -0.23
N VAL A 105 -12.12 -9.42 -0.97
CA VAL A 105 -12.40 -8.10 -0.35
C VAL A 105 -13.72 -7.55 -0.87
N ARG A 106 -14.28 -6.58 -0.21
CA ARG A 106 -15.58 -6.00 -0.68
C ARG A 106 -15.36 -4.55 -1.13
N MET A 107 -15.87 -4.20 -2.28
CA MET A 107 -15.70 -2.81 -2.78
C MET A 107 -16.55 -1.86 -1.93
N ASP A 108 -15.93 -0.94 -1.25
CA ASP A 108 -16.70 0.01 -0.40
C ASP A 108 -17.44 1.00 -1.30
N LEU A 109 -17.10 1.05 -2.56
CA LEU A 109 -17.79 1.99 -3.49
C LEU A 109 -19.13 1.40 -3.90
N ASP A 110 -19.13 0.20 -4.41
CA ASP A 110 -20.42 -0.43 -4.83
C ASP A 110 -20.85 -1.47 -3.80
N GLU A 111 -20.02 -1.73 -2.82
CA GLU A 111 -20.40 -2.73 -1.78
C GLU A 111 -20.37 -4.13 -2.38
N GLN A 112 -19.82 -4.27 -3.56
CA GLN A 112 -19.77 -5.61 -4.20
C GLN A 112 -18.51 -6.36 -3.72
N LEU A 113 -18.56 -7.66 -3.72
CA LEU A 113 -17.38 -8.44 -3.26
C LEU A 113 -16.48 -8.78 -4.46
N LYS A 114 -15.19 -8.79 -4.27
CA LYS A 114 -14.28 -9.12 -5.40
C LYS A 114 -13.04 -9.83 -4.87
N ILE A 115 -12.58 -10.85 -5.55
CA ILE A 115 -11.38 -11.59 -5.08
C ILE A 115 -10.13 -10.99 -5.73
N LEU A 116 -9.07 -10.84 -4.99
CA LEU A 116 -7.83 -10.26 -5.56
C LEU A 116 -6.61 -10.83 -4.82
N ASN A 117 -5.53 -11.04 -5.51
CA ASN A 117 -4.31 -11.58 -4.85
C ASN A 117 -3.82 -10.58 -3.80
N LEU A 118 -3.39 -11.06 -2.67
CA LEU A 118 -2.90 -10.14 -1.60
C LEU A 118 -1.76 -9.28 -2.16
N ARG A 119 -1.11 -9.74 -3.19
CA ARG A 119 0.01 -8.95 -3.78
C ARG A 119 -0.53 -7.70 -4.45
N PHE A 120 -1.80 -7.69 -4.80
CA PHE A 120 -2.39 -6.49 -5.45
C PHE A 120 -3.21 -5.70 -4.43
N LEU A 121 -3.20 -6.11 -3.19
CA LEU A 121 -3.99 -5.38 -2.16
C LEU A 121 -3.03 -4.64 -1.22
N GLY A 122 -3.21 -3.35 -1.08
CA GLY A 122 -2.32 -2.58 -0.17
C GLY A 122 -3.08 -2.24 1.11
N LYS A 123 -2.40 -2.18 2.23
CA LYS A 123 -3.10 -1.86 3.50
C LYS A 123 -3.13 -0.34 3.68
N LEU A 124 -4.29 0.20 3.99
CA LEU A 124 -4.40 1.68 4.18
C LEU A 124 -4.33 2.00 5.67
N LEU A 125 -3.95 3.20 6.01
CA LEU A 125 -3.87 3.57 7.45
C LEU A 125 -5.09 4.41 7.83
N GLU A 126 -5.85 3.95 8.79
CA GLU A 126 -7.06 4.72 9.20
C GLU A 126 -6.69 6.17 9.49
N ALA A 127 -7.44 7.11 8.98
CA ALA A 127 -7.12 8.54 9.23
C ALA A 127 -6.75 8.74 10.69
N GLN A 14 12.68 -7.42 -7.89
CA GLN A 14 12.67 -6.80 -9.25
C GLN A 14 12.15 -5.36 -9.16
N ASN A 15 11.89 -4.74 -10.28
CA ASN A 15 11.40 -3.34 -10.25
C ASN A 15 9.90 -3.32 -10.59
N SER A 16 9.14 -2.52 -9.90
CA SER A 16 7.68 -2.47 -10.18
C SER A 16 7.33 -1.13 -10.83
N SER A 17 6.39 -1.11 -11.72
CA SER A 17 6.01 0.16 -12.39
C SER A 17 4.49 0.35 -12.29
N ASP A 18 4.05 1.58 -12.33
CA ASP A 18 2.59 1.85 -12.23
C ASP A 18 1.97 0.95 -11.16
N TRP A 19 2.51 0.99 -9.97
CA TRP A 19 1.96 0.14 -8.87
C TRP A 19 1.82 0.97 -7.60
N VAL A 20 2.83 1.74 -7.28
CA VAL A 20 2.77 2.57 -6.05
C VAL A 20 1.41 3.27 -5.97
N THR A 21 0.78 3.26 -4.82
CA THR A 21 -0.54 3.92 -4.68
C THR A 21 -0.51 4.88 -3.49
N THR A 22 -1.31 5.91 -3.52
CA THR A 22 -1.32 6.88 -2.38
C THR A 22 -2.40 6.48 -1.38
N ASP A 23 -2.35 7.03 -0.20
CA ASP A 23 -3.38 6.69 0.82
C ASP A 23 -3.16 5.27 1.34
N ILE A 24 -2.17 4.59 0.83
CA ILE A 24 -1.91 3.19 1.30
C ILE A 24 -0.73 3.18 2.26
N GLN A 25 -0.66 2.21 3.13
CA GLN A 25 0.46 2.13 4.10
C GLN A 25 1.60 1.32 3.49
N VAL A 26 2.80 1.82 3.57
CA VAL A 26 3.96 1.08 2.99
C VAL A 26 5.09 1.00 4.02
N LYS A 27 6.09 0.22 3.75
CA LYS A 27 7.23 0.11 4.71
C LYS A 27 8.55 0.33 3.97
N VAL A 28 9.63 0.51 4.68
CA VAL A 28 10.94 0.73 4.02
C VAL A 28 11.73 -0.58 4.00
N ARG A 29 12.17 -0.99 2.85
CA ARG A 29 12.96 -2.26 2.76
C ARG A 29 14.32 -2.05 3.41
N ASP A 30 14.91 -3.09 3.95
CA ASP A 30 16.24 -2.94 4.60
C ASP A 30 17.27 -2.49 3.56
N THR A 31 16.92 -2.52 2.30
CA THR A 31 17.89 -2.08 1.26
C THR A 31 18.02 -0.56 1.28
N TYR A 32 17.23 0.10 2.08
CA TYR A 32 17.30 1.59 2.14
C TYR A 32 18.65 2.00 2.74
N LEU A 33 19.13 3.17 2.39
CA LEU A 33 20.43 3.63 2.93
C LEU A 33 20.25 4.09 4.39
N ASP A 34 19.29 4.93 4.64
CA ASP A 34 19.05 5.40 6.03
C ASP A 34 18.60 4.22 6.90
N THR A 35 19.52 3.57 7.55
CA THR A 35 19.15 2.41 8.41
C THR A 35 18.21 2.89 9.53
N GLN A 36 18.14 4.17 9.74
CA GLN A 36 17.25 4.70 10.82
C GLN A 36 15.79 4.56 10.38
N VAL A 37 15.55 4.36 9.11
CA VAL A 37 14.15 4.21 8.63
C VAL A 37 13.94 2.79 8.08
N VAL A 38 14.87 1.92 8.31
CA VAL A 38 14.72 0.52 7.81
C VAL A 38 13.70 -0.22 8.66
N GLY A 39 12.67 -0.75 8.04
CA GLY A 39 11.64 -1.50 8.82
C GLY A 39 10.59 -0.50 9.34
N GLN A 40 10.80 0.76 9.12
CA GLN A 40 9.81 1.78 9.59
C GLN A 40 8.60 1.80 8.65
N THR A 41 7.42 1.96 9.19
CA THR A 41 6.21 2.00 8.32
C THR A 41 5.70 3.44 8.21
N GLY A 42 5.23 3.81 7.06
CA GLY A 42 4.71 5.20 6.88
C GLY A 42 3.58 5.20 5.86
N VAL A 43 3.06 6.35 5.53
CA VAL A 43 1.94 6.43 4.54
C VAL A 43 2.42 7.14 3.28
N ILE A 44 1.96 6.72 2.13
CA ILE A 44 2.39 7.38 0.87
C ILE A 44 1.57 8.64 0.65
N ARG A 45 2.19 9.79 0.79
CA ARG A 45 1.44 11.06 0.59
C ARG A 45 1.11 11.24 -0.90
N SER A 46 2.11 11.20 -1.74
CA SER A 46 1.85 11.36 -3.20
C SER A 46 2.90 10.58 -4.00
N VAL A 47 2.67 10.38 -5.26
CA VAL A 47 3.66 9.62 -6.08
C VAL A 47 4.01 10.43 -7.33
N THR A 48 5.22 10.31 -7.81
CA THR A 48 5.62 11.08 -9.03
C THR A 48 6.84 10.43 -9.66
N GLY A 49 6.89 10.38 -10.97
CA GLY A 49 8.05 9.75 -11.65
C GLY A 49 8.34 8.38 -11.03
N GLY A 50 9.55 8.16 -10.60
CA GLY A 50 9.89 6.85 -9.98
C GLY A 50 10.02 7.01 -8.45
N MET A 51 9.93 8.23 -7.98
CA MET A 51 10.05 8.46 -6.51
C MET A 51 8.73 9.01 -5.97
N CYS A 52 8.43 8.76 -4.72
CA CYS A 52 7.16 9.27 -4.15
C CYS A 52 7.42 9.83 -2.74
N SER A 53 6.40 10.27 -2.07
CA SER A 53 6.58 10.82 -0.70
C SER A 53 5.98 9.85 0.32
N VAL A 54 6.69 9.56 1.36
CA VAL A 54 6.16 8.61 2.38
C VAL A 54 6.20 9.26 3.77
N TYR A 55 5.12 9.20 4.49
CA TYR A 55 5.09 9.80 5.85
C TYR A 55 5.34 8.69 6.87
N LEU A 56 6.43 8.78 7.60
CA LEU A 56 6.73 7.73 8.61
C LEU A 56 5.96 8.00 9.89
N LYS A 57 5.08 7.10 10.28
CA LYS A 57 4.29 7.30 11.52
C LYS A 57 5.24 7.39 12.72
N ASP A 58 6.30 6.61 12.71
CA ASP A 58 7.25 6.64 13.85
C ASP A 58 7.93 8.01 13.91
N SER A 59 8.40 8.50 12.81
CA SER A 59 9.07 9.84 12.80
C SER A 59 8.02 10.94 12.72
N GLU A 60 6.87 10.63 12.18
CA GLU A 60 5.79 11.65 12.06
C GLU A 60 6.19 12.70 11.02
N LYS A 61 7.27 12.46 10.31
CA LYS A 61 7.70 13.44 9.27
C LYS A 61 7.42 12.88 7.88
N VAL A 62 7.80 13.59 6.86
CA VAL A 62 7.56 13.10 5.48
C VAL A 62 8.90 12.89 4.76
N VAL A 63 9.06 11.79 4.08
CA VAL A 63 10.35 11.55 3.37
C VAL A 63 10.06 10.97 1.98
N SER A 64 10.89 11.28 1.02
CA SER A 64 10.66 10.75 -0.36
C SER A 64 11.54 9.51 -0.58
N ILE A 65 10.97 8.44 -1.06
CA ILE A 65 11.78 7.21 -1.29
C ILE A 65 11.40 6.60 -2.64
N SER A 66 12.35 6.06 -3.33
CA SER A 66 12.05 5.44 -4.66
C SER A 66 11.16 4.22 -4.46
N SER A 67 10.41 3.85 -5.46
CA SER A 67 9.51 2.66 -5.31
C SER A 67 10.36 1.40 -5.13
N GLU A 68 11.56 1.39 -5.65
CA GLU A 68 12.43 0.20 -5.49
C GLU A 68 12.83 0.04 -4.02
N HIS A 69 12.65 1.07 -3.24
CA HIS A 69 13.02 0.98 -1.79
C HIS A 69 11.75 1.03 -0.93
N LEU A 70 10.61 1.18 -1.56
CA LEU A 70 9.34 1.23 -0.78
C LEU A 70 8.61 -0.10 -0.89
N GLU A 71 7.73 -0.39 0.03
CA GLU A 71 6.97 -1.67 -0.02
C GLU A 71 5.58 -1.47 0.56
N PRO A 72 4.55 -1.95 -0.13
CA PRO A 72 3.15 -1.83 0.31
C PRO A 72 2.87 -2.70 1.53
N ILE A 73 1.87 -2.35 2.29
CA ILE A 73 1.53 -3.17 3.49
C ILE A 73 0.25 -3.97 3.22
N THR A 74 0.26 -5.24 3.55
CA THR A 74 -0.95 -6.08 3.31
C THR A 74 -2.06 -5.68 4.28
N PRO A 75 -3.26 -5.45 3.76
CA PRO A 75 -4.42 -5.05 4.59
C PRO A 75 -4.91 -6.22 5.46
N THR A 76 -5.39 -5.92 6.64
CA THR A 76 -5.88 -6.99 7.55
C THR A 76 -7.41 -7.10 7.43
N LYS A 77 -7.98 -8.15 7.93
CA LYS A 77 -9.46 -8.31 7.86
C LYS A 77 -10.13 -7.20 8.66
N ASN A 78 -11.23 -6.69 8.16
CA ASN A 78 -11.94 -5.60 8.90
C ASN A 78 -11.22 -4.27 8.68
N ASN A 79 -10.25 -4.24 7.80
CA ASN A 79 -9.52 -2.98 7.53
C ASN A 79 -9.82 -2.49 6.12
N LYS A 80 -9.57 -1.24 5.85
CA LYS A 80 -9.84 -0.70 4.48
C LYS A 80 -8.66 -1.03 3.56
N VAL A 81 -8.92 -1.38 2.33
CA VAL A 81 -7.81 -1.70 1.39
C VAL A 81 -7.97 -0.88 0.11
N LYS A 82 -6.90 -0.61 -0.57
CA LYS A 82 -6.99 0.18 -1.83
C LYS A 82 -6.34 -0.61 -2.97
N VAL A 83 -7.04 -0.79 -4.05
CA VAL A 83 -6.45 -1.56 -5.20
C VAL A 83 -5.29 -0.76 -5.79
N ILE A 84 -4.09 -1.26 -5.67
CA ILE A 84 -2.92 -0.54 -6.24
C ILE A 84 -2.61 -1.07 -7.64
N LEU A 85 -3.33 -2.07 -8.08
CA LEU A 85 -3.07 -2.62 -9.44
C LEU A 85 -4.40 -2.94 -10.12
N GLY A 86 -4.45 -2.83 -11.42
CA GLY A 86 -5.73 -3.12 -12.14
C GLY A 86 -6.43 -1.81 -12.49
N GLU A 87 -7.26 -1.82 -13.49
CA GLU A 87 -7.96 -0.55 -13.88
C GLU A 87 -8.76 -0.04 -12.68
N ASP A 88 -9.08 -0.90 -11.75
CA ASP A 88 -9.86 -0.44 -10.56
C ASP A 88 -8.93 0.26 -9.58
N ARG A 89 -7.68 0.41 -9.93
CA ARG A 89 -6.72 1.09 -9.01
C ARG A 89 -7.37 2.35 -8.45
N GLU A 90 -6.89 2.83 -7.33
CA GLU A 90 -7.49 4.06 -6.72
C GLU A 90 -8.85 3.72 -6.11
N ALA A 91 -9.25 2.48 -6.18
CA ALA A 91 -10.56 2.09 -5.59
C ALA A 91 -10.38 1.75 -4.11
N THR A 92 -11.30 2.17 -3.28
CA THR A 92 -11.17 1.87 -1.82
C THR A 92 -12.24 0.85 -1.42
N GLY A 93 -11.96 0.06 -0.42
CA GLY A 93 -12.97 -0.96 0.03
C GLY A 93 -12.48 -1.63 1.31
N VAL A 94 -13.26 -2.52 1.85
CA VAL A 94 -12.84 -3.22 3.10
C VAL A 94 -12.49 -4.67 2.79
N LEU A 95 -11.55 -5.23 3.51
CA LEU A 95 -11.17 -6.64 3.26
C LEU A 95 -12.00 -7.56 4.14
N LEU A 96 -12.68 -8.51 3.55
CA LEU A 96 -13.53 -9.44 4.36
C LEU A 96 -12.67 -10.61 4.86
N SER A 97 -11.65 -10.98 4.13
CA SER A 97 -10.79 -12.11 4.56
C SER A 97 -9.66 -12.32 3.54
N ILE A 98 -8.99 -13.43 3.63
CA ILE A 98 -7.88 -13.71 2.67
C ILE A 98 -7.81 -15.21 2.40
N ASP A 99 -7.48 -15.59 1.19
CA ASP A 99 -7.41 -17.04 0.86
C ASP A 99 -5.94 -17.45 0.70
N GLY A 100 -5.34 -17.94 1.75
CA GLY A 100 -3.91 -18.37 1.66
C GLY A 100 -3.11 -17.31 0.91
N GLU A 101 -2.86 -17.51 -0.36
CA GLU A 101 -2.07 -16.52 -1.14
C GLU A 101 -3.02 -15.51 -1.78
N ASP A 102 -4.19 -15.95 -2.18
CA ASP A 102 -5.16 -15.02 -2.82
C ASP A 102 -6.00 -14.34 -1.73
N GLY A 103 -5.83 -13.06 -1.54
CA GLY A 103 -6.62 -12.36 -0.49
C GLY A 103 -7.91 -11.81 -1.10
N ILE A 104 -9.04 -12.30 -0.65
CA ILE A 104 -10.33 -11.81 -1.20
C ILE A 104 -10.67 -10.46 -0.56
N VAL A 105 -11.07 -9.51 -1.34
CA VAL A 105 -11.41 -8.18 -0.76
C VAL A 105 -12.82 -7.77 -1.20
N ARG A 106 -13.48 -6.97 -0.40
CA ARG A 106 -14.86 -6.53 -0.77
C ARG A 106 -14.84 -5.03 -1.06
N MET A 107 -15.36 -4.63 -2.18
CA MET A 107 -15.37 -3.18 -2.51
C MET A 107 -16.47 -2.46 -1.72
N ASP A 108 -16.11 -1.47 -0.97
CA ASP A 108 -17.13 -0.73 -0.17
C ASP A 108 -17.97 0.14 -1.09
N LEU A 109 -17.53 0.33 -2.32
CA LEU A 109 -18.30 1.18 -3.27
C LEU A 109 -19.56 0.43 -3.71
N ASP A 110 -19.42 -0.76 -4.22
CA ASP A 110 -20.62 -1.51 -4.67
C ASP A 110 -20.91 -2.66 -3.70
N GLU A 111 -20.14 -2.78 -2.66
CA GLU A 111 -20.37 -3.88 -1.68
C GLU A 111 -20.16 -5.23 -2.36
N GLN A 112 -19.62 -5.24 -3.55
CA GLN A 112 -19.38 -6.52 -4.26
C GLN A 112 -18.09 -7.17 -3.75
N LEU A 113 -18.00 -8.46 -3.79
CA LEU A 113 -16.77 -9.14 -3.31
C LEU A 113 -15.83 -9.37 -4.49
N LYS A 114 -14.55 -9.25 -4.26
CA LYS A 114 -13.57 -9.47 -5.37
C LYS A 114 -12.34 -10.21 -4.84
N ILE A 115 -11.68 -10.97 -5.67
CA ILE A 115 -10.49 -11.72 -5.21
C ILE A 115 -9.22 -11.07 -5.78
N LEU A 116 -8.24 -10.83 -4.95
CA LEU A 116 -6.99 -10.19 -5.44
C LEU A 116 -5.82 -10.62 -4.57
N ASN A 117 -4.65 -10.78 -5.14
CA ASN A 117 -3.47 -11.20 -4.34
C ASN A 117 -3.10 -10.08 -3.36
N LEU A 118 -2.50 -10.43 -2.26
CA LEU A 118 -2.11 -9.38 -1.26
C LEU A 118 -1.02 -8.49 -1.85
N ARG A 119 -0.35 -8.95 -2.87
CA ARG A 119 0.73 -8.14 -3.49
C ARG A 119 0.12 -6.90 -4.15
N PHE A 120 -1.13 -6.95 -4.51
CA PHE A 120 -1.77 -5.77 -5.15
C PHE A 120 -2.74 -5.12 -4.16
N LEU A 121 -2.80 -5.62 -2.96
CA LEU A 121 -3.73 -5.02 -1.95
C LEU A 121 -2.97 -4.03 -1.07
N GLY A 122 -3.44 -2.82 -1.00
CA GLY A 122 -2.74 -1.80 -0.16
C GLY A 122 -3.57 -1.54 1.10
N LYS A 123 -2.93 -1.46 2.25
CA LYS A 123 -3.68 -1.21 3.51
C LYS A 123 -3.99 0.29 3.62
N LEU A 124 -5.25 0.63 3.77
CA LEU A 124 -5.61 2.07 3.89
C LEU A 124 -5.56 2.48 5.36
N LEU A 125 -5.03 3.64 5.64
CA LEU A 125 -4.96 4.10 7.06
C LEU A 125 -6.34 4.50 7.55
N GLU A 126 -6.69 4.16 8.75
CA GLU A 126 -8.04 4.53 9.27
C GLU A 126 -7.87 5.44 10.49
N ALA A 127 -8.70 6.44 10.62
CA ALA A 127 -8.60 7.37 11.79
C ALA A 127 -8.74 6.57 13.08
N GLN A 14 5.92 -8.88 -17.67
CA GLN A 14 6.51 -8.31 -16.42
C GLN A 14 5.48 -7.41 -15.74
N ASN A 15 5.89 -6.68 -14.74
CA ASN A 15 4.93 -5.77 -14.04
C ASN A 15 5.20 -4.33 -14.46
N SER A 16 4.17 -3.58 -14.73
CA SER A 16 4.35 -2.16 -15.14
C SER A 16 5.01 -1.38 -14.01
N SER A 17 5.80 -0.38 -14.33
CA SER A 17 6.46 0.42 -13.26
C SER A 17 5.40 1.09 -12.39
N ASP A 18 4.29 1.46 -12.98
CA ASP A 18 3.21 2.12 -12.18
C ASP A 18 2.51 1.09 -11.31
N TRP A 19 2.65 1.20 -10.01
CA TRP A 19 1.99 0.22 -9.10
C TRP A 19 1.79 0.86 -7.72
N VAL A 20 2.74 1.64 -7.28
CA VAL A 20 2.60 2.28 -5.94
C VAL A 20 1.36 3.19 -5.94
N THR A 21 0.83 3.48 -4.79
CA THR A 21 -0.37 4.35 -4.71
C THR A 21 -0.37 5.12 -3.39
N THR A 22 -1.26 6.06 -3.22
CA THR A 22 -1.30 6.83 -1.96
C THR A 22 -2.35 6.25 -1.01
N ASP A 23 -2.41 6.73 0.19
CA ASP A 23 -3.41 6.20 1.16
C ASP A 23 -3.00 4.79 1.62
N ILE A 24 -1.92 4.28 1.11
CA ILE A 24 -1.48 2.92 1.52
C ILE A 24 -0.23 3.02 2.42
N GLN A 25 -0.11 2.15 3.39
CA GLN A 25 1.06 2.20 4.29
C GLN A 25 2.18 1.34 3.70
N VAL A 26 3.40 1.82 3.74
CA VAL A 26 4.53 1.03 3.18
C VAL A 26 5.65 0.94 4.22
N LYS A 27 6.64 0.11 3.97
CA LYS A 27 7.76 -0.02 4.94
C LYS A 27 9.08 0.31 4.23
N VAL A 28 10.08 0.72 4.97
CA VAL A 28 11.38 1.06 4.32
C VAL A 28 12.27 -0.19 4.29
N ARG A 29 12.73 -0.56 3.12
CA ARG A 29 13.61 -1.76 3.02
C ARG A 29 14.94 -1.48 3.71
N ASP A 30 15.54 -2.48 4.30
CA ASP A 30 16.84 -2.27 4.99
C ASP A 30 17.86 -1.69 4.01
N THR A 31 17.59 -1.79 2.74
CA THR A 31 18.56 -1.24 1.73
C THR A 31 18.46 0.28 1.72
N TYR A 32 17.55 0.84 2.46
CA TYR A 32 17.41 2.33 2.49
C TYR A 32 18.72 2.95 2.98
N LEU A 33 19.04 4.12 2.50
CA LEU A 33 20.31 4.78 2.94
C LEU A 33 20.18 5.20 4.41
N ASP A 34 19.03 5.68 4.80
CA ASP A 34 18.84 6.10 6.22
C ASP A 34 18.59 4.87 7.09
N THR A 35 19.60 4.40 7.76
CA THR A 35 19.42 3.20 8.64
C THR A 35 18.46 3.53 9.77
N GLN A 36 18.28 4.79 10.06
CA GLN A 36 17.34 5.17 11.16
C GLN A 36 15.90 4.98 10.68
N VAL A 37 15.71 4.89 9.39
CA VAL A 37 14.34 4.69 8.85
C VAL A 37 14.18 3.25 8.36
N VAL A 38 15.18 2.43 8.57
CA VAL A 38 15.09 1.02 8.11
C VAL A 38 14.09 0.27 8.97
N GLY A 39 13.14 -0.41 8.37
CA GLY A 39 12.14 -1.15 9.17
C GLY A 39 11.07 -0.18 9.68
N GLN A 40 11.20 1.07 9.36
CA GLN A 40 10.20 2.07 9.83
C GLN A 40 9.00 2.07 8.88
N THR A 41 7.82 2.30 9.39
CA THR A 41 6.61 2.30 8.52
C THR A 41 6.16 3.74 8.27
N GLY A 42 5.70 4.03 7.08
CA GLY A 42 5.24 5.41 6.78
C GLY A 42 4.06 5.36 5.80
N VAL A 43 3.35 6.45 5.65
CA VAL A 43 2.19 6.46 4.72
C VAL A 43 2.58 7.17 3.42
N ILE A 44 2.01 6.77 2.32
CA ILE A 44 2.35 7.44 1.03
C ILE A 44 1.37 8.58 0.77
N ARG A 45 1.83 9.80 0.83
CA ARG A 45 0.92 10.96 0.58
C ARG A 45 0.74 11.16 -0.93
N SER A 46 1.81 11.28 -1.65
CA SER A 46 1.69 11.48 -3.12
C SER A 46 2.77 10.65 -3.84
N VAL A 47 2.58 10.37 -5.10
CA VAL A 47 3.59 9.56 -5.84
C VAL A 47 3.80 10.16 -7.23
N THR A 48 5.02 10.16 -7.71
CA THR A 48 5.28 10.74 -9.05
C THR A 48 6.48 10.02 -9.69
N GLY A 49 6.42 9.74 -10.96
CA GLY A 49 7.54 9.05 -11.63
C GLY A 49 7.95 7.82 -10.81
N GLY A 50 9.23 7.59 -10.65
CA GLY A 50 9.69 6.41 -9.85
C GLY A 50 9.95 6.85 -8.40
N MET A 51 9.81 8.12 -8.12
CA MET A 51 10.05 8.60 -6.74
C MET A 51 8.72 9.01 -6.10
N CYS A 52 8.54 8.75 -4.84
CA CYS A 52 7.27 9.12 -4.16
C CYS A 52 7.56 9.74 -2.79
N SER A 53 6.56 10.25 -2.14
CA SER A 53 6.78 10.87 -0.80
C SER A 53 6.02 10.08 0.26
N VAL A 54 6.71 9.56 1.24
CA VAL A 54 6.02 8.78 2.30
C VAL A 54 6.26 9.43 3.66
N TYR A 55 5.24 9.51 4.47
CA TYR A 55 5.41 10.12 5.83
C TYR A 55 5.72 9.04 6.84
N LEU A 56 6.79 9.16 7.57
CA LEU A 56 7.13 8.11 8.58
C LEU A 56 6.36 8.37 9.87
N LYS A 57 5.49 7.47 10.24
CA LYS A 57 4.70 7.66 11.49
C LYS A 57 5.64 7.60 12.71
N ASP A 58 6.62 6.75 12.67
CA ASP A 58 7.55 6.64 13.83
C ASP A 58 8.39 7.92 13.94
N SER A 59 8.93 8.38 12.84
CA SER A 59 9.76 9.61 12.89
C SER A 59 8.85 10.84 12.80
N GLU A 60 7.60 10.64 12.46
CA GLU A 60 6.66 11.79 12.36
C GLU A 60 7.26 12.86 11.45
N LYS A 61 7.93 12.46 10.40
CA LYS A 61 8.53 13.47 9.48
C LYS A 61 8.20 13.09 8.04
N VAL A 62 8.24 14.04 7.14
CA VAL A 62 7.92 13.74 5.72
C VAL A 62 9.22 13.48 4.95
N VAL A 63 9.32 12.37 4.29
CA VAL A 63 10.57 12.05 3.54
C VAL A 63 10.20 11.43 2.19
N SER A 64 11.00 11.66 1.19
CA SER A 64 10.70 11.08 -0.16
C SER A 64 11.63 9.89 -0.41
N ILE A 65 11.09 8.78 -0.84
CA ILE A 65 11.94 7.60 -1.11
C ILE A 65 11.54 6.95 -2.43
N SER A 66 12.47 6.37 -3.14
CA SER A 66 12.13 5.73 -4.44
C SER A 66 11.28 4.49 -4.18
N SER A 67 10.42 4.14 -5.10
CA SER A 67 9.56 2.94 -4.90
C SER A 67 10.44 1.69 -4.81
N GLU A 68 11.57 1.70 -5.47
CA GLU A 68 12.47 0.51 -5.43
C GLU A 68 12.98 0.32 -4.00
N HIS A 69 12.93 1.34 -3.19
CA HIS A 69 13.42 1.20 -1.79
C HIS A 69 12.23 1.18 -0.83
N LEU A 70 11.04 1.37 -1.34
CA LEU A 70 9.84 1.36 -0.46
C LEU A 70 9.03 0.09 -0.72
N GLU A 71 8.21 -0.31 0.22
CA GLU A 71 7.39 -1.54 0.02
C GLU A 71 6.03 -1.35 0.68
N PRO A 72 4.96 -1.82 0.02
CA PRO A 72 3.59 -1.70 0.52
C PRO A 72 3.35 -2.61 1.73
N ILE A 73 2.42 -2.26 2.58
CA ILE A 73 2.14 -3.10 3.78
C ILE A 73 0.91 -3.97 3.50
N THR A 74 0.96 -5.23 3.86
CA THR A 74 -0.20 -6.11 3.61
C THR A 74 -1.37 -5.69 4.50
N PRO A 75 -2.59 -5.62 3.92
CA PRO A 75 -3.79 -5.22 4.65
C PRO A 75 -4.22 -6.30 5.65
N THR A 76 -5.46 -6.26 6.07
CA THR A 76 -5.95 -7.28 7.04
C THR A 76 -7.46 -7.43 6.90
N LYS A 77 -8.01 -8.50 7.43
CA LYS A 77 -9.48 -8.70 7.32
C LYS A 77 -10.21 -7.60 8.10
N ASN A 78 -11.28 -7.09 7.56
CA ASN A 78 -12.03 -6.02 8.27
C ASN A 78 -11.26 -4.70 8.17
N ASN A 79 -10.28 -4.64 7.31
CA ASN A 79 -9.49 -3.38 7.16
C ASN A 79 -9.74 -2.79 5.78
N LYS A 80 -9.41 -1.54 5.59
CA LYS A 80 -9.62 -0.90 4.26
C LYS A 80 -8.42 -1.19 3.35
N VAL A 81 -8.68 -1.68 2.16
CA VAL A 81 -7.56 -1.99 1.24
C VAL A 81 -7.77 -1.23 -0.08
N LYS A 82 -6.72 -0.99 -0.82
CA LYS A 82 -6.87 -0.26 -2.11
C LYS A 82 -6.15 -1.02 -3.21
N VAL A 83 -6.78 -1.16 -4.36
CA VAL A 83 -6.12 -1.89 -5.48
C VAL A 83 -4.94 -1.08 -6.01
N ILE A 84 -3.75 -1.58 -5.86
CA ILE A 84 -2.55 -0.83 -6.36
C ILE A 84 -2.23 -1.27 -7.79
N LEU A 85 -2.87 -2.31 -8.25
CA LEU A 85 -2.59 -2.78 -9.64
C LEU A 85 -3.90 -3.20 -10.30
N GLY A 86 -3.96 -3.14 -11.61
CA GLY A 86 -5.21 -3.53 -12.31
C GLY A 86 -5.96 -2.27 -12.74
N GLU A 87 -6.80 -2.39 -13.74
CA GLU A 87 -7.56 -1.19 -14.21
C GLU A 87 -8.42 -0.66 -13.06
N ASP A 88 -8.67 -1.46 -12.06
CA ASP A 88 -9.49 -0.99 -10.91
C ASP A 88 -8.62 -0.18 -9.96
N ARG A 89 -7.33 -0.24 -10.11
CA ARG A 89 -6.42 0.54 -9.22
C ARG A 89 -7.05 1.89 -8.87
N GLU A 90 -6.66 2.48 -7.77
CA GLU A 90 -7.23 3.80 -7.38
C GLU A 90 -8.58 3.58 -6.68
N ALA A 91 -9.08 2.37 -6.71
CA ALA A 91 -10.39 2.10 -6.05
C ALA A 91 -10.15 1.60 -4.62
N THR A 92 -11.05 1.88 -3.73
CA THR A 92 -10.88 1.43 -2.32
C THR A 92 -11.89 0.31 -2.01
N GLY A 93 -11.60 -0.51 -1.04
CA GLY A 93 -12.54 -1.61 -0.70
C GLY A 93 -12.20 -2.15 0.70
N VAL A 94 -13.14 -2.80 1.33
CA VAL A 94 -12.87 -3.34 2.69
C VAL A 94 -12.57 -4.84 2.59
N LEU A 95 -11.64 -5.33 3.36
CA LEU A 95 -11.30 -6.78 3.31
C LEU A 95 -12.27 -7.57 4.20
N LEU A 96 -12.87 -8.60 3.69
CA LEU A 96 -13.82 -9.40 4.51
C LEU A 96 -13.17 -10.72 4.92
N SER A 97 -12.32 -11.26 4.09
CA SER A 97 -11.66 -12.54 4.43
C SER A 97 -10.50 -12.80 3.46
N ILE A 98 -9.73 -13.84 3.71
CA ILE A 98 -8.58 -14.14 2.81
C ILE A 98 -8.36 -15.65 2.76
N ASP A 99 -7.97 -16.18 1.63
CA ASP A 99 -7.74 -17.65 1.52
C ASP A 99 -6.51 -17.91 0.66
N GLY A 100 -5.51 -18.54 1.24
CA GLY A 100 -4.28 -18.83 0.45
C GLY A 100 -3.68 -17.52 -0.07
N GLU A 101 -3.47 -17.42 -1.35
CA GLU A 101 -2.89 -16.17 -1.92
C GLU A 101 -4.01 -15.29 -2.46
N ASP A 102 -5.18 -15.84 -2.61
CA ASP A 102 -6.32 -15.03 -3.13
C ASP A 102 -7.11 -14.44 -1.95
N GLY A 103 -6.96 -13.17 -1.71
CA GLY A 103 -7.69 -12.53 -0.57
C GLY A 103 -9.06 -12.05 -1.05
N ILE A 104 -10.11 -12.50 -0.41
CA ILE A 104 -11.47 -12.07 -0.84
C ILE A 104 -11.76 -10.67 -0.28
N VAL A 105 -12.11 -9.75 -1.13
CA VAL A 105 -12.40 -8.36 -0.64
C VAL A 105 -13.73 -7.88 -1.22
N ARG A 106 -14.33 -6.89 -0.62
CA ARG A 106 -15.63 -6.37 -1.14
C ARG A 106 -15.52 -4.86 -1.34
N MET A 107 -16.01 -4.37 -2.45
CA MET A 107 -15.93 -2.90 -2.71
C MET A 107 -16.88 -2.18 -1.74
N ASP A 108 -16.37 -1.27 -0.96
CA ASP A 108 -17.23 -0.53 -0.01
C ASP A 108 -18.21 0.37 -0.78
N LEU A 109 -17.97 0.55 -2.05
CA LEU A 109 -18.89 1.41 -2.86
C LEU A 109 -20.08 0.58 -3.33
N ASP A 110 -19.83 -0.51 -4.01
CA ASP A 110 -20.95 -1.36 -4.50
C ASP A 110 -21.38 -2.33 -3.40
N GLU A 111 -20.58 -2.50 -2.39
CA GLU A 111 -20.95 -3.43 -1.29
C GLU A 111 -20.97 -4.86 -1.82
N GLN A 112 -20.45 -5.08 -3.00
CA GLN A 112 -20.44 -6.45 -3.58
C GLN A 112 -19.15 -7.17 -3.18
N LEU A 113 -19.15 -8.47 -3.20
CA LEU A 113 -17.92 -9.22 -2.83
C LEU A 113 -17.05 -9.43 -4.06
N LYS A 114 -15.75 -9.34 -3.90
CA LYS A 114 -14.85 -9.54 -5.07
C LYS A 114 -13.64 -10.36 -4.65
N ILE A 115 -12.92 -10.91 -5.60
CA ILE A 115 -11.72 -11.72 -5.26
C ILE A 115 -10.48 -11.09 -5.88
N LEU A 116 -9.46 -10.86 -5.10
CA LEU A 116 -8.22 -10.23 -5.64
C LEU A 116 -7.01 -10.73 -4.86
N ASN A 117 -5.90 -10.93 -5.53
CA ASN A 117 -4.68 -11.41 -4.81
C ASN A 117 -4.19 -10.33 -3.87
N LEU A 118 -3.54 -10.71 -2.80
CA LEU A 118 -3.03 -9.69 -1.84
C LEU A 118 -1.87 -8.92 -2.47
N ARG A 119 -1.23 -9.49 -3.45
CA ARG A 119 -0.09 -8.80 -4.12
C ARG A 119 -0.60 -7.49 -4.75
N PHE A 120 -1.88 -7.39 -4.98
CA PHE A 120 -2.42 -6.15 -5.59
C PHE A 120 -3.29 -5.41 -4.57
N LEU A 121 -3.25 -5.83 -3.33
CA LEU A 121 -4.06 -5.15 -2.28
C LEU A 121 -3.14 -4.43 -1.31
N GLY A 122 -3.37 -3.15 -1.10
CA GLY A 122 -2.51 -2.39 -0.16
C GLY A 122 -3.31 -2.04 1.10
N LYS A 123 -2.65 -1.90 2.22
CA LYS A 123 -3.38 -1.56 3.47
C LYS A 123 -3.49 -0.05 3.60
N LEU A 124 -4.68 0.44 3.87
CA LEU A 124 -4.85 1.92 4.01
C LEU A 124 -4.99 2.27 5.49
N LEU A 125 -4.46 3.39 5.90
CA LEU A 125 -4.56 3.79 7.33
C LEU A 125 -5.78 4.69 7.51
N GLU A 126 -6.66 4.34 8.43
CA GLU A 126 -7.86 5.18 8.66
C GLU A 126 -7.74 5.88 10.02
N ALA A 127 -8.24 7.08 10.12
CA ALA A 127 -8.15 7.81 11.41
C ALA A 127 -8.88 9.15 11.29
N GLN A 14 3.72 -7.87 -13.96
CA GLN A 14 5.10 -7.34 -14.12
C GLN A 14 5.23 -6.60 -15.45
N ASN A 15 4.16 -6.51 -16.19
CA ASN A 15 4.22 -5.81 -17.50
C ASN A 15 4.67 -4.36 -17.28
N SER A 16 4.28 -3.77 -16.19
CA SER A 16 4.69 -2.36 -15.91
C SER A 16 5.25 -2.26 -14.50
N SER A 17 6.17 -1.36 -14.28
CA SER A 17 6.76 -1.21 -12.92
C SER A 17 5.81 -0.39 -12.04
N ASP A 18 4.75 0.12 -12.60
CA ASP A 18 3.79 0.93 -11.80
C ASP A 18 2.98 -0.01 -10.90
N TRP A 19 3.08 0.17 -9.61
CA TRP A 19 2.32 -0.71 -8.67
C TRP A 19 2.11 0.01 -7.34
N VAL A 20 3.03 0.84 -6.94
CA VAL A 20 2.87 1.57 -5.65
C VAL A 20 1.62 2.44 -5.73
N THR A 21 1.03 2.74 -4.60
CA THR A 21 -0.19 3.59 -4.60
C THR A 21 -0.22 4.46 -3.34
N THR A 22 -1.10 5.42 -3.29
CA THR A 22 -1.17 6.30 -2.08
C THR A 22 -2.32 5.83 -1.17
N ASP A 23 -2.42 6.39 0.00
CA ASP A 23 -3.51 5.98 0.92
C ASP A 23 -3.18 4.63 1.57
N ILE A 24 -2.09 4.02 1.15
CA ILE A 24 -1.71 2.70 1.73
C ILE A 24 -0.42 2.86 2.55
N GLN A 25 -0.14 1.91 3.41
CA GLN A 25 1.10 2.00 4.22
C GLN A 25 2.28 1.43 3.43
N VAL A 26 3.47 1.83 3.77
CA VAL A 26 4.67 1.31 3.04
C VAL A 26 5.76 0.95 4.03
N LYS A 27 6.61 0.02 3.67
CA LYS A 27 7.72 -0.39 4.59
C LYS A 27 9.06 0.00 3.96
N VAL A 28 9.88 0.70 4.69
CA VAL A 28 11.21 1.09 4.13
C VAL A 28 12.13 -0.13 4.06
N ARG A 29 12.63 -0.45 2.90
CA ARG A 29 13.54 -1.63 2.78
C ARG A 29 14.88 -1.30 3.43
N ASP A 30 15.58 -2.30 3.89
CA ASP A 30 16.90 -2.05 4.54
C ASP A 30 17.85 -1.39 3.54
N THR A 31 17.50 -1.38 2.28
CA THR A 31 18.38 -0.76 1.27
C THR A 31 18.19 0.77 1.29
N TYR A 32 17.22 1.24 2.03
CA TYR A 32 16.99 2.71 2.09
C TYR A 32 18.31 3.43 2.42
N LEU A 33 18.40 4.68 2.11
CA LEU A 33 19.66 5.43 2.40
C LEU A 33 19.72 5.77 3.89
N ASP A 34 18.60 6.13 4.47
CA ASP A 34 18.59 6.47 5.91
C ASP A 34 18.34 5.20 6.74
N THR A 35 19.36 4.70 7.38
CA THR A 35 19.18 3.46 8.20
C THR A 35 18.24 3.77 9.36
N GLN A 36 18.05 5.02 9.68
CA GLN A 36 17.14 5.37 10.81
C GLN A 36 15.69 5.16 10.37
N VAL A 37 15.46 5.02 9.09
CA VAL A 37 14.08 4.81 8.60
C VAL A 37 13.93 3.37 8.06
N VAL A 38 14.95 2.57 8.22
CA VAL A 38 14.87 1.17 7.73
C VAL A 38 13.91 0.36 8.62
N GLY A 39 13.00 -0.34 8.03
CA GLY A 39 12.03 -1.13 8.84
C GLY A 39 10.98 -0.20 9.45
N GLN A 40 10.98 1.04 9.05
CA GLN A 40 9.99 2.01 9.61
C GLN A 40 8.72 1.98 8.74
N THR A 41 7.57 2.12 9.36
CA THR A 41 6.31 2.11 8.57
C THR A 41 5.81 3.55 8.39
N GLY A 42 5.27 3.86 7.24
CA GLY A 42 4.77 5.24 7.01
C GLY A 42 3.58 5.20 6.05
N VAL A 43 2.98 6.33 5.79
CA VAL A 43 1.81 6.35 4.86
C VAL A 43 2.19 7.10 3.58
N ILE A 44 1.61 6.74 2.47
CA ILE A 44 1.94 7.44 1.20
C ILE A 44 0.99 8.62 0.99
N ARG A 45 1.49 9.82 1.07
CA ARG A 45 0.61 11.01 0.87
C ARG A 45 0.40 11.25 -0.62
N SER A 46 1.42 11.04 -1.40
CA SER A 46 1.28 11.26 -2.88
C SER A 46 2.34 10.44 -3.61
N VAL A 47 2.15 10.23 -4.89
CA VAL A 47 3.15 9.44 -5.67
C VAL A 47 3.67 10.29 -6.83
N THR A 48 4.94 10.25 -7.08
CA THR A 48 5.51 11.06 -8.20
C THR A 48 6.17 10.13 -9.22
N GLY A 49 6.07 10.45 -10.48
CA GLY A 49 6.69 9.59 -11.52
C GLY A 49 8.18 9.41 -11.22
N GLY A 50 8.52 8.38 -10.50
CA GLY A 50 9.96 8.16 -10.16
C GLY A 50 10.14 8.18 -8.64
N MET A 51 9.51 9.10 -7.98
CA MET A 51 9.64 9.18 -6.49
C MET A 51 8.24 9.25 -5.87
N CYS A 52 8.13 8.94 -4.60
CA CYS A 52 6.80 8.99 -3.94
C CYS A 52 6.94 9.65 -2.57
N SER A 53 5.88 10.23 -2.07
CA SER A 53 5.95 10.88 -0.73
C SER A 53 5.40 9.92 0.32
N VAL A 54 6.10 9.75 1.42
CA VAL A 54 5.62 8.81 2.47
C VAL A 54 5.80 9.43 3.85
N TYR A 55 4.78 9.40 4.66
CA TYR A 55 4.89 9.96 6.04
C TYR A 55 5.24 8.84 7.01
N LEU A 56 6.32 8.97 7.73
CA LEU A 56 6.71 7.90 8.68
C LEU A 56 5.98 8.10 10.01
N LYS A 57 5.12 7.20 10.37
CA LYS A 57 4.37 7.34 11.64
C LYS A 57 5.35 7.50 12.81
N ASP A 58 6.39 6.71 12.83
CA ASP A 58 7.37 6.82 13.94
C ASP A 58 8.13 8.13 13.84
N SER A 59 8.62 8.47 12.67
CA SER A 59 9.37 9.74 12.52
C SER A 59 8.41 10.92 12.62
N GLU A 60 7.14 10.70 12.40
CA GLU A 60 6.16 11.81 12.48
C GLU A 60 6.55 12.89 11.47
N LYS A 61 7.05 12.51 10.32
CA LYS A 61 7.45 13.51 9.30
C LYS A 61 7.13 12.97 7.91
N VAL A 62 7.49 13.70 6.88
CA VAL A 62 7.21 13.24 5.50
C VAL A 62 8.52 13.01 4.77
N VAL A 63 8.67 11.91 4.09
CA VAL A 63 9.94 11.63 3.35
C VAL A 63 9.61 11.06 1.97
N SER A 64 10.41 11.36 0.99
CA SER A 64 10.15 10.83 -0.39
C SER A 64 10.93 9.54 -0.58
N ILE A 65 10.28 8.50 -1.01
CA ILE A 65 11.00 7.20 -1.23
C ILE A 65 10.63 6.64 -2.60
N SER A 66 11.58 6.07 -3.29
CA SER A 66 11.29 5.51 -4.63
C SER A 66 10.62 4.13 -4.48
N SER A 67 9.82 3.76 -5.43
CA SER A 67 9.14 2.43 -5.34
C SER A 67 10.18 1.33 -5.18
N GLU A 68 11.35 1.51 -5.73
CA GLU A 68 12.39 0.46 -5.60
C GLU A 68 12.83 0.34 -4.14
N HIS A 69 12.73 1.39 -3.39
CA HIS A 69 13.14 1.33 -1.96
C HIS A 69 11.89 1.26 -1.08
N LEU A 70 10.72 1.27 -1.68
CA LEU A 70 9.46 1.20 -0.86
C LEU A 70 8.87 -0.20 -0.97
N GLU A 71 8.24 -0.67 0.07
CA GLU A 71 7.63 -2.03 0.02
C GLU A 71 6.18 -1.96 0.51
N PRO A 72 5.26 -2.57 -0.24
CA PRO A 72 3.83 -2.59 0.09
C PRO A 72 3.55 -3.46 1.33
N ILE A 73 2.56 -3.11 2.10
CA ILE A 73 2.23 -3.91 3.31
C ILE A 73 0.93 -4.68 3.08
N THR A 74 0.85 -5.89 3.54
CA THR A 74 -0.39 -6.69 3.36
C THR A 74 -1.50 -6.13 4.24
N PRO A 75 -2.74 -6.13 3.72
CA PRO A 75 -3.91 -5.62 4.46
C PRO A 75 -4.30 -6.54 5.63
N THR A 76 -5.46 -6.35 6.18
CA THR A 76 -5.89 -7.21 7.32
C THR A 76 -7.42 -7.23 7.39
N LYS A 77 -7.99 -8.31 7.85
CA LYS A 77 -9.47 -8.40 7.95
C LYS A 77 -10.01 -7.14 8.63
N ASN A 78 -11.18 -6.69 8.23
CA ASN A 78 -11.76 -5.47 8.87
C ASN A 78 -10.85 -4.27 8.61
N ASN A 79 -9.89 -4.42 7.74
CA ASN A 79 -8.96 -3.30 7.44
C ASN A 79 -9.26 -2.75 6.04
N LYS A 80 -8.95 -1.50 5.79
CA LYS A 80 -9.21 -0.92 4.45
C LYS A 80 -8.07 -1.30 3.50
N VAL A 81 -8.38 -1.77 2.32
CA VAL A 81 -7.32 -2.15 1.36
C VAL A 81 -7.48 -1.35 0.07
N LYS A 82 -6.41 -1.11 -0.64
CA LYS A 82 -6.50 -0.34 -1.90
C LYS A 82 -5.79 -1.09 -3.02
N VAL A 83 -6.38 -1.15 -4.18
CA VAL A 83 -5.74 -1.87 -5.31
C VAL A 83 -4.46 -1.14 -5.73
N ILE A 84 -3.33 -1.72 -5.48
CA ILE A 84 -2.05 -1.05 -5.86
C ILE A 84 -1.69 -1.42 -7.30
N LEU A 85 -2.28 -2.45 -7.84
CA LEU A 85 -1.97 -2.85 -9.23
C LEU A 85 -3.23 -3.38 -9.90
N GLY A 86 -3.25 -3.44 -11.20
CA GLY A 86 -4.45 -3.95 -11.92
C GLY A 86 -5.31 -2.77 -12.38
N GLU A 87 -6.16 -2.98 -13.35
CA GLU A 87 -7.02 -1.87 -13.84
C GLU A 87 -7.75 -1.24 -12.65
N ASP A 88 -8.00 -2.01 -11.63
CA ASP A 88 -8.72 -1.44 -10.44
C ASP A 88 -7.72 -0.70 -9.55
N ARG A 89 -6.50 -0.55 -10.00
CA ARG A 89 -5.49 0.17 -9.18
C ARG A 89 -6.07 1.51 -8.70
N GLU A 90 -5.56 2.04 -7.63
CA GLU A 90 -6.08 3.34 -7.12
C GLU A 90 -7.48 3.15 -6.56
N ALA A 91 -7.94 1.93 -6.49
CA ALA A 91 -9.30 1.68 -5.95
C ALA A 91 -9.20 1.36 -4.45
N THR A 92 -10.16 1.78 -3.68
CA THR A 92 -10.12 1.49 -2.22
C THR A 92 -11.28 0.58 -1.83
N GLY A 93 -11.15 -0.16 -0.77
CA GLY A 93 -12.24 -1.08 -0.35
C GLY A 93 -11.86 -1.78 0.95
N VAL A 94 -12.82 -2.33 1.64
CA VAL A 94 -12.51 -3.04 2.92
C VAL A 94 -12.34 -4.53 2.64
N LEU A 95 -11.50 -5.18 3.39
CA LEU A 95 -11.28 -6.64 3.17
C LEU A 95 -12.20 -7.44 4.09
N LEU A 96 -13.03 -8.28 3.53
CA LEU A 96 -13.96 -9.09 4.38
C LEU A 96 -13.25 -10.38 4.80
N SER A 97 -12.36 -10.88 3.99
CA SER A 97 -11.64 -12.13 4.36
C SER A 97 -10.58 -12.44 3.31
N ILE A 98 -9.94 -13.57 3.41
CA ILE A 98 -8.88 -13.93 2.42
C ILE A 98 -8.95 -15.43 2.15
N ASP A 99 -8.70 -15.84 0.93
CA ASP A 99 -8.75 -17.30 0.61
C ASP A 99 -7.31 -17.82 0.44
N GLY A 100 -6.75 -18.35 1.50
CA GLY A 100 -5.36 -18.89 1.41
C GLY A 100 -4.49 -17.91 0.61
N GLU A 101 -4.28 -18.19 -0.65
CA GLU A 101 -3.44 -17.27 -1.47
C GLU A 101 -4.31 -16.16 -2.06
N ASP A 102 -5.54 -16.47 -2.39
CA ASP A 102 -6.43 -15.43 -2.97
C ASP A 102 -6.94 -14.52 -1.84
N GLY A 103 -7.09 -13.25 -2.09
CA GLY A 103 -7.57 -12.34 -1.03
C GLY A 103 -8.86 -11.65 -1.48
N ILE A 104 -9.98 -12.08 -0.96
CA ILE A 104 -11.27 -11.45 -1.35
C ILE A 104 -11.44 -10.13 -0.60
N VAL A 105 -11.84 -9.10 -1.27
CA VAL A 105 -12.03 -7.78 -0.58
C VAL A 105 -13.38 -7.19 -0.94
N ARG A 106 -13.90 -6.33 -0.11
CA ARG A 106 -15.22 -5.71 -0.41
C ARG A 106 -15.04 -4.21 -0.64
N MET A 107 -15.47 -3.71 -1.78
CA MET A 107 -15.31 -2.26 -2.05
C MET A 107 -16.33 -1.47 -1.25
N ASP A 108 -15.89 -0.46 -0.54
CA ASP A 108 -16.84 0.36 0.26
C ASP A 108 -17.64 1.27 -0.66
N LEU A 109 -17.20 1.43 -1.88
CA LEU A 109 -17.92 2.31 -2.83
C LEU A 109 -19.25 1.66 -3.22
N ASP A 110 -19.22 0.43 -3.68
CA ASP A 110 -20.48 -0.24 -4.08
C ASP A 110 -20.78 -1.38 -3.10
N GLU A 111 -19.91 -1.61 -2.16
CA GLU A 111 -20.15 -2.70 -1.17
C GLU A 111 -20.17 -4.05 -1.89
N GLN A 112 -19.78 -4.08 -3.14
CA GLN A 112 -19.79 -5.36 -3.89
C GLN A 112 -18.56 -6.19 -3.50
N LEU A 113 -18.69 -7.48 -3.47
CA LEU A 113 -17.53 -8.34 -3.10
C LEU A 113 -16.67 -8.61 -4.34
N LYS A 114 -15.38 -8.58 -4.19
CA LYS A 114 -14.49 -8.82 -5.36
C LYS A 114 -13.29 -9.67 -4.91
N ILE A 115 -12.76 -10.47 -5.80
CA ILE A 115 -11.59 -11.32 -5.43
C ILE A 115 -10.32 -10.74 -6.07
N LEU A 116 -9.31 -10.50 -5.29
CA LEU A 116 -8.05 -9.94 -5.85
C LEU A 116 -6.85 -10.57 -5.14
N ASN A 117 -5.79 -10.82 -5.86
CA ASN A 117 -4.58 -11.42 -5.22
C ASN A 117 -3.98 -10.43 -4.23
N LEU A 118 -3.44 -10.92 -3.14
CA LEU A 118 -2.83 -10.00 -2.15
C LEU A 118 -1.70 -9.21 -2.79
N ARG A 119 -1.10 -9.74 -3.82
CA ARG A 119 0.02 -9.01 -4.49
C ARG A 119 -0.51 -7.68 -5.06
N PHE A 120 -1.80 -7.58 -5.25
CA PHE A 120 -2.37 -6.31 -5.80
C PHE A 120 -3.19 -5.60 -4.72
N LEU A 121 -3.15 -6.10 -3.51
CA LEU A 121 -3.92 -5.45 -2.42
C LEU A 121 -2.97 -4.71 -1.48
N GLY A 122 -3.30 -3.50 -1.12
CA GLY A 122 -2.42 -2.72 -0.22
C GLY A 122 -3.17 -2.42 1.08
N LYS A 123 -2.47 -2.32 2.18
CA LYS A 123 -3.16 -2.02 3.48
C LYS A 123 -3.22 -0.51 3.68
N LEU A 124 -4.36 0.00 4.04
CA LEU A 124 -4.48 1.48 4.26
C LEU A 124 -4.50 1.77 5.76
N LEU A 125 -4.07 2.92 6.15
CA LEU A 125 -4.06 3.27 7.61
C LEU A 125 -5.28 4.14 7.92
N GLU A 126 -5.97 3.87 9.00
CA GLU A 126 -7.16 4.69 9.36
C GLU A 126 -6.72 6.13 9.63
N ALA A 127 -5.58 6.31 10.24
CA ALA A 127 -5.09 7.68 10.54
C ALA A 127 -5.94 8.29 11.65
N GLN A 14 6.11 -12.37 -13.36
CA GLN A 14 5.84 -11.12 -14.10
C GLN A 14 5.73 -9.96 -13.11
N ASN A 15 6.80 -9.24 -12.89
CA ASN A 15 6.74 -8.09 -11.93
C ASN A 15 6.80 -6.78 -12.71
N SER A 16 6.01 -5.81 -12.32
CA SER A 16 6.02 -4.51 -13.03
C SER A 16 6.38 -3.38 -12.05
N SER A 17 6.95 -2.32 -12.53
CA SER A 17 7.32 -1.19 -11.62
C SER A 17 6.10 -0.32 -11.38
N ASP A 18 5.13 -0.37 -12.25
CA ASP A 18 3.90 0.45 -12.07
C ASP A 18 3.04 -0.15 -10.96
N TRP A 19 3.27 0.24 -9.74
CA TRP A 19 2.45 -0.31 -8.62
C TRP A 19 2.60 0.61 -7.40
N VAL A 20 2.32 1.87 -7.55
CA VAL A 20 2.45 2.81 -6.40
C VAL A 20 1.10 3.47 -6.12
N THR A 21 0.61 3.37 -4.92
CA THR A 21 -0.70 3.99 -4.60
C THR A 21 -0.56 4.86 -3.34
N THR A 22 -1.39 5.87 -3.21
CA THR A 22 -1.28 6.76 -2.02
C THR A 22 -2.30 6.32 -0.97
N ASP A 23 -2.20 6.85 0.23
CA ASP A 23 -3.17 6.48 1.29
C ASP A 23 -2.90 5.05 1.78
N ILE A 24 -1.94 4.38 1.18
CA ILE A 24 -1.64 2.99 1.61
C ILE A 24 -0.43 2.98 2.53
N GLN A 25 -0.37 2.05 3.45
CA GLN A 25 0.79 1.99 4.39
C GLN A 25 1.96 1.29 3.70
N VAL A 26 3.15 1.80 3.87
CA VAL A 26 4.33 1.15 3.23
C VAL A 26 5.46 1.04 4.25
N LYS A 27 6.33 0.08 4.09
CA LYS A 27 7.46 -0.07 5.05
C LYS A 27 8.77 0.17 4.32
N VAL A 28 9.79 0.61 5.03
CA VAL A 28 11.10 0.86 4.37
C VAL A 28 12.01 -0.35 4.56
N ARG A 29 12.54 -0.87 3.49
CA ARG A 29 13.44 -2.06 3.60
C ARG A 29 14.71 -1.66 4.37
N ASP A 30 15.40 -2.62 4.92
CA ASP A 30 16.64 -2.30 5.69
C ASP A 30 17.74 -1.87 4.72
N THR A 31 17.57 -2.12 3.45
CA THR A 31 18.61 -1.72 2.46
C THR A 31 18.47 -0.22 2.16
N TYR A 32 17.52 0.44 2.77
CA TYR A 32 17.35 1.89 2.51
C TYR A 32 18.57 2.65 3.03
N LEU A 33 18.89 3.76 2.42
CA LEU A 33 20.08 4.54 2.87
C LEU A 33 19.76 5.21 4.21
N ASP A 34 18.62 5.83 4.32
CA ASP A 34 18.26 6.49 5.61
C ASP A 34 18.02 5.44 6.68
N THR A 35 19.01 5.13 7.46
CA THR A 35 18.83 4.11 8.53
C THR A 35 17.82 4.60 9.55
N GLN A 36 17.61 5.89 9.62
CA GLN A 36 16.63 6.44 10.60
C GLN A 36 15.20 6.00 10.21
N VAL A 37 14.98 5.76 8.95
CA VAL A 37 13.62 5.34 8.50
C VAL A 37 13.63 3.84 8.19
N VAL A 38 14.73 3.19 8.40
CA VAL A 38 14.81 1.73 8.11
C VAL A 38 13.90 0.96 9.07
N GLY A 39 13.20 -0.03 8.59
CA GLY A 39 12.30 -0.81 9.48
C GLY A 39 11.21 0.12 10.04
N GLN A 40 10.99 1.24 9.42
CA GLN A 40 9.95 2.17 9.92
C GLN A 40 8.74 2.13 8.99
N THR A 41 7.57 2.40 9.50
CA THR A 41 6.35 2.38 8.64
C THR A 41 5.87 3.82 8.40
N GLY A 42 5.33 4.07 7.24
CA GLY A 42 4.84 5.45 6.94
C GLY A 42 3.71 5.38 5.93
N VAL A 43 3.03 6.47 5.70
CA VAL A 43 1.91 6.47 4.72
C VAL A 43 2.34 7.19 3.44
N ILE A 44 1.90 6.72 2.30
CA ILE A 44 2.29 7.38 1.03
C ILE A 44 1.35 8.55 0.76
N ARG A 45 1.89 9.75 0.68
CA ARG A 45 1.03 10.94 0.41
C ARG A 45 0.87 11.13 -1.09
N SER A 46 1.94 11.12 -1.82
CA SER A 46 1.83 11.31 -3.30
C SER A 46 3.05 10.66 -3.98
N VAL A 47 3.00 10.51 -5.28
CA VAL A 47 4.14 9.90 -6.00
C VAL A 47 4.23 10.47 -7.41
N THR A 48 5.41 10.75 -7.89
CA THR A 48 5.54 11.32 -9.26
C THR A 48 7.00 11.25 -9.71
N GLY A 49 7.23 11.14 -10.99
CA GLY A 49 8.63 11.06 -11.49
C GLY A 49 9.23 9.70 -11.14
N GLY A 50 8.39 8.74 -10.83
CA GLY A 50 8.92 7.39 -10.48
C GLY A 50 9.26 7.35 -8.98
N MET A 51 9.34 8.49 -8.36
CA MET A 51 9.66 8.52 -6.90
C MET A 51 8.37 8.53 -6.09
N CYS A 52 8.41 8.09 -4.87
CA CYS A 52 7.18 8.07 -4.03
C CYS A 52 7.42 8.89 -2.76
N SER A 53 6.42 9.57 -2.28
CA SER A 53 6.59 10.37 -1.04
C SER A 53 5.83 9.70 0.10
N VAL A 54 6.51 9.14 1.05
CA VAL A 54 5.83 8.45 2.17
C VAL A 54 6.13 9.19 3.48
N TYR A 55 5.15 9.35 4.32
CA TYR A 55 5.37 10.05 5.62
C TYR A 55 5.64 9.01 6.70
N LEU A 56 6.76 9.10 7.37
CA LEU A 56 7.07 8.10 8.43
C LEU A 56 6.34 8.47 9.72
N LYS A 57 5.40 7.65 10.13
CA LYS A 57 4.64 7.96 11.38
C LYS A 57 5.59 7.89 12.58
N ASP A 58 6.49 6.95 12.59
CA ASP A 58 7.43 6.83 13.74
C ASP A 58 8.35 8.06 13.78
N SER A 59 8.89 8.44 12.66
CA SER A 59 9.80 9.63 12.65
C SER A 59 8.97 10.91 12.61
N GLU A 60 7.69 10.78 12.38
CA GLU A 60 6.81 11.99 12.34
C GLU A 60 7.38 12.99 11.33
N LYS A 61 7.86 12.52 10.21
CA LYS A 61 8.41 13.44 9.19
C LYS A 61 8.03 12.94 7.79
N VAL A 62 8.24 13.76 6.78
CA VAL A 62 7.88 13.34 5.40
C VAL A 62 9.16 13.15 4.58
N VAL A 63 9.28 12.06 3.89
CA VAL A 63 10.50 11.81 3.07
C VAL A 63 10.12 11.12 1.76
N SER A 64 10.91 11.28 0.74
CA SER A 64 10.59 10.63 -0.56
C SER A 64 11.45 9.38 -0.73
N ILE A 65 10.85 8.25 -0.97
CA ILE A 65 11.63 6.99 -1.15
C ILE A 65 11.22 6.31 -2.45
N SER A 66 12.16 5.69 -3.11
CA SER A 66 11.83 5.01 -4.39
C SER A 66 11.09 3.69 -4.10
N SER A 67 10.26 3.25 -5.00
CA SER A 67 9.51 1.98 -4.77
C SER A 67 10.50 0.82 -4.65
N GLU A 68 11.64 0.93 -5.29
CA GLU A 68 12.64 -0.17 -5.21
C GLU A 68 13.09 -0.36 -3.76
N HIS A 69 12.95 0.67 -2.95
CA HIS A 69 13.37 0.54 -1.52
C HIS A 69 12.14 0.57 -0.62
N LEU A 70 10.96 0.61 -1.20
CA LEU A 70 9.73 0.65 -0.37
C LEU A 70 9.03 -0.72 -0.43
N GLU A 71 8.31 -1.07 0.60
CA GLU A 71 7.61 -2.39 0.59
C GLU A 71 6.15 -2.18 1.00
N PRO A 72 5.23 -2.82 0.28
CA PRO A 72 3.78 -2.71 0.56
C PRO A 72 3.40 -3.43 1.85
N ILE A 73 2.30 -3.06 2.44
CA ILE A 73 1.86 -3.73 3.71
C ILE A 73 0.63 -4.59 3.42
N THR A 74 0.71 -5.86 3.67
CA THR A 74 -0.47 -6.75 3.42
C THR A 74 -1.67 -6.25 4.22
N PRO A 75 -2.83 -6.13 3.55
CA PRO A 75 -4.06 -5.66 4.21
C PRO A 75 -4.63 -6.71 5.17
N THR A 76 -5.01 -6.30 6.35
CA THR A 76 -5.56 -7.27 7.33
C THR A 76 -7.07 -7.39 7.16
N LYS A 77 -7.64 -8.49 7.53
CA LYS A 77 -9.12 -8.67 7.40
C LYS A 77 -9.82 -7.66 8.30
N ASN A 78 -10.94 -7.15 7.86
CA ASN A 78 -11.68 -6.16 8.70
C ASN A 78 -10.98 -4.80 8.61
N ASN A 79 -10.00 -4.68 7.77
CA ASN A 79 -9.28 -3.38 7.64
C ASN A 79 -9.56 -2.77 6.26
N LYS A 80 -9.17 -1.54 6.06
CA LYS A 80 -9.42 -0.89 4.74
C LYS A 80 -8.26 -1.19 3.79
N VAL A 81 -8.55 -1.51 2.57
CA VAL A 81 -7.47 -1.81 1.59
C VAL A 81 -7.69 -0.99 0.31
N LYS A 82 -6.64 -0.71 -0.42
CA LYS A 82 -6.80 0.08 -1.68
C LYS A 82 -6.18 -0.69 -2.85
N VAL A 83 -6.88 -0.77 -3.94
CA VAL A 83 -6.34 -1.50 -5.12
C VAL A 83 -5.18 -0.70 -5.72
N ILE A 84 -3.97 -1.18 -5.55
CA ILE A 84 -2.80 -0.44 -6.10
C ILE A 84 -2.58 -0.86 -7.56
N LEU A 85 -3.27 -1.87 -8.02
CA LEU A 85 -3.09 -2.31 -9.42
C LEU A 85 -4.42 -2.88 -9.95
N GLY A 86 -4.52 -3.05 -11.24
CA GLY A 86 -5.79 -3.59 -11.81
C GLY A 86 -6.68 -2.45 -12.26
N GLU A 87 -7.65 -2.73 -13.10
CA GLU A 87 -8.56 -1.65 -13.59
C GLU A 87 -9.19 -0.93 -12.38
N ASP A 88 -9.17 -1.56 -11.24
CA ASP A 88 -9.77 -0.92 -10.03
C ASP A 88 -8.69 -0.16 -9.27
N ARG A 89 -7.57 0.11 -9.90
CA ARG A 89 -6.49 0.85 -9.21
C ARG A 89 -7.05 2.14 -8.60
N GLU A 90 -6.41 2.65 -7.58
CA GLU A 90 -6.90 3.90 -6.95
C GLU A 90 -8.29 3.66 -6.35
N ALA A 91 -8.70 2.42 -6.27
CA ALA A 91 -10.04 2.12 -5.69
C ALA A 91 -9.89 1.73 -4.22
N THR A 92 -10.84 2.09 -3.40
CA THR A 92 -10.74 1.74 -1.95
C THR A 92 -11.78 0.67 -1.62
N GLY A 93 -11.51 -0.14 -0.62
CA GLY A 93 -12.49 -1.19 -0.25
C GLY A 93 -12.07 -1.81 1.09
N VAL A 94 -12.97 -2.51 1.73
CA VAL A 94 -12.62 -3.13 3.04
C VAL A 94 -12.37 -4.62 2.84
N LEU A 95 -11.41 -5.18 3.54
CA LEU A 95 -11.12 -6.63 3.38
C LEU A 95 -11.93 -7.42 4.42
N LEU A 96 -12.55 -8.49 3.99
CA LEU A 96 -13.37 -9.31 4.93
C LEU A 96 -12.72 -10.67 5.11
N SER A 97 -12.01 -11.14 4.12
CA SER A 97 -11.35 -12.47 4.24
C SER A 97 -10.22 -12.58 3.22
N ILE A 98 -9.44 -13.63 3.29
CA ILE A 98 -8.31 -13.78 2.33
C ILE A 98 -8.03 -15.27 2.10
N ASP A 99 -7.70 -15.66 0.91
CA ASP A 99 -7.41 -17.09 0.63
C ASP A 99 -5.90 -17.30 0.49
N GLY A 100 -5.37 -18.25 1.19
CA GLY A 100 -3.89 -18.50 1.11
C GLY A 100 -3.40 -18.32 -0.32
N GLU A 101 -4.25 -18.50 -1.30
CA GLU A 101 -3.80 -18.33 -2.71
C GLU A 101 -4.24 -16.95 -3.23
N ASP A 102 -5.38 -16.48 -2.81
CA ASP A 102 -5.86 -15.15 -3.28
C ASP A 102 -6.38 -14.34 -2.09
N GLY A 103 -6.77 -13.11 -2.33
CA GLY A 103 -7.29 -12.28 -1.20
C GLY A 103 -8.72 -11.82 -1.55
N ILE A 104 -9.70 -12.36 -0.88
CA ILE A 104 -11.11 -11.95 -1.16
C ILE A 104 -11.38 -10.63 -0.47
N VAL A 105 -11.91 -9.66 -1.19
CA VAL A 105 -12.20 -8.34 -0.57
C VAL A 105 -13.57 -7.85 -1.02
N ARG A 106 -14.12 -6.88 -0.34
CA ARG A 106 -15.46 -6.35 -0.73
C ARG A 106 -15.34 -4.86 -1.06
N MET A 107 -15.94 -4.45 -2.14
CA MET A 107 -15.86 -3.00 -2.51
C MET A 107 -16.69 -2.19 -1.52
N ASP A 108 -16.08 -1.27 -0.83
CA ASP A 108 -16.84 -0.45 0.16
C ASP A 108 -17.75 0.53 -0.60
N LEU A 109 -17.55 0.68 -1.88
CA LEU A 109 -18.41 1.61 -2.66
C LEU A 109 -19.75 0.93 -2.98
N ASP A 110 -19.71 -0.25 -3.54
CA ASP A 110 -20.99 -0.95 -3.87
C ASP A 110 -21.15 -2.17 -2.96
N GLU A 111 -20.20 -2.42 -2.10
CA GLU A 111 -20.31 -3.60 -1.19
C GLU A 111 -20.18 -4.89 -2.00
N GLN A 112 -19.89 -4.78 -3.27
CA GLN A 112 -19.76 -6.00 -4.11
C GLN A 112 -18.48 -6.75 -3.72
N LEU A 113 -18.55 -8.06 -3.64
CA LEU A 113 -17.34 -8.84 -3.26
C LEU A 113 -16.51 -9.12 -4.52
N LYS A 114 -15.21 -8.97 -4.41
CA LYS A 114 -14.34 -9.22 -5.60
C LYS A 114 -13.08 -9.96 -5.15
N ILE A 115 -12.59 -10.85 -5.97
CA ILE A 115 -11.36 -11.61 -5.61
C ILE A 115 -10.15 -10.99 -6.31
N LEU A 116 -9.09 -10.72 -5.59
CA LEU A 116 -7.89 -10.13 -6.23
C LEU A 116 -6.64 -10.52 -5.44
N ASN A 117 -5.53 -10.70 -6.11
CA ASN A 117 -4.27 -11.08 -5.40
C ASN A 117 -3.87 -9.96 -4.44
N LEU A 118 -3.21 -10.31 -3.37
CA LEU A 118 -2.79 -9.27 -2.39
C LEU A 118 -1.76 -8.33 -3.05
N ARG A 119 -1.19 -8.75 -4.15
CA ARG A 119 -0.19 -7.89 -4.83
C ARG A 119 -0.88 -6.64 -5.38
N PHE A 120 -2.16 -6.71 -5.59
CA PHE A 120 -2.90 -5.52 -6.13
C PHE A 120 -3.66 -4.85 -4.99
N LEU A 121 -3.53 -5.35 -3.79
CA LEU A 121 -4.25 -4.73 -2.65
C LEU A 121 -3.23 -4.15 -1.67
N GLY A 122 -3.53 -3.02 -1.08
CA GLY A 122 -2.58 -2.41 -0.11
C GLY A 122 -3.31 -2.10 1.18
N LYS A 123 -2.60 -2.10 2.30
CA LYS A 123 -3.26 -1.81 3.59
C LYS A 123 -3.63 -0.32 3.66
N LEU A 124 -4.89 -0.02 3.81
CA LEU A 124 -5.30 1.41 3.88
C LEU A 124 -5.23 1.90 5.33
N LEU A 125 -4.96 3.16 5.52
CA LEU A 125 -4.88 3.70 6.90
C LEU A 125 -6.26 4.19 7.35
N GLU A 126 -6.64 3.88 8.56
CA GLU A 126 -7.97 4.32 9.05
C GLU A 126 -8.02 5.86 9.12
N ALA A 127 -6.97 6.47 9.60
CA ALA A 127 -6.94 7.94 9.70
C ALA A 127 -8.10 8.42 10.57
N GLN A 14 10.55 -1.90 -15.72
CA GLN A 14 9.71 -2.87 -14.97
C GLN A 14 8.25 -2.42 -15.00
N ASN A 15 7.70 -2.23 -16.17
CA ASN A 15 6.29 -1.79 -16.27
C ASN A 15 5.38 -2.83 -15.59
N SER A 16 5.79 -4.06 -15.59
CA SER A 16 4.95 -5.11 -14.94
C SER A 16 4.62 -4.70 -13.51
N SER A 17 5.52 -3.99 -12.87
CA SER A 17 5.26 -3.55 -11.47
C SER A 17 3.97 -2.73 -11.42
N ASP A 18 4.05 -1.47 -11.76
CA ASP A 18 2.83 -0.62 -11.75
C ASP A 18 2.04 -0.89 -10.46
N TRP A 19 2.72 -0.96 -9.35
CA TRP A 19 2.00 -1.22 -8.07
C TRP A 19 2.09 0.00 -7.17
N VAL A 20 3.13 0.78 -7.31
CA VAL A 20 3.28 1.99 -6.47
C VAL A 20 2.00 2.82 -6.52
N THR A 21 1.36 3.02 -5.41
CA THR A 21 0.10 3.83 -5.40
C THR A 21 0.13 4.80 -4.21
N THR A 22 -0.66 5.84 -4.27
CA THR A 22 -0.68 6.82 -3.15
C THR A 22 -1.80 6.45 -2.18
N ASP A 23 -1.76 6.98 -0.99
CA ASP A 23 -2.83 6.67 0.00
C ASP A 23 -2.59 5.28 0.59
N ILE A 24 -1.60 4.58 0.12
CA ILE A 24 -1.33 3.21 0.65
C ILE A 24 -0.12 3.26 1.59
N GLN A 25 -0.05 2.37 2.54
CA GLN A 25 1.11 2.37 3.48
C GLN A 25 2.24 1.52 2.89
N VAL A 26 3.45 1.94 3.07
CA VAL A 26 4.60 1.16 2.52
C VAL A 26 5.62 0.90 3.63
N LYS A 27 6.46 -0.08 3.46
CA LYS A 27 7.48 -0.37 4.51
C LYS A 27 8.88 -0.02 3.97
N VAL A 28 9.66 0.67 4.76
CA VAL A 28 11.03 1.05 4.29
C VAL A 28 11.96 -0.15 4.42
N ARG A 29 12.60 -0.54 3.34
CA ARG A 29 13.52 -1.70 3.40
C ARG A 29 14.81 -1.28 4.12
N ASP A 30 15.64 -2.24 4.45
CA ASP A 30 16.91 -1.90 5.15
C ASP A 30 17.95 -1.42 4.14
N THR A 31 17.56 -1.26 2.91
CA THR A 31 18.53 -0.79 1.87
C THR A 31 18.55 0.73 1.84
N TYR A 32 17.68 1.36 2.58
CA TYR A 32 17.65 2.85 2.59
C TYR A 32 18.73 3.37 3.53
N LEU A 33 19.26 4.54 3.24
CA LEU A 33 20.33 5.10 4.12
C LEU A 33 19.74 5.41 5.50
N ASP A 34 18.60 6.03 5.55
CA ASP A 34 17.99 6.37 6.86
C ASP A 34 17.73 5.08 7.64
N THR A 35 18.73 4.56 8.30
CA THR A 35 18.54 3.31 9.08
C THR A 35 17.51 3.54 10.18
N GLN A 36 17.26 4.78 10.53
CA GLN A 36 16.27 5.08 11.59
C GLN A 36 14.86 4.81 11.05
N VAL A 37 14.71 4.77 9.75
CA VAL A 37 13.37 4.52 9.16
C VAL A 37 13.32 3.10 8.58
N VAL A 38 14.38 2.34 8.74
CA VAL A 38 14.39 0.97 8.20
C VAL A 38 13.45 0.08 9.01
N GLY A 39 12.49 -0.53 8.36
CA GLY A 39 11.53 -1.40 9.11
C GLY A 39 10.42 -0.54 9.70
N GLN A 40 10.28 0.67 9.25
CA GLN A 40 9.21 1.56 9.79
C GLN A 40 8.05 1.63 8.79
N THR A 41 6.87 1.92 9.27
CA THR A 41 5.71 2.01 8.35
C THR A 41 5.39 3.49 8.07
N GLY A 42 5.01 3.80 6.86
CA GLY A 42 4.69 5.22 6.53
C GLY A 42 3.59 5.26 5.48
N VAL A 43 3.01 6.41 5.26
CA VAL A 43 1.93 6.53 4.25
C VAL A 43 2.43 7.35 3.05
N ILE A 44 2.04 6.98 1.86
CA ILE A 44 2.50 7.74 0.67
C ILE A 44 1.56 8.93 0.44
N ARG A 45 2.08 10.13 0.52
CA ARG A 45 1.21 11.32 0.30
C ARG A 45 1.11 11.60 -1.19
N SER A 46 2.21 11.75 -1.86
CA SER A 46 2.17 12.03 -3.32
C SER A 46 3.12 11.07 -4.05
N VAL A 47 2.84 10.79 -5.30
CA VAL A 47 3.72 9.87 -6.06
C VAL A 47 4.06 10.48 -7.42
N THR A 48 5.30 10.43 -7.82
CA THR A 48 5.68 11.02 -9.14
C THR A 48 6.86 10.23 -9.72
N GLY A 49 6.94 10.14 -11.02
CA GLY A 49 8.06 9.39 -11.64
C GLY A 49 8.27 8.07 -10.90
N GLY A 50 9.49 7.75 -10.57
CA GLY A 50 9.76 6.47 -9.84
C GLY A 50 9.96 6.77 -8.35
N MET A 51 9.90 8.02 -7.98
CA MET A 51 10.09 8.37 -6.53
C MET A 51 8.82 9.06 -6.01
N CYS A 52 8.47 8.80 -4.78
CA CYS A 52 7.25 9.45 -4.21
C CYS A 52 7.54 9.93 -2.79
N SER A 53 6.53 10.42 -2.12
CA SER A 53 6.74 10.91 -0.72
C SER A 53 6.12 9.91 0.26
N VAL A 54 6.78 9.66 1.36
CA VAL A 54 6.22 8.69 2.35
C VAL A 54 6.23 9.31 3.74
N TYR A 55 5.12 9.28 4.42
CA TYR A 55 5.05 9.86 5.79
C TYR A 55 5.25 8.74 6.81
N LEU A 56 6.32 8.79 7.57
CA LEU A 56 6.56 7.72 8.57
C LEU A 56 5.75 7.99 9.84
N LYS A 57 4.78 7.16 10.14
CA LYS A 57 3.95 7.38 11.35
C LYS A 57 4.85 7.45 12.59
N ASP A 58 5.79 6.55 12.71
CA ASP A 58 6.70 6.58 13.90
C ASP A 58 7.49 7.89 13.93
N SER A 59 8.03 8.29 12.81
CA SER A 59 8.80 9.56 12.78
C SER A 59 7.84 10.75 12.73
N GLU A 60 6.66 10.54 12.21
CA GLU A 60 5.67 11.66 12.12
C GLU A 60 6.15 12.69 11.11
N LYS A 61 7.21 12.41 10.41
CA LYS A 61 7.73 13.39 9.41
C LYS A 61 7.47 12.85 7.99
N VAL A 62 7.91 13.55 6.99
CA VAL A 62 7.69 13.08 5.59
C VAL A 62 9.03 12.87 4.90
N VAL A 63 9.20 11.78 4.20
CA VAL A 63 10.49 11.51 3.51
C VAL A 63 10.21 11.00 2.10
N SER A 64 11.06 11.33 1.17
CA SER A 64 10.85 10.85 -0.23
C SER A 64 11.68 9.59 -0.47
N ILE A 65 11.05 8.53 -0.90
CA ILE A 65 11.80 7.27 -1.15
C ILE A 65 11.38 6.68 -2.49
N SER A 66 12.30 6.06 -3.19
CA SER A 66 11.96 5.47 -4.51
C SER A 66 11.17 4.17 -4.30
N SER A 67 10.31 3.83 -5.21
CA SER A 67 9.51 2.58 -5.06
C SER A 67 10.47 1.39 -4.91
N GLU A 68 11.64 1.48 -5.46
CA GLU A 68 12.61 0.36 -5.35
C GLU A 68 13.06 0.21 -3.90
N HIS A 69 12.99 1.26 -3.13
CA HIS A 69 13.40 1.17 -1.71
C HIS A 69 12.17 1.00 -0.82
N LEU A 70 11.00 1.04 -1.40
CA LEU A 70 9.76 0.87 -0.59
C LEU A 70 9.10 -0.47 -0.93
N GLU A 71 8.50 -1.11 0.04
CA GLU A 71 7.84 -2.41 -0.23
C GLU A 71 6.34 -2.29 0.04
N PRO A 72 5.52 -3.08 -0.67
CA PRO A 72 4.07 -3.07 -0.52
C PRO A 72 3.64 -3.66 0.83
N ILE A 73 2.57 -3.17 1.39
CA ILE A 73 2.10 -3.70 2.70
C ILE A 73 0.74 -4.39 2.52
N THR A 74 0.63 -5.63 2.89
CA THR A 74 -0.66 -6.36 2.72
C THR A 74 -1.61 -5.97 3.85
N PRO A 75 -2.84 -5.57 3.50
CA PRO A 75 -3.86 -5.17 4.47
C PRO A 75 -4.39 -6.37 5.27
N THR A 76 -4.86 -6.14 6.47
CA THR A 76 -5.39 -7.26 7.29
C THR A 76 -6.91 -7.29 7.17
N LYS A 77 -7.52 -8.41 7.50
CA LYS A 77 -9.00 -8.51 7.40
C LYS A 77 -9.64 -7.35 8.17
N ASN A 78 -10.81 -6.93 7.78
CA ASN A 78 -11.49 -5.81 8.49
C ASN A 78 -10.65 -4.54 8.37
N ASN A 79 -9.72 -4.51 7.45
CA ASN A 79 -8.87 -3.31 7.27
C ASN A 79 -9.19 -2.64 5.94
N LYS A 80 -8.88 -1.38 5.80
CA LYS A 80 -9.16 -0.68 4.51
C LYS A 80 -7.96 -0.83 3.58
N VAL A 81 -8.20 -0.91 2.30
CA VAL A 81 -7.05 -1.06 1.35
C VAL A 81 -7.34 -0.27 0.07
N LYS A 82 -6.35 -0.13 -0.77
CA LYS A 82 -6.55 0.62 -2.04
C LYS A 82 -6.05 -0.22 -3.21
N VAL A 83 -6.87 -0.41 -4.21
CA VAL A 83 -6.44 -1.21 -5.38
C VAL A 83 -5.25 -0.53 -6.07
N ILE A 84 -4.09 -1.13 -6.02
CA ILE A 84 -2.91 -0.50 -6.68
C ILE A 84 -2.72 -1.09 -8.08
N LEU A 85 -3.55 -2.03 -8.45
CA LEU A 85 -3.42 -2.64 -9.80
C LEU A 85 -4.80 -3.07 -10.31
N GLY A 86 -4.91 -3.37 -11.57
CA GLY A 86 -6.23 -3.79 -12.13
C GLY A 86 -7.01 -2.56 -12.56
N GLU A 87 -8.11 -2.75 -13.24
CA GLU A 87 -8.92 -1.58 -13.70
C GLU A 87 -9.59 -0.92 -12.48
N ASP A 88 -9.67 -1.63 -11.39
CA ASP A 88 -10.31 -1.04 -10.17
C ASP A 88 -9.26 -0.29 -9.36
N ARG A 89 -8.14 0.03 -9.96
CA ARG A 89 -7.09 0.77 -9.22
C ARG A 89 -7.66 2.07 -8.66
N GLU A 90 -7.07 2.60 -7.63
CA GLU A 90 -7.59 3.86 -7.04
C GLU A 90 -8.86 3.58 -6.24
N ALA A 91 -9.29 2.35 -6.21
CA ALA A 91 -10.53 2.01 -5.45
C ALA A 91 -10.13 1.39 -4.10
N THR A 92 -10.91 1.61 -3.08
CA THR A 92 -10.57 1.03 -1.75
C THR A 92 -11.67 0.05 -1.33
N GLY A 93 -11.40 -0.77 -0.35
CA GLY A 93 -12.43 -1.74 0.10
C GLY A 93 -11.99 -2.37 1.43
N VAL A 94 -12.90 -3.02 2.12
CA VAL A 94 -12.53 -3.63 3.42
C VAL A 94 -12.16 -5.10 3.19
N LEU A 95 -11.05 -5.53 3.74
CA LEU A 95 -10.63 -6.95 3.54
C LEU A 95 -11.53 -7.87 4.38
N LEU A 96 -12.53 -8.45 3.77
CA LEU A 96 -13.43 -9.35 4.53
C LEU A 96 -12.69 -10.64 4.89
N SER A 97 -11.76 -11.05 4.07
CA SER A 97 -11.01 -12.30 4.37
C SER A 97 -9.97 -12.56 3.27
N ILE A 98 -9.36 -13.70 3.27
CA ILE A 98 -8.35 -14.01 2.23
C ILE A 98 -8.43 -15.50 1.87
N ASP A 99 -8.23 -15.83 0.62
CA ASP A 99 -8.29 -17.26 0.22
C ASP A 99 -6.88 -17.80 0.03
N GLY A 100 -6.31 -18.38 1.06
CA GLY A 100 -4.94 -18.94 0.94
C GLY A 100 -4.04 -17.93 0.22
N GLU A 101 -3.84 -18.12 -1.06
CA GLU A 101 -2.97 -17.18 -1.83
C GLU A 101 -3.83 -16.02 -2.35
N ASP A 102 -5.05 -16.29 -2.70
CA ASP A 102 -5.93 -15.21 -3.23
C ASP A 102 -6.45 -14.36 -2.06
N GLY A 103 -6.71 -13.11 -2.29
CA GLY A 103 -7.21 -12.24 -1.19
C GLY A 103 -8.57 -11.65 -1.57
N ILE A 104 -9.63 -12.20 -1.03
CA ILE A 104 -10.98 -11.68 -1.37
C ILE A 104 -11.24 -10.40 -0.55
N VAL A 105 -11.70 -9.37 -1.21
CA VAL A 105 -11.98 -8.10 -0.47
C VAL A 105 -13.38 -7.60 -0.81
N ARG A 106 -13.96 -6.80 0.05
CA ARG A 106 -15.33 -6.27 -0.22
C ARG A 106 -15.26 -4.76 -0.36
N MET A 107 -15.85 -4.22 -1.40
CA MET A 107 -15.82 -2.75 -1.59
C MET A 107 -16.73 -2.08 -0.56
N ASP A 108 -16.19 -1.25 0.29
CA ASP A 108 -17.03 -0.57 1.32
C ASP A 108 -17.99 0.40 0.64
N LEU A 109 -17.76 0.71 -0.60
CA LEU A 109 -18.66 1.66 -1.32
C LEU A 109 -19.84 0.89 -1.90
N ASP A 110 -19.58 -0.11 -2.71
CA ASP A 110 -20.69 -0.89 -3.31
C ASP A 110 -20.99 -2.11 -2.44
N GLU A 111 -20.15 -2.39 -1.48
CA GLU A 111 -20.38 -3.56 -0.59
C GLU A 111 -20.26 -4.85 -1.41
N GLN A 112 -19.82 -4.75 -2.63
CA GLN A 112 -19.67 -5.98 -3.47
C GLN A 112 -18.38 -6.69 -3.11
N LEU A 113 -18.33 -7.99 -3.28
CA LEU A 113 -17.09 -8.75 -2.95
C LEU A 113 -16.24 -8.92 -4.22
N LYS A 114 -14.95 -8.91 -4.08
CA LYS A 114 -14.07 -9.07 -5.27
C LYS A 114 -12.77 -9.75 -4.86
N ILE A 115 -12.23 -10.60 -5.70
CA ILE A 115 -10.96 -11.29 -5.35
C ILE A 115 -9.78 -10.51 -5.94
N LEU A 116 -8.72 -10.36 -5.18
CA LEU A 116 -7.55 -9.61 -5.70
C LEU A 116 -6.27 -10.17 -5.09
N ASN A 117 -5.21 -10.22 -5.85
CA ASN A 117 -3.93 -10.76 -5.31
C ASN A 117 -3.41 -9.85 -4.19
N LEU A 118 -3.09 -10.42 -3.05
CA LEU A 118 -2.59 -9.59 -1.93
C LEU A 118 -1.47 -8.67 -2.43
N ARG A 119 -0.81 -9.05 -3.50
CA ARG A 119 0.30 -8.21 -4.03
C ARG A 119 -0.29 -6.94 -4.66
N PHE A 120 -1.54 -6.97 -5.02
CA PHE A 120 -2.16 -5.76 -5.63
C PHE A 120 -3.03 -5.04 -4.59
N LEU A 121 -3.05 -5.53 -3.39
CA LEU A 121 -3.86 -4.86 -2.33
C LEU A 121 -2.97 -4.03 -1.42
N GLY A 122 -3.15 -2.73 -1.43
CA GLY A 122 -2.30 -1.86 -0.56
C GLY A 122 -3.05 -1.58 0.76
N LYS A 123 -2.37 -1.63 1.87
CA LYS A 123 -3.06 -1.36 3.16
C LYS A 123 -3.38 0.12 3.29
N LEU A 124 -4.65 0.45 3.40
CA LEU A 124 -5.03 1.88 3.52
C LEU A 124 -4.90 2.33 4.98
N LEU A 125 -4.39 3.51 5.21
CA LEU A 125 -4.24 3.99 6.62
C LEU A 125 -5.35 5.01 6.92
N GLU A 126 -6.08 4.80 7.98
CA GLU A 126 -7.17 5.75 8.33
C GLU A 126 -6.66 7.19 8.18
N ALA A 127 -5.47 7.46 8.66
CA ALA A 127 -4.93 8.85 8.54
C ALA A 127 -3.88 8.88 7.42
N GLN A 14 6.98 6.66 -17.31
CA GLN A 14 7.62 5.84 -16.25
C GLN A 14 7.03 4.42 -16.30
N ASN A 15 6.93 3.85 -17.46
CA ASN A 15 6.37 2.47 -17.56
C ASN A 15 7.21 1.52 -16.71
N SER A 16 8.46 1.84 -16.49
CA SER A 16 9.32 0.96 -15.66
C SER A 16 8.82 0.95 -14.21
N SER A 17 8.03 1.93 -13.85
CA SER A 17 7.51 1.98 -12.46
C SER A 17 5.98 1.95 -12.48
N ASP A 18 5.39 1.22 -11.58
CA ASP A 18 3.90 1.14 -11.55
C ASP A 18 3.43 0.72 -10.16
N TRP A 19 2.32 0.03 -10.09
CA TRP A 19 1.80 -0.42 -8.76
C TRP A 19 2.07 0.66 -7.71
N VAL A 20 2.08 1.90 -8.11
CA VAL A 20 2.33 3.00 -7.13
C VAL A 20 1.01 3.69 -6.80
N THR A 21 0.54 3.54 -5.59
CA THR A 21 -0.74 4.20 -5.21
C THR A 21 -0.54 5.03 -3.94
N THR A 22 -1.29 6.07 -3.78
CA THR A 22 -1.14 6.92 -2.56
C THR A 22 -2.17 6.50 -1.51
N ASP A 23 -2.06 7.03 -0.32
CA ASP A 23 -3.04 6.66 0.74
C ASP A 23 -2.78 5.23 1.22
N ILE A 24 -1.80 4.59 0.66
CA ILE A 24 -1.50 3.18 1.09
C ILE A 24 -0.28 3.19 2.04
N GLN A 25 -0.22 2.24 2.92
CA GLN A 25 0.93 2.20 3.87
C GLN A 25 2.13 1.50 3.20
N VAL A 26 3.31 1.96 3.47
CA VAL A 26 4.52 1.33 2.85
C VAL A 26 5.52 0.97 3.93
N LYS A 27 6.34 -0.02 3.68
CA LYS A 27 7.35 -0.43 4.70
C LYS A 27 8.76 -0.10 4.18
N VAL A 28 9.58 0.52 4.98
CA VAL A 28 10.96 0.85 4.53
C VAL A 28 11.84 -0.40 4.58
N ARG A 29 12.35 -0.83 3.46
CA ARG A 29 13.21 -2.04 3.45
C ARG A 29 14.51 -1.74 4.20
N ASP A 30 15.11 -2.74 4.78
CA ASP A 30 16.38 -2.51 5.54
C ASP A 30 17.44 -1.97 4.59
N THR A 31 17.22 -2.07 3.31
CA THR A 31 18.23 -1.57 2.34
C THR A 31 18.13 -0.04 2.25
N TYR A 32 17.20 0.54 2.95
CA TYR A 32 17.05 2.03 2.91
C TYR A 32 18.30 2.68 3.51
N LEU A 33 18.62 3.86 3.07
CA LEU A 33 19.83 4.55 3.60
C LEU A 33 19.57 4.96 5.06
N ASP A 34 18.45 5.55 5.34
CA ASP A 34 18.15 5.96 6.73
C ASP A 34 17.88 4.71 7.58
N THR A 35 18.88 4.20 8.23
CA THR A 35 18.69 2.98 9.07
C THR A 35 17.72 3.30 10.21
N GLN A 36 17.54 4.56 10.51
CA GLN A 36 16.62 4.93 11.62
C GLN A 36 15.17 4.72 11.16
N VAL A 37 14.95 4.59 9.88
CA VAL A 37 13.56 4.38 9.38
C VAL A 37 13.43 2.95 8.84
N VAL A 38 14.42 2.14 9.06
CA VAL A 38 14.35 0.73 8.56
C VAL A 38 13.38 -0.07 9.43
N GLY A 39 12.33 -0.58 8.84
CA GLY A 39 11.34 -1.37 9.63
C GLY A 39 10.20 -0.46 10.09
N GLN A 40 10.20 0.77 9.66
CA GLN A 40 9.12 1.72 10.07
C GLN A 40 8.06 1.78 8.97
N THR A 41 6.87 2.20 9.30
CA THR A 41 5.80 2.30 8.27
C THR A 41 5.43 3.76 8.04
N GLY A 42 5.00 4.08 6.85
CA GLY A 42 4.62 5.50 6.55
C GLY A 42 3.43 5.51 5.59
N VAL A 43 3.13 6.64 5.01
CA VAL A 43 1.99 6.71 4.07
C VAL A 43 2.44 7.38 2.77
N ILE A 44 1.93 6.95 1.66
CA ILE A 44 2.34 7.56 0.35
C ILE A 44 1.42 8.75 0.05
N ARG A 45 1.97 9.93 0.00
CA ARG A 45 1.12 11.13 -0.30
C ARG A 45 1.19 11.44 -1.80
N SER A 46 2.29 11.14 -2.44
CA SER A 46 2.41 11.41 -3.89
C SER A 46 3.54 10.58 -4.48
N VAL A 47 3.46 10.28 -5.75
CA VAL A 47 4.54 9.46 -6.38
C VAL A 47 5.18 10.25 -7.53
N THR A 48 6.44 10.07 -7.76
CA THR A 48 7.11 10.82 -8.86
C THR A 48 7.86 9.83 -9.76
N GLY A 49 7.86 10.06 -11.05
CA GLY A 49 8.56 9.14 -11.97
C GLY A 49 10.00 8.91 -11.47
N GLY A 50 10.21 7.85 -10.75
CA GLY A 50 11.58 7.57 -10.22
C GLY A 50 11.54 7.55 -8.70
N MET A 51 10.98 8.55 -8.09
CA MET A 51 10.91 8.59 -6.60
C MET A 51 9.46 8.78 -6.16
N CYS A 52 9.17 8.52 -4.92
CA CYS A 52 7.77 8.68 -4.43
C CYS A 52 7.77 9.42 -3.09
N SER A 53 6.67 9.99 -2.72
CA SER A 53 6.59 10.73 -1.42
C SER A 53 5.97 9.81 -0.36
N VAL A 54 6.59 9.71 0.78
CA VAL A 54 6.02 8.83 1.85
C VAL A 54 6.15 9.52 3.21
N TYR A 55 5.10 9.50 3.98
CA TYR A 55 5.14 10.13 5.33
C TYR A 55 5.43 9.04 6.37
N LEU A 56 6.47 9.22 7.15
CA LEU A 56 6.80 8.19 8.18
C LEU A 56 6.02 8.46 9.46
N LYS A 57 5.10 7.60 9.80
CA LYS A 57 4.31 7.81 11.05
C LYS A 57 5.26 7.89 12.25
N ASP A 58 6.27 7.08 12.28
CA ASP A 58 7.22 7.11 13.42
C ASP A 58 8.01 8.42 13.40
N SER A 59 8.53 8.80 12.26
CA SER A 59 9.30 10.07 12.19
C SER A 59 8.32 11.26 12.17
N GLU A 60 7.10 11.02 11.77
CA GLU A 60 6.10 12.12 11.73
C GLU A 60 6.53 13.18 10.72
N LYS A 61 7.54 12.90 9.95
CA LYS A 61 8.00 13.90 8.94
C LYS A 61 7.72 13.38 7.53
N VAL A 62 8.06 14.15 6.53
CA VAL A 62 7.81 13.70 5.13
C VAL A 62 9.15 13.42 4.44
N VAL A 63 9.29 12.27 3.82
CA VAL A 63 10.57 11.94 3.14
C VAL A 63 10.28 11.25 1.81
N SER A 64 11.13 11.42 0.83
CA SER A 64 10.90 10.77 -0.48
C SER A 64 11.54 9.38 -0.49
N ILE A 65 10.80 8.38 -0.89
CA ILE A 65 11.38 7.00 -0.92
C ILE A 65 11.15 6.38 -2.30
N SER A 66 12.17 5.80 -2.87
CA SER A 66 12.01 5.17 -4.21
C SER A 66 11.33 3.81 -4.06
N SER A 67 10.62 3.36 -5.07
CA SER A 67 9.94 2.05 -4.98
C SER A 67 10.98 0.94 -4.80
N GLU A 68 12.17 1.15 -5.30
CA GLU A 68 13.24 0.11 -5.16
C GLU A 68 13.51 -0.14 -3.68
N HIS A 69 13.24 0.81 -2.83
CA HIS A 69 13.49 0.62 -1.38
C HIS A 69 12.17 0.72 -0.61
N LEU A 70 11.07 0.76 -1.31
CA LEU A 70 9.75 0.85 -0.62
C LEU A 70 9.05 -0.51 -0.66
N GLU A 71 8.24 -0.81 0.31
CA GLU A 71 7.54 -2.12 0.34
C GLU A 71 6.06 -1.90 0.68
N PRO A 72 5.16 -2.62 -0.01
CA PRO A 72 3.72 -2.51 0.22
C PRO A 72 3.31 -3.14 1.55
N ILE A 73 2.20 -2.72 2.11
CA ILE A 73 1.75 -3.29 3.40
C ILE A 73 0.46 -4.09 3.18
N THR A 74 0.49 -5.35 3.47
CA THR A 74 -0.74 -6.19 3.28
C THR A 74 -1.75 -5.87 4.38
N PRO A 75 -2.99 -5.55 3.98
CA PRO A 75 -4.06 -5.22 4.92
C PRO A 75 -4.55 -6.45 5.68
N THR A 76 -5.07 -6.27 6.86
CA THR A 76 -5.57 -7.43 7.65
C THR A 76 -7.09 -7.55 7.50
N LYS A 77 -7.65 -8.65 7.92
CA LYS A 77 -9.13 -8.83 7.79
C LYS A 77 -9.84 -7.67 8.47
N ASN A 78 -11.00 -7.30 7.99
CA ASN A 78 -11.74 -6.18 8.61
C ASN A 78 -10.92 -4.89 8.50
N ASN A 79 -9.97 -4.87 7.61
CA ASN A 79 -9.13 -3.64 7.45
C ASN A 79 -9.44 -2.98 6.11
N LYS A 80 -9.13 -1.71 5.98
CA LYS A 80 -9.41 -1.01 4.69
C LYS A 80 -8.29 -1.29 3.70
N VAL A 81 -8.62 -1.64 2.49
CA VAL A 81 -7.57 -1.92 1.47
C VAL A 81 -7.82 -1.07 0.23
N LYS A 82 -6.78 -0.76 -0.51
CA LYS A 82 -6.97 0.07 -1.72
C LYS A 82 -6.37 -0.66 -2.94
N VAL A 83 -7.14 -0.79 -3.99
CA VAL A 83 -6.63 -1.49 -5.20
C VAL A 83 -5.49 -0.68 -5.82
N ILE A 84 -4.28 -1.16 -5.68
CA ILE A 84 -3.12 -0.41 -6.25
C ILE A 84 -2.87 -0.88 -7.69
N LEU A 85 -3.61 -1.85 -8.14
CA LEU A 85 -3.41 -2.34 -9.54
C LEU A 85 -4.77 -2.74 -10.13
N GLY A 86 -4.87 -2.83 -11.42
CA GLY A 86 -6.16 -3.22 -12.06
C GLY A 86 -6.96 -1.96 -12.40
N GLU A 87 -7.95 -2.09 -13.24
CA GLU A 87 -8.76 -0.90 -13.61
C GLU A 87 -9.46 -0.34 -12.36
N ASP A 88 -9.57 -1.14 -11.33
CA ASP A 88 -10.23 -0.65 -10.08
C ASP A 88 -9.23 0.15 -9.25
N ARG A 89 -8.08 0.45 -9.79
CA ARG A 89 -7.07 1.23 -9.02
C ARG A 89 -7.74 2.44 -8.38
N GLU A 90 -7.21 2.91 -7.29
CA GLU A 90 -7.83 4.09 -6.61
C GLU A 90 -9.11 3.67 -5.91
N ALA A 91 -9.41 2.40 -5.90
CA ALA A 91 -10.65 1.92 -5.23
C ALA A 91 -10.33 1.48 -3.80
N THR A 92 -11.17 1.84 -2.87
CA THR A 92 -10.92 1.45 -1.45
C THR A 92 -12.02 0.50 -0.98
N GLY A 93 -11.80 -0.19 0.10
CA GLY A 93 -12.84 -1.13 0.62
C GLY A 93 -12.31 -1.86 1.85
N VAL A 94 -13.02 -2.85 2.32
CA VAL A 94 -12.55 -3.61 3.52
C VAL A 94 -12.18 -5.03 3.12
N LEU A 95 -11.19 -5.59 3.74
CA LEU A 95 -10.77 -6.99 3.40
C LEU A 95 -11.56 -7.97 4.27
N LEU A 96 -12.43 -8.73 3.67
CA LEU A 96 -13.24 -9.71 4.46
C LEU A 96 -12.36 -10.93 4.80
N SER A 97 -11.46 -11.27 3.94
CA SER A 97 -10.58 -12.45 4.22
C SER A 97 -9.45 -12.49 3.18
N ILE A 98 -8.62 -13.51 3.25
CA ILE A 98 -7.49 -13.61 2.28
C ILE A 98 -7.09 -15.08 2.13
N ASP A 99 -6.67 -15.49 0.96
CA ASP A 99 -6.27 -16.91 0.78
C ASP A 99 -5.08 -17.01 -0.18
N GLY A 100 -4.02 -17.62 0.24
CA GLY A 100 -2.81 -17.77 -0.63
C GLY A 100 -2.48 -16.42 -1.29
N GLU A 101 -2.58 -16.36 -2.60
CA GLU A 101 -2.27 -15.09 -3.31
C GLU A 101 -3.59 -14.45 -3.75
N ASP A 102 -4.65 -15.20 -3.76
CA ASP A 102 -5.96 -14.64 -4.18
C ASP A 102 -6.95 -14.78 -3.02
N GLY A 103 -7.28 -13.70 -2.38
CA GLY A 103 -8.24 -13.77 -1.24
C GLY A 103 -9.54 -13.08 -1.60
N ILE A 104 -10.59 -13.36 -0.87
CA ILE A 104 -11.89 -12.71 -1.15
C ILE A 104 -11.89 -11.29 -0.59
N VAL A 105 -12.03 -10.30 -1.42
CA VAL A 105 -12.03 -8.90 -0.92
C VAL A 105 -13.42 -8.29 -1.15
N ARG A 106 -13.90 -7.52 -0.21
CA ARG A 106 -15.24 -6.91 -0.38
C ARG A 106 -15.10 -5.39 -0.52
N MET A 107 -15.59 -4.83 -1.59
CA MET A 107 -15.49 -3.35 -1.77
C MET A 107 -16.46 -2.65 -0.83
N ASP A 108 -15.98 -1.72 -0.05
CA ASP A 108 -16.89 -1.00 0.89
C ASP A 108 -17.79 -0.04 0.12
N LEU A 109 -17.47 0.19 -1.13
CA LEU A 109 -18.31 1.12 -1.95
C LEU A 109 -19.60 0.43 -2.37
N ASP A 110 -19.50 -0.72 -2.99
CA ASP A 110 -20.73 -1.43 -3.43
C ASP A 110 -21.05 -2.57 -2.45
N GLU A 111 -20.17 -2.84 -1.52
CA GLU A 111 -20.43 -3.93 -0.54
C GLU A 111 -20.41 -5.28 -1.27
N GLN A 112 -20.01 -5.29 -2.51
CA GLN A 112 -19.97 -6.56 -3.27
C GLN A 112 -18.66 -7.30 -2.96
N LEU A 113 -18.66 -8.60 -3.06
CA LEU A 113 -17.42 -9.37 -2.78
C LEU A 113 -16.63 -9.55 -4.07
N LYS A 114 -15.33 -9.55 -3.98
CA LYS A 114 -14.50 -9.73 -5.21
C LYS A 114 -13.14 -10.30 -4.83
N ILE A 115 -12.75 -11.39 -5.44
CA ILE A 115 -11.44 -12.00 -5.11
C ILE A 115 -10.31 -11.14 -5.67
N LEU A 116 -9.45 -10.65 -4.82
CA LEU A 116 -8.34 -9.78 -5.31
C LEU A 116 -7.00 -10.28 -4.75
N ASN A 117 -5.96 -10.22 -5.52
CA ASN A 117 -4.64 -10.70 -5.03
C ASN A 117 -4.03 -9.65 -4.11
N LEU A 118 -3.30 -10.05 -3.11
CA LEU A 118 -2.68 -9.07 -2.17
C LEU A 118 -1.69 -8.20 -2.94
N ARG A 119 -1.22 -8.66 -4.07
CA ARG A 119 -0.25 -7.85 -4.86
C ARG A 119 -0.91 -6.54 -5.30
N PHE A 120 -2.21 -6.56 -5.46
CA PHE A 120 -2.90 -5.31 -5.89
C PHE A 120 -3.67 -4.72 -4.71
N LEU A 121 -3.58 -5.33 -3.56
CA LEU A 121 -4.31 -4.81 -2.37
C LEU A 121 -3.32 -4.05 -1.46
N GLY A 122 -3.63 -2.84 -1.13
CA GLY A 122 -2.71 -2.05 -0.24
C GLY A 122 -3.44 -1.72 1.06
N LYS A 123 -2.73 -1.59 2.14
CA LYS A 123 -3.38 -1.27 3.44
C LYS A 123 -3.63 0.24 3.53
N LEU A 124 -4.85 0.65 3.71
CA LEU A 124 -5.15 2.10 3.80
C LEU A 124 -5.04 2.55 5.26
N LEU A 125 -4.42 3.68 5.50
CA LEU A 125 -4.28 4.16 6.90
C LEU A 125 -5.42 5.13 7.23
N GLU A 126 -6.07 4.94 8.34
CA GLU A 126 -7.20 5.85 8.71
C GLU A 126 -6.68 7.28 8.82
N ALA A 127 -5.55 7.47 9.46
CA ALA A 127 -5.00 8.84 9.61
C ALA A 127 -5.91 9.67 10.52
N GLN A 14 13.72 5.22 -13.67
CA GLN A 14 12.45 5.80 -13.15
C GLN A 14 11.29 4.85 -13.44
N ASN A 15 10.30 4.84 -12.59
CA ASN A 15 9.14 3.94 -12.82
C ASN A 15 9.61 2.48 -12.78
N SER A 16 10.43 2.14 -11.81
CA SER A 16 10.92 0.74 -11.72
C SER A 16 9.73 -0.23 -11.67
N SER A 17 8.64 0.19 -11.07
CA SER A 17 7.45 -0.70 -10.99
C SER A 17 6.18 0.15 -11.04
N ASP A 18 5.09 -0.41 -11.49
CA ASP A 18 3.82 0.38 -11.56
C ASP A 18 2.83 -0.16 -10.53
N TRP A 19 3.31 -0.80 -9.52
CA TRP A 19 2.40 -1.35 -8.48
C TRP A 19 2.30 -0.37 -7.31
N VAL A 20 3.30 0.45 -7.11
CA VAL A 20 3.25 1.43 -6.00
C VAL A 20 2.04 2.34 -6.17
N THR A 21 1.44 2.75 -5.09
CA THR A 21 0.25 3.64 -5.19
C THR A 21 0.21 4.57 -3.98
N THR A 22 -0.67 5.54 -3.99
CA THR A 22 -0.76 6.47 -2.84
C THR A 22 -1.91 6.05 -1.91
N ASP A 23 -1.99 6.63 -0.75
CA ASP A 23 -3.08 6.26 0.19
C ASP A 23 -2.79 4.89 0.83
N ILE A 24 -1.74 4.24 0.40
CA ILE A 24 -1.41 2.91 0.98
C ILE A 24 -0.21 3.03 1.92
N GLN A 25 -0.13 2.17 2.90
CA GLN A 25 1.01 2.23 3.86
C GLN A 25 2.14 1.34 3.35
N VAL A 26 3.37 1.78 3.45
CA VAL A 26 4.50 0.96 2.98
C VAL A 26 5.62 0.98 4.02
N LYS A 27 6.60 0.12 3.88
CA LYS A 27 7.72 0.09 4.87
C LYS A 27 9.04 0.41 4.15
N VAL A 28 10.02 0.86 4.87
CA VAL A 28 11.33 1.19 4.23
C VAL A 28 12.22 -0.05 4.22
N ARG A 29 12.74 -0.41 3.08
CA ARG A 29 13.62 -1.61 3.01
C ARG A 29 14.95 -1.31 3.70
N ASP A 30 15.58 -2.30 4.27
CA ASP A 30 16.88 -2.07 4.96
C ASP A 30 17.90 -1.50 3.96
N THR A 31 17.61 -1.58 2.70
CA THR A 31 18.57 -1.04 1.69
C THR A 31 18.44 0.49 1.63
N TYR A 32 17.49 1.04 2.34
CA TYR A 32 17.33 2.52 2.32
C TYR A 32 18.61 3.19 2.80
N LEU A 33 18.94 4.34 2.26
CA LEU A 33 20.18 5.04 2.69
C LEU A 33 20.04 5.48 4.14
N ASP A 34 18.95 6.11 4.49
CA ASP A 34 18.76 6.56 5.89
C ASP A 34 18.52 5.34 6.79
N THR A 35 19.52 4.95 7.53
CA THR A 35 19.35 3.76 8.43
C THR A 35 18.35 4.11 9.53
N GLN A 36 18.12 5.37 9.77
CA GLN A 36 17.16 5.76 10.84
C GLN A 36 15.73 5.49 10.34
N VAL A 37 15.56 5.32 9.06
CA VAL A 37 14.19 5.06 8.52
C VAL A 37 14.11 3.59 8.08
N VAL A 38 15.13 2.83 8.33
CA VAL A 38 15.11 1.39 7.93
C VAL A 38 14.13 0.63 8.83
N GLY A 39 13.29 -0.18 8.25
CA GLY A 39 12.31 -0.96 9.07
C GLY A 39 11.25 -0.01 9.62
N GLN A 40 11.23 1.21 9.18
CA GLN A 40 10.22 2.18 9.68
C GLN A 40 8.99 2.12 8.77
N THR A 41 7.81 2.28 9.35
CA THR A 41 6.58 2.23 8.52
C THR A 41 6.03 3.65 8.34
N GLY A 42 5.48 3.94 7.20
CA GLY A 42 4.93 5.30 6.95
C GLY A 42 3.79 5.22 5.94
N VAL A 43 3.25 6.34 5.56
CA VAL A 43 2.13 6.33 4.56
C VAL A 43 2.53 7.10 3.32
N ILE A 44 2.08 6.70 2.17
CA ILE A 44 2.44 7.42 0.92
C ILE A 44 1.44 8.55 0.67
N ARG A 45 1.89 9.78 0.73
CA ARG A 45 0.97 10.92 0.50
C ARG A 45 0.81 11.16 -0.99
N SER A 46 1.89 11.22 -1.73
CA SER A 46 1.79 11.45 -3.20
C SER A 46 2.82 10.59 -3.92
N VAL A 47 2.60 10.31 -5.18
CA VAL A 47 3.57 9.47 -5.94
C VAL A 47 4.01 10.22 -7.20
N THR A 48 5.28 10.20 -7.51
CA THR A 48 5.76 10.91 -8.73
C THR A 48 6.85 10.09 -9.41
N GLY A 49 6.69 9.79 -10.67
CA GLY A 49 7.72 8.99 -11.39
C GLY A 49 8.17 7.82 -10.51
N GLY A 50 9.45 7.70 -10.29
CA GLY A 50 9.95 6.58 -9.44
C GLY A 50 10.11 7.07 -8.00
N MET A 51 10.10 8.36 -7.79
CA MET A 51 10.25 8.90 -6.41
C MET A 51 8.86 9.26 -5.87
N CYS A 52 8.53 8.77 -4.70
CA CYS A 52 7.20 9.09 -4.12
C CYS A 52 7.38 9.74 -2.74
N SER A 53 6.34 10.29 -2.19
CA SER A 53 6.44 10.93 -0.85
C SER A 53 5.81 10.01 0.20
N VAL A 54 6.55 9.66 1.22
CA VAL A 54 5.99 8.76 2.26
C VAL A 54 6.13 9.41 3.64
N TYR A 55 5.09 9.38 4.43
CA TYR A 55 5.16 9.99 5.79
C TYR A 55 5.51 8.89 6.80
N LEU A 56 6.55 9.08 7.57
CA LEU A 56 6.93 8.04 8.56
C LEU A 56 6.17 8.28 9.88
N LYS A 57 5.32 7.37 10.25
CA LYS A 57 4.55 7.54 11.52
C LYS A 57 5.53 7.68 12.70
N ASP A 58 6.56 6.87 12.73
CA ASP A 58 7.53 6.96 13.86
C ASP A 58 8.27 8.31 13.79
N SER A 59 8.75 8.69 12.65
CA SER A 59 9.48 9.98 12.53
C SER A 59 8.48 11.14 12.64
N GLU A 60 7.22 10.87 12.44
CA GLU A 60 6.19 11.94 12.54
C GLU A 60 6.52 13.04 11.51
N LYS A 61 7.36 12.75 10.56
CA LYS A 61 7.70 13.77 9.53
C LYS A 61 7.40 13.20 8.14
N VAL A 62 7.72 13.94 7.12
CA VAL A 62 7.46 13.44 5.73
C VAL A 62 8.78 13.28 4.99
N VAL A 63 8.93 12.18 4.29
CA VAL A 63 10.20 11.94 3.54
C VAL A 63 9.88 11.28 2.20
N SER A 64 10.73 11.49 1.22
CA SER A 64 10.48 10.88 -0.12
C SER A 64 11.24 9.56 -0.22
N ILE A 65 10.58 8.50 -0.61
CA ILE A 65 11.28 7.19 -0.73
C ILE A 65 11.09 6.64 -2.14
N SER A 66 12.15 6.13 -2.72
CA SER A 66 12.04 5.59 -4.11
C SER A 66 11.34 4.22 -4.06
N SER A 67 10.64 3.87 -5.10
CA SER A 67 9.94 2.56 -5.11
C SER A 67 10.95 1.44 -4.90
N GLU A 68 12.18 1.63 -5.31
CA GLU A 68 13.22 0.58 -5.13
C GLU A 68 13.43 0.33 -3.64
N HIS A 69 13.17 1.31 -2.82
CA HIS A 69 13.36 1.12 -1.35
C HIS A 69 12.01 1.20 -0.64
N LEU A 70 10.93 1.11 -1.39
CA LEU A 70 9.59 1.18 -0.75
C LEU A 70 8.99 -0.22 -0.66
N GLU A 71 8.25 -0.50 0.38
CA GLU A 71 7.64 -1.84 0.53
C GLU A 71 6.17 -1.69 0.91
N PRO A 72 5.27 -2.33 0.15
CA PRO A 72 3.83 -2.27 0.39
C PRO A 72 3.44 -3.05 1.66
N ILE A 73 2.40 -2.63 2.32
CA ILE A 73 1.96 -3.35 3.56
C ILE A 73 0.71 -4.17 3.24
N THR A 74 0.70 -5.41 3.68
CA THR A 74 -0.49 -6.27 3.41
C THR A 74 -1.61 -5.93 4.40
N PRO A 75 -2.83 -5.70 3.87
CA PRO A 75 -4.00 -5.36 4.70
C PRO A 75 -4.48 -6.56 5.52
N THR A 76 -5.02 -6.32 6.68
CA THR A 76 -5.52 -7.43 7.53
C THR A 76 -7.02 -7.58 7.35
N LYS A 77 -7.58 -8.69 7.77
CA LYS A 77 -9.05 -8.89 7.62
C LYS A 77 -9.79 -7.74 8.29
N ASN A 78 -10.95 -7.39 7.80
CA ASN A 78 -11.72 -6.29 8.43
C ASN A 78 -10.92 -4.98 8.34
N ASN A 79 -9.96 -4.93 7.46
CA ASN A 79 -9.14 -3.70 7.33
C ASN A 79 -9.44 -3.02 5.99
N LYS A 80 -9.13 -1.76 5.86
CA LYS A 80 -9.40 -1.06 4.58
C LYS A 80 -8.28 -1.36 3.60
N VAL A 81 -8.62 -1.74 2.39
CA VAL A 81 -7.58 -2.06 1.38
C VAL A 81 -7.79 -1.20 0.14
N LYS A 82 -6.75 -0.90 -0.59
CA LYS A 82 -6.90 -0.06 -1.81
C LYS A 82 -6.26 -0.77 -3.00
N VAL A 83 -7.03 -1.06 -4.01
CA VAL A 83 -6.47 -1.75 -5.21
C VAL A 83 -5.24 -0.97 -5.70
N ILE A 84 -4.08 -1.53 -5.57
CA ILE A 84 -2.85 -0.82 -6.03
C ILE A 84 -2.54 -1.24 -7.48
N LEU A 85 -3.22 -2.22 -7.99
CA LEU A 85 -2.96 -2.66 -9.39
C LEU A 85 -4.28 -3.01 -10.07
N GLY A 86 -4.35 -2.87 -11.37
CA GLY A 86 -5.61 -3.19 -12.08
C GLY A 86 -6.33 -1.90 -12.46
N GLU A 87 -7.39 -1.99 -13.22
CA GLU A 87 -8.14 -0.77 -13.62
C GLU A 87 -8.85 -0.17 -12.40
N ASP A 88 -9.12 -0.99 -11.42
CA ASP A 88 -9.82 -0.48 -10.20
C ASP A 88 -8.83 0.29 -9.34
N ARG A 89 -7.57 0.26 -9.67
CA ARG A 89 -6.54 0.99 -8.88
C ARG A 89 -7.13 2.30 -8.35
N GLU A 90 -6.62 2.78 -7.25
CA GLU A 90 -7.14 4.04 -6.67
C GLU A 90 -8.52 3.79 -6.04
N ALA A 91 -8.97 2.57 -6.05
CA ALA A 91 -10.31 2.27 -5.45
C ALA A 91 -10.11 1.81 -4.01
N THR A 92 -11.03 2.16 -3.14
CA THR A 92 -10.91 1.73 -1.72
C THR A 92 -11.98 0.69 -1.40
N GLY A 93 -11.74 -0.15 -0.43
CA GLY A 93 -12.75 -1.18 -0.07
C GLY A 93 -12.29 -1.94 1.17
N VAL A 94 -13.18 -2.68 1.78
CA VAL A 94 -12.81 -3.45 3.00
C VAL A 94 -12.50 -4.90 2.61
N LEU A 95 -11.55 -5.51 3.28
CA LEU A 95 -11.21 -6.92 2.95
C LEU A 95 -12.04 -7.87 3.82
N LEU A 96 -12.95 -8.59 3.23
CA LEU A 96 -13.79 -9.52 4.03
C LEU A 96 -12.93 -10.67 4.57
N SER A 97 -11.94 -11.07 3.84
CA SER A 97 -11.07 -12.18 4.32
C SER A 97 -10.04 -12.53 3.24
N ILE A 98 -9.42 -13.68 3.35
CA ILE A 98 -8.40 -14.09 2.35
C ILE A 98 -8.42 -15.62 2.21
N ASP A 99 -8.20 -16.12 1.02
CA ASP A 99 -8.21 -17.60 0.83
C ASP A 99 -6.90 -18.05 0.19
N GLY A 100 -6.01 -18.64 0.93
CA GLY A 100 -4.73 -19.11 0.35
C GLY A 100 -4.01 -17.93 -0.33
N GLU A 101 -3.80 -18.01 -1.61
CA GLU A 101 -3.12 -16.90 -2.32
C GLU A 101 -4.15 -15.87 -2.79
N ASP A 102 -5.37 -16.31 -3.00
CA ASP A 102 -6.43 -15.36 -3.46
C ASP A 102 -7.08 -14.70 -2.24
N GLY A 103 -6.98 -13.41 -2.14
CA GLY A 103 -7.59 -12.70 -0.97
C GLY A 103 -8.95 -12.12 -1.37
N ILE A 104 -10.00 -12.51 -0.69
CA ILE A 104 -11.35 -11.98 -1.03
C ILE A 104 -11.50 -10.58 -0.43
N VAL A 105 -11.82 -9.61 -1.22
CA VAL A 105 -11.98 -8.23 -0.69
C VAL A 105 -13.39 -7.71 -1.01
N ARG A 106 -13.94 -6.90 -0.15
CA ARG A 106 -15.30 -6.36 -0.41
C ARG A 106 -15.18 -4.86 -0.74
N MET A 107 -15.68 -4.46 -1.89
CA MET A 107 -15.58 -3.02 -2.25
C MET A 107 -16.62 -2.22 -1.47
N ASP A 108 -16.19 -1.21 -0.78
CA ASP A 108 -17.14 -0.38 0.01
C ASP A 108 -17.93 0.53 -0.95
N LEU A 109 -17.35 0.87 -2.06
CA LEU A 109 -18.05 1.74 -3.04
C LEU A 109 -19.38 1.10 -3.44
N ASP A 110 -19.35 -0.12 -3.89
CA ASP A 110 -20.62 -0.79 -4.30
C ASP A 110 -20.97 -1.88 -3.27
N GLU A 111 -20.12 -2.10 -2.31
CA GLU A 111 -20.42 -3.14 -1.28
C GLU A 111 -20.51 -4.51 -1.94
N GLN A 112 -20.11 -4.61 -3.19
CA GLN A 112 -20.18 -5.92 -3.89
C GLN A 112 -18.99 -6.78 -3.48
N LEU A 113 -19.17 -8.07 -3.41
CA LEU A 113 -18.04 -8.96 -3.02
C LEU A 113 -17.15 -9.22 -4.23
N LYS A 114 -15.86 -9.12 -4.06
CA LYS A 114 -14.94 -9.36 -5.20
C LYS A 114 -13.65 -10.03 -4.70
N ILE A 115 -13.06 -10.87 -5.48
CA ILE A 115 -11.81 -11.55 -5.04
C ILE A 115 -10.61 -10.86 -5.68
N LEU A 116 -9.58 -10.61 -4.92
CA LEU A 116 -8.38 -9.93 -5.49
C LEU A 116 -7.11 -10.51 -4.85
N ASN A 117 -6.06 -10.68 -5.61
CA ASN A 117 -4.81 -11.24 -5.05
C ASN A 117 -4.18 -10.21 -4.08
N LEU A 118 -3.65 -10.67 -2.99
CA LEU A 118 -3.02 -9.73 -2.01
C LEU A 118 -1.93 -8.93 -2.71
N ARG A 119 -1.36 -9.47 -3.75
CA ARG A 119 -0.28 -8.74 -4.47
C ARG A 119 -0.83 -7.42 -5.02
N PHE A 120 -2.12 -7.33 -5.18
CA PHE A 120 -2.71 -6.07 -5.72
C PHE A 120 -3.53 -5.39 -4.62
N LEU A 121 -3.50 -5.90 -3.43
CA LEU A 121 -4.27 -5.27 -2.32
C LEU A 121 -3.33 -4.50 -1.40
N GLY A 122 -3.54 -3.22 -1.26
CA GLY A 122 -2.65 -2.42 -0.36
C GLY A 122 -3.41 -2.07 0.92
N LYS A 123 -2.73 -1.96 2.03
CA LYS A 123 -3.42 -1.62 3.30
C LYS A 123 -3.68 -0.10 3.35
N LEU A 124 -4.91 0.29 3.51
CA LEU A 124 -5.22 1.74 3.57
C LEU A 124 -5.21 2.21 5.03
N LEU A 125 -4.76 3.41 5.28
CA LEU A 125 -4.72 3.91 6.68
C LEU A 125 -6.15 4.21 7.15
N GLU A 126 -6.50 3.78 8.32
CA GLU A 126 -7.88 4.04 8.84
C GLU A 126 -7.85 5.25 9.77
N ALA A 127 -8.86 6.08 9.72
CA ALA A 127 -8.89 7.27 10.60
C ALA A 127 -9.54 6.90 11.94
N GLN A 14 7.93 -4.57 -5.98
CA GLN A 14 9.17 -4.31 -6.75
C GLN A 14 9.06 -4.95 -8.13
N ASN A 15 9.01 -6.25 -8.21
CA ASN A 15 8.89 -6.92 -9.53
C ASN A 15 7.62 -6.45 -10.23
N SER A 16 6.59 -6.12 -9.47
CA SER A 16 5.33 -5.65 -10.10
C SER A 16 5.55 -4.28 -10.74
N SER A 17 4.80 -3.96 -11.75
CA SER A 17 4.96 -2.64 -12.41
C SER A 17 3.74 -1.76 -12.12
N ASP A 18 3.87 -0.48 -12.30
CA ASP A 18 2.71 0.42 -12.04
C ASP A 18 1.97 -0.01 -10.77
N TRP A 19 2.70 -0.19 -9.69
CA TRP A 19 2.04 -0.62 -8.43
C TRP A 19 2.28 0.43 -7.35
N VAL A 20 2.26 1.68 -7.72
CA VAL A 20 2.49 2.76 -6.71
C VAL A 20 1.17 3.47 -6.41
N THR A 21 0.69 3.35 -5.20
CA THR A 21 -0.59 4.01 -4.84
C THR A 21 -0.38 4.89 -3.61
N THR A 22 -1.13 5.95 -3.48
CA THR A 22 -0.96 6.84 -2.30
C THR A 22 -1.98 6.47 -1.23
N ASP A 23 -1.83 7.01 -0.04
CA ASP A 23 -2.79 6.69 1.05
C ASP A 23 -2.57 5.25 1.54
N ILE A 24 -1.61 4.57 0.99
CA ILE A 24 -1.34 3.17 1.42
C ILE A 24 -0.19 3.16 2.43
N GLN A 25 -0.12 2.15 3.26
CA GLN A 25 0.98 2.08 4.26
C GLN A 25 2.12 1.24 3.70
N VAL A 26 3.33 1.72 3.82
CA VAL A 26 4.49 0.95 3.29
C VAL A 26 5.60 0.91 4.33
N LYS A 27 6.57 0.06 4.16
CA LYS A 27 7.69 -0.01 5.14
C LYS A 27 9.02 0.30 4.44
N VAL A 28 10.01 0.74 5.16
CA VAL A 28 11.32 1.06 4.53
C VAL A 28 12.24 -0.15 4.64
N ARG A 29 12.82 -0.56 3.54
CA ARG A 29 13.73 -1.74 3.58
C ARG A 29 15.00 -1.36 4.36
N ASP A 30 15.66 -2.34 4.92
CA ASP A 30 16.90 -2.04 5.70
C ASP A 30 17.98 -1.50 4.75
N THR A 31 17.77 -1.64 3.47
CA THR A 31 18.78 -1.13 2.50
C THR A 31 18.63 0.38 2.34
N TYR A 32 17.65 0.96 2.98
CA TYR A 32 17.44 2.43 2.86
C TYR A 32 18.68 3.17 3.39
N LEU A 33 19.01 4.29 2.82
CA LEU A 33 20.20 5.04 3.29
C LEU A 33 19.95 5.55 4.72
N ASP A 34 18.76 6.02 4.98
CA ASP A 34 18.45 6.53 6.35
C ASP A 34 18.24 5.35 7.30
N THR A 35 19.22 5.04 8.10
CA THR A 35 19.07 3.90 9.05
C THR A 35 18.03 4.25 10.11
N GLN A 36 17.78 5.52 10.32
CA GLN A 36 16.77 5.93 11.34
C GLN A 36 15.37 5.59 10.82
N VAL A 37 15.21 5.46 9.53
CA VAL A 37 13.87 5.13 8.97
C VAL A 37 13.83 3.67 8.55
N VAL A 38 14.89 2.94 8.81
CA VAL A 38 14.91 1.50 8.44
C VAL A 38 13.90 0.73 9.30
N GLY A 39 13.03 -0.01 8.68
CA GLY A 39 12.02 -0.78 9.46
C GLY A 39 10.94 0.18 9.98
N GLN A 40 10.79 1.31 9.38
CA GLN A 40 9.76 2.28 9.84
C GLN A 40 8.56 2.24 8.89
N THR A 41 7.38 2.41 9.42
CA THR A 41 6.16 2.37 8.56
C THR A 41 5.66 3.80 8.32
N GLY A 42 5.19 4.08 7.14
CA GLY A 42 4.70 5.46 6.85
C GLY A 42 3.58 5.40 5.80
N VAL A 43 3.16 6.53 5.32
CA VAL A 43 2.08 6.54 4.29
C VAL A 43 2.58 7.25 3.03
N ILE A 44 2.16 6.79 1.88
CA ILE A 44 2.61 7.43 0.62
C ILE A 44 1.65 8.58 0.25
N ARG A 45 2.16 9.78 0.18
CA ARG A 45 1.28 10.93 -0.17
C ARG A 45 1.34 11.18 -1.69
N SER A 46 2.52 11.28 -2.22
CA SER A 46 2.65 11.53 -3.69
C SER A 46 3.73 10.60 -4.27
N VAL A 47 3.58 10.21 -5.51
CA VAL A 47 4.59 9.31 -6.12
C VAL A 47 5.15 9.95 -7.39
N THR A 48 6.40 9.70 -7.69
CA THR A 48 7.00 10.30 -8.93
C THR A 48 7.85 9.24 -9.63
N GLY A 49 7.77 9.19 -10.93
CA GLY A 49 8.58 8.18 -11.68
C GLY A 49 10.00 8.13 -11.12
N GLY A 50 10.53 9.25 -10.71
CA GLY A 50 11.91 9.25 -10.15
C GLY A 50 11.88 8.70 -8.72
N MET A 51 10.94 9.13 -7.93
CA MET A 51 10.86 8.64 -6.53
C MET A 51 9.45 8.91 -5.98
N CYS A 52 9.14 8.33 -4.85
CA CYS A 52 7.78 8.56 -4.26
C CYS A 52 7.92 9.25 -2.91
N SER A 53 6.86 9.83 -2.42
CA SER A 53 6.92 10.52 -1.10
C SER A 53 6.29 9.64 -0.04
N VAL A 54 6.96 9.44 1.07
CA VAL A 54 6.39 8.58 2.14
C VAL A 54 6.42 9.32 3.48
N TYR A 55 5.32 9.33 4.18
CA TYR A 55 5.27 10.02 5.50
C TYR A 55 5.48 8.97 6.60
N LEU A 56 6.55 9.06 7.33
CA LEU A 56 6.81 8.07 8.41
C LEU A 56 5.99 8.43 9.65
N LYS A 57 5.04 7.60 10.01
CA LYS A 57 4.22 7.90 11.21
C LYS A 57 5.12 8.04 12.44
N ASP A 58 6.12 7.20 12.55
CA ASP A 58 7.04 7.29 13.72
C ASP A 58 7.80 8.61 13.69
N SER A 59 8.34 8.97 12.56
CA SER A 59 9.09 10.25 12.47
C SER A 59 8.11 11.42 12.32
N GLU A 60 6.94 11.15 11.81
CA GLU A 60 5.92 12.23 11.64
C GLU A 60 6.37 13.18 10.53
N LYS A 61 7.46 12.88 9.87
CA LYS A 61 7.94 13.78 8.78
C LYS A 61 7.67 13.13 7.43
N VAL A 62 8.10 13.75 6.36
CA VAL A 62 7.89 13.17 5.01
C VAL A 62 9.23 12.92 4.34
N VAL A 63 9.40 11.78 3.72
CA VAL A 63 10.70 11.49 3.04
C VAL A 63 10.43 10.83 1.69
N SER A 64 11.28 11.05 0.73
CA SER A 64 11.08 10.42 -0.61
C SER A 64 11.89 9.12 -0.69
N ILE A 65 11.25 8.03 -1.00
CA ILE A 65 11.99 6.74 -1.10
C ILE A 65 11.72 6.10 -2.47
N SER A 66 12.72 5.51 -3.06
CA SER A 66 12.53 4.87 -4.39
C SER A 66 11.84 3.52 -4.20
N SER A 67 11.08 3.09 -5.18
CA SER A 67 10.39 1.78 -5.06
C SER A 67 11.42 0.69 -4.70
N GLU A 68 12.64 0.87 -5.11
CA GLU A 68 13.68 -0.15 -4.80
C GLU A 68 13.85 -0.26 -3.29
N HIS A 69 13.47 0.74 -2.56
CA HIS A 69 13.62 0.69 -1.07
C HIS A 69 12.24 0.86 -0.43
N LEU A 70 11.19 0.79 -1.21
CA LEU A 70 9.83 0.94 -0.64
C LEU A 70 9.16 -0.43 -0.52
N GLU A 71 8.36 -0.63 0.48
CA GLU A 71 7.67 -1.94 0.65
C GLU A 71 6.22 -1.71 1.08
N PRO A 72 5.27 -2.27 0.31
CA PRO A 72 3.84 -2.14 0.60
C PRO A 72 3.43 -2.91 1.85
N ILE A 73 2.36 -2.52 2.49
CA ILE A 73 1.92 -3.25 3.71
C ILE A 73 0.70 -4.11 3.37
N THR A 74 0.76 -5.38 3.64
CA THR A 74 -0.39 -6.26 3.32
C THR A 74 -1.56 -5.95 4.27
N PRO A 75 -2.75 -5.77 3.70
CA PRO A 75 -3.96 -5.46 4.49
C PRO A 75 -4.44 -6.67 5.30
N THR A 76 -4.95 -6.43 6.48
CA THR A 76 -5.44 -7.57 7.32
C THR A 76 -6.96 -7.64 7.24
N LYS A 77 -7.52 -8.74 7.65
CA LYS A 77 -9.01 -8.88 7.60
C LYS A 77 -9.66 -7.70 8.34
N ASN A 78 -10.85 -7.35 7.96
CA ASN A 78 -11.54 -6.21 8.64
C ASN A 78 -10.75 -4.92 8.41
N ASN A 79 -9.82 -4.93 7.49
CA ASN A 79 -9.02 -3.71 7.22
C ASN A 79 -9.39 -3.15 5.84
N LYS A 80 -9.15 -1.88 5.62
CA LYS A 80 -9.48 -1.29 4.30
C LYS A 80 -8.29 -1.45 3.35
N VAL A 81 -8.56 -1.71 2.10
CA VAL A 81 -7.44 -1.89 1.13
C VAL A 81 -7.68 -1.00 -0.09
N LYS A 82 -6.63 -0.65 -0.80
CA LYS A 82 -6.81 0.22 -2.00
C LYS A 82 -6.23 -0.48 -3.23
N VAL A 83 -7.03 -0.69 -4.23
CA VAL A 83 -6.52 -1.36 -5.47
C VAL A 83 -5.34 -0.57 -6.03
N ILE A 84 -4.15 -1.08 -5.89
CA ILE A 84 -2.97 -0.35 -6.41
C ILE A 84 -2.74 -0.73 -7.87
N LEU A 85 -3.48 -1.68 -8.38
CA LEU A 85 -3.30 -2.10 -9.80
C LEU A 85 -4.66 -2.44 -10.41
N GLY A 86 -4.76 -2.41 -11.71
CA GLY A 86 -6.05 -2.74 -12.37
C GLY A 86 -6.78 -1.44 -12.73
N GLU A 87 -7.86 -1.55 -13.46
CA GLU A 87 -8.61 -0.32 -13.85
C GLU A 87 -9.31 0.26 -12.61
N ASP A 88 -9.51 -0.55 -11.60
CA ASP A 88 -10.18 -0.04 -10.37
C ASP A 88 -9.15 0.66 -9.48
N ARG A 89 -7.97 0.87 -9.98
CA ARG A 89 -6.92 1.55 -9.17
C ARG A 89 -7.54 2.73 -8.42
N GLU A 90 -7.01 3.08 -7.29
CA GLU A 90 -7.57 4.23 -6.52
C GLU A 90 -8.90 3.82 -5.89
N ALA A 91 -9.26 2.57 -6.00
CA ALA A 91 -10.55 2.12 -5.40
C ALA A 91 -10.31 1.62 -3.97
N THR A 92 -11.21 1.90 -3.08
CA THR A 92 -11.04 1.45 -1.67
C THR A 92 -12.02 0.32 -1.37
N GLY A 93 -11.71 -0.51 -0.42
CA GLY A 93 -12.64 -1.64 -0.08
C GLY A 93 -12.21 -2.26 1.24
N VAL A 94 -13.01 -3.16 1.77
CA VAL A 94 -12.65 -3.80 3.07
C VAL A 94 -12.33 -5.28 2.83
N LEU A 95 -11.40 -5.82 3.56
CA LEU A 95 -11.05 -7.26 3.38
C LEU A 95 -11.87 -8.11 4.36
N LEU A 96 -12.41 -9.20 3.90
CA LEU A 96 -13.23 -10.06 4.79
C LEU A 96 -12.65 -11.49 4.80
N SER A 97 -12.01 -11.88 3.72
CA SER A 97 -11.43 -13.26 3.66
C SER A 97 -10.19 -13.25 2.77
N ILE A 98 -9.33 -14.21 2.93
CA ILE A 98 -8.10 -14.26 2.09
C ILE A 98 -7.65 -15.72 1.95
N ASP A 99 -7.11 -16.07 0.80
CA ASP A 99 -6.65 -17.48 0.60
C ASP A 99 -5.35 -17.48 -0.19
N GLY A 100 -4.27 -17.87 0.41
CA GLY A 100 -2.97 -17.92 -0.31
C GLY A 100 -2.51 -16.49 -0.64
N GLU A 101 -2.41 -16.16 -1.90
CA GLU A 101 -1.97 -14.79 -2.28
C GLU A 101 -3.21 -13.94 -2.57
N ASP A 102 -4.31 -14.57 -2.89
CA ASP A 102 -5.55 -13.80 -3.18
C ASP A 102 -6.65 -14.25 -2.22
N GLY A 103 -7.83 -13.70 -2.35
CA GLY A 103 -8.93 -14.11 -1.44
C GLY A 103 -10.21 -13.34 -1.79
N ILE A 104 -11.28 -13.62 -1.09
CA ILE A 104 -12.56 -12.91 -1.38
C ILE A 104 -12.51 -11.54 -0.72
N VAL A 105 -12.68 -10.50 -1.50
CA VAL A 105 -12.64 -9.13 -0.92
C VAL A 105 -14.00 -8.46 -1.14
N ARG A 106 -14.45 -7.67 -0.20
CA ARG A 106 -15.76 -6.99 -0.36
C ARG A 106 -15.55 -5.48 -0.47
N MET A 107 -15.97 -4.90 -1.57
CA MET A 107 -15.80 -3.43 -1.75
C MET A 107 -16.84 -2.69 -0.91
N ASP A 108 -16.43 -1.68 -0.19
CA ASP A 108 -17.40 -0.91 0.63
C ASP A 108 -18.25 -0.01 -0.27
N LEU A 109 -17.85 0.17 -1.49
CA LEU A 109 -18.62 1.03 -2.43
C LEU A 109 -19.96 0.37 -2.75
N ASP A 110 -19.96 -0.86 -3.17
CA ASP A 110 -21.24 -1.53 -3.50
C ASP A 110 -21.55 -2.62 -2.46
N GLU A 111 -20.69 -2.79 -1.49
CA GLU A 111 -20.95 -3.83 -0.45
C GLU A 111 -21.07 -5.21 -1.11
N GLN A 112 -20.68 -5.32 -2.35
CA GLN A 112 -20.76 -6.63 -3.05
C GLN A 112 -19.48 -7.43 -2.80
N LEU A 113 -19.56 -8.72 -2.90
CA LEU A 113 -18.34 -9.56 -2.68
C LEU A 113 -17.54 -9.65 -3.97
N LYS A 114 -16.23 -9.56 -3.88
CA LYS A 114 -15.39 -9.64 -5.11
C LYS A 114 -14.04 -10.25 -4.76
N ILE A 115 -13.66 -11.32 -5.43
CA ILE A 115 -12.36 -11.96 -5.14
C ILE A 115 -11.23 -11.14 -5.77
N LEU A 116 -10.22 -10.80 -5.02
CA LEU A 116 -9.10 -10.01 -5.59
C LEU A 116 -7.78 -10.45 -4.97
N ASN A 117 -6.71 -10.38 -5.71
CA ASN A 117 -5.38 -10.80 -5.16
C ASN A 117 -4.84 -9.69 -4.26
N LEU A 118 -4.13 -10.05 -3.23
CA LEU A 118 -3.57 -9.01 -2.31
C LEU A 118 -2.44 -8.26 -3.02
N ARG A 119 -1.89 -8.84 -4.05
CA ARG A 119 -0.78 -8.16 -4.78
C ARG A 119 -1.31 -6.87 -5.41
N PHE A 120 -2.59 -6.78 -5.64
CA PHE A 120 -3.15 -5.54 -6.24
C PHE A 120 -3.90 -4.74 -5.18
N LEU A 121 -3.78 -5.12 -3.94
CA LEU A 121 -4.49 -4.39 -2.85
C LEU A 121 -3.49 -3.94 -1.80
N GLY A 122 -3.37 -2.65 -1.57
CA GLY A 122 -2.42 -2.16 -0.53
C GLY A 122 -3.18 -1.90 0.76
N LYS A 123 -2.48 -1.83 1.87
CA LYS A 123 -3.17 -1.58 3.16
C LYS A 123 -3.38 -0.08 3.35
N LEU A 124 -4.59 0.32 3.61
CA LEU A 124 -4.87 1.77 3.81
C LEU A 124 -5.13 2.05 5.29
N LEU A 125 -4.55 3.08 5.82
CA LEU A 125 -4.76 3.41 7.26
C LEU A 125 -6.11 4.10 7.43
N GLU A 126 -6.86 3.72 8.44
CA GLU A 126 -8.19 4.36 8.66
C GLU A 126 -7.99 5.84 8.99
N ALA A 127 -7.01 6.16 9.77
CA ALA A 127 -6.77 7.59 10.13
C ALA A 127 -7.79 8.04 11.17
N GLN A 14 8.02 1.04 -18.20
CA GLN A 14 6.82 1.47 -18.95
C GLN A 14 5.59 1.39 -18.05
N ASN A 15 4.42 1.17 -18.61
CA ASN A 15 3.20 1.08 -17.77
C ASN A 15 3.43 0.13 -16.60
N SER A 16 4.09 -0.97 -16.85
CA SER A 16 4.36 -1.94 -15.75
C SER A 16 5.11 -1.24 -14.62
N SER A 17 5.90 -0.26 -14.94
CA SER A 17 6.65 0.46 -13.88
C SER A 17 5.67 1.16 -12.93
N ASP A 18 4.55 1.59 -13.43
CA ASP A 18 3.55 2.27 -12.56
C ASP A 18 2.85 1.23 -11.68
N TRP A 19 3.06 1.29 -10.39
CA TRP A 19 2.40 0.31 -9.48
C TRP A 19 2.24 0.93 -8.09
N VAL A 20 3.17 1.73 -7.67
CA VAL A 20 3.07 2.37 -6.33
C VAL A 20 1.71 3.07 -6.20
N THR A 21 1.14 3.06 -5.03
CA THR A 21 -0.18 3.73 -4.83
C THR A 21 -0.10 4.68 -3.65
N THR A 22 -0.90 5.72 -3.65
CA THR A 22 -0.86 6.69 -2.52
C THR A 22 -1.95 6.33 -1.50
N ASP A 23 -1.86 6.88 -0.31
CA ASP A 23 -2.89 6.58 0.73
C ASP A 23 -2.68 5.16 1.27
N ILE A 24 -1.77 4.42 0.71
CA ILE A 24 -1.55 3.03 1.20
C ILE A 24 -0.38 3.02 2.18
N GLN A 25 -0.44 2.17 3.17
CA GLN A 25 0.67 2.11 4.17
C GLN A 25 1.77 1.19 3.63
N VAL A 26 3.01 1.59 3.75
CA VAL A 26 4.12 0.74 3.24
C VAL A 26 5.30 0.82 4.21
N LYS A 27 6.31 0.02 3.99
CA LYS A 27 7.49 0.04 4.90
C LYS A 27 8.75 0.30 4.08
N VAL A 28 9.85 0.59 4.74
CA VAL A 28 11.12 0.85 4.00
C VAL A 28 11.97 -0.42 3.99
N ARG A 29 12.39 -0.86 2.84
CA ARG A 29 13.22 -2.09 2.77
C ARG A 29 14.52 -1.85 3.54
N ASP A 30 15.07 -2.88 4.13
CA ASP A 30 16.33 -2.70 4.90
C ASP A 30 17.33 -1.91 4.07
N THR A 31 17.16 -1.87 2.77
CA THR A 31 18.11 -1.11 1.92
C THR A 31 17.73 0.38 1.87
N TYR A 32 16.68 0.76 2.54
CA TYR A 32 16.28 2.20 2.51
C TYR A 32 17.52 3.07 2.70
N LEU A 33 17.66 4.09 1.91
CA LEU A 33 18.85 4.98 2.02
C LEU A 33 19.04 5.41 3.47
N ASP A 34 18.01 5.93 4.09
CA ASP A 34 18.14 6.37 5.51
C ASP A 34 17.96 5.16 6.44
N THR A 35 18.99 4.78 7.14
CA THR A 35 18.87 3.62 8.07
C THR A 35 18.07 4.04 9.30
N GLN A 36 18.08 5.30 9.63
CA GLN A 36 17.32 5.78 10.81
C GLN A 36 15.82 5.50 10.59
N VAL A 37 15.45 5.18 9.38
CA VAL A 37 14.02 4.91 9.09
C VAL A 37 13.87 3.49 8.54
N VAL A 38 14.97 2.87 8.18
CA VAL A 38 14.90 1.48 7.62
C VAL A 38 14.06 0.60 8.55
N GLY A 39 13.37 -0.36 7.99
CA GLY A 39 12.54 -1.27 8.84
C GLY A 39 11.42 -0.49 9.53
N GLN A 40 11.23 0.75 9.18
CA GLN A 40 10.14 1.54 9.83
C GLN A 40 8.92 1.59 8.91
N THR A 41 7.76 1.85 9.46
CA THR A 41 6.53 1.90 8.62
C THR A 41 6.08 3.35 8.44
N GLY A 42 5.53 3.67 7.29
CA GLY A 42 5.07 5.06 7.05
C GLY A 42 3.89 5.04 6.07
N VAL A 43 3.32 6.18 5.78
CA VAL A 43 2.17 6.22 4.84
C VAL A 43 2.58 7.00 3.58
N ILE A 44 2.09 6.61 2.43
CA ILE A 44 2.44 7.33 1.19
C ILE A 44 1.42 8.44 0.93
N ARG A 45 1.86 9.67 0.91
CA ARG A 45 0.90 10.79 0.66
C ARG A 45 0.66 10.94 -0.84
N SER A 46 1.69 10.79 -1.63
CA SER A 46 1.52 10.91 -3.11
C SER A 46 2.63 10.15 -3.82
N VAL A 47 2.50 9.94 -5.11
CA VAL A 47 3.56 9.21 -5.85
C VAL A 47 4.07 10.07 -7.00
N THR A 48 5.35 10.17 -7.16
CA THR A 48 5.91 11.00 -8.27
C THR A 48 6.77 10.13 -9.18
N GLY A 49 6.68 10.32 -10.47
CA GLY A 49 7.49 9.49 -11.41
C GLY A 49 8.96 9.56 -11.01
N GLY A 50 9.46 8.53 -10.39
CA GLY A 50 10.89 8.54 -9.97
C GLY A 50 10.98 8.47 -8.45
N MET A 51 10.21 9.27 -7.76
CA MET A 51 10.25 9.25 -6.27
C MET A 51 8.83 9.38 -5.72
N CYS A 52 8.63 9.02 -4.48
CA CYS A 52 7.27 9.11 -3.90
C CYS A 52 7.35 9.73 -2.50
N SER A 53 6.26 10.23 -1.98
CA SER A 53 6.27 10.84 -0.63
C SER A 53 5.76 9.82 0.39
N VAL A 54 6.43 9.69 1.51
CA VAL A 54 5.97 8.71 2.53
C VAL A 54 6.16 9.31 3.93
N TYR A 55 5.14 9.24 4.74
CA TYR A 55 5.25 9.79 6.12
C TYR A 55 5.61 8.66 7.08
N LEU A 56 6.67 8.80 7.82
CA LEU A 56 7.06 7.72 8.77
C LEU A 56 6.37 7.94 10.11
N LYS A 57 5.51 7.03 10.50
CA LYS A 57 4.80 7.19 11.79
C LYS A 57 5.80 7.20 12.95
N ASP A 58 6.79 6.35 12.91
CA ASP A 58 7.79 6.32 14.01
C ASP A 58 8.55 7.64 14.05
N SER A 59 8.99 8.12 12.91
CA SER A 59 9.74 9.41 12.88
C SER A 59 8.74 10.58 12.91
N GLU A 60 7.52 10.33 12.53
CA GLU A 60 6.50 11.41 12.54
C GLU A 60 6.91 12.52 11.56
N LYS A 61 7.91 12.27 10.75
CA LYS A 61 8.35 13.31 9.78
C LYS A 61 7.98 12.89 8.37
N VAL A 62 8.18 13.74 7.40
CA VAL A 62 7.83 13.38 6.00
C VAL A 62 9.11 13.19 5.19
N VAL A 63 9.21 12.12 4.46
CA VAL A 63 10.43 11.87 3.64
C VAL A 63 10.03 11.26 2.30
N SER A 64 10.83 11.46 1.27
CA SER A 64 10.50 10.89 -0.05
C SER A 64 11.29 9.60 -0.27
N ILE A 65 10.62 8.53 -0.64
CA ILE A 65 11.34 7.25 -0.87
C ILE A 65 11.04 6.73 -2.27
N SER A 66 12.03 6.20 -2.94
CA SER A 66 11.80 5.68 -4.31
C SER A 66 10.99 4.39 -4.24
N SER A 67 10.21 4.10 -5.24
CA SER A 67 9.39 2.86 -5.23
C SER A 67 10.31 1.64 -5.10
N GLU A 68 11.52 1.75 -5.61
CA GLU A 68 12.46 0.60 -5.52
C GLU A 68 12.84 0.36 -4.06
N HIS A 69 12.68 1.36 -3.22
CA HIS A 69 13.03 1.19 -1.78
C HIS A 69 11.75 1.13 -0.94
N LEU A 70 10.62 1.12 -1.58
CA LEU A 70 9.34 1.08 -0.82
C LEU A 70 8.69 -0.29 -0.99
N GLU A 71 8.03 -0.79 0.02
CA GLU A 71 7.36 -2.11 -0.09
C GLU A 71 5.92 -2.00 0.39
N PRO A 72 4.98 -2.65 -0.32
CA PRO A 72 3.56 -2.63 0.03
C PRO A 72 3.29 -3.42 1.31
N ILE A 73 2.30 -3.02 2.07
CA ILE A 73 2.00 -3.74 3.34
C ILE A 73 0.65 -4.46 3.20
N THR A 74 0.60 -5.70 3.59
CA THR A 74 -0.69 -6.46 3.49
C THR A 74 -1.72 -5.86 4.44
N PRO A 75 -2.98 -5.76 3.98
CA PRO A 75 -4.08 -5.22 4.79
C PRO A 75 -4.45 -6.15 5.95
N THR A 76 -5.61 -5.97 6.52
CA THR A 76 -6.04 -6.84 7.65
C THR A 76 -7.56 -6.87 7.72
N LYS A 77 -8.12 -7.92 8.24
CA LYS A 77 -9.61 -8.01 8.35
C LYS A 77 -10.16 -6.71 8.92
N ASN A 78 -11.29 -6.28 8.46
CA ASN A 78 -11.89 -5.02 8.99
C ASN A 78 -10.98 -3.84 8.65
N ASN A 79 -10.07 -4.03 7.72
CA ASN A 79 -9.15 -2.91 7.34
C ASN A 79 -9.48 -2.43 5.93
N LYS A 80 -9.16 -1.20 5.63
CA LYS A 80 -9.45 -0.68 4.27
C LYS A 80 -8.32 -1.06 3.31
N VAL A 81 -8.64 -1.46 2.12
CA VAL A 81 -7.58 -1.85 1.15
C VAL A 81 -7.79 -1.07 -0.16
N LYS A 82 -6.74 -0.86 -0.90
CA LYS A 82 -6.87 -0.11 -2.19
C LYS A 82 -6.17 -0.88 -3.30
N VAL A 83 -6.76 -0.93 -4.46
CA VAL A 83 -6.14 -1.67 -5.59
C VAL A 83 -4.94 -0.86 -6.12
N ILE A 84 -3.76 -1.39 -5.98
CA ILE A 84 -2.55 -0.65 -6.46
C ILE A 84 -2.24 -1.09 -7.90
N LEU A 85 -2.87 -2.13 -8.36
CA LEU A 85 -2.61 -2.61 -9.75
C LEU A 85 -3.89 -3.15 -10.36
N GLY A 86 -3.96 -3.24 -11.65
CA GLY A 86 -5.19 -3.76 -12.30
C GLY A 86 -6.10 -2.60 -12.70
N GLU A 87 -7.07 -2.84 -13.53
CA GLU A 87 -8.00 -1.74 -13.95
C GLU A 87 -8.71 -1.18 -12.72
N ASP A 88 -8.80 -1.95 -11.67
CA ASP A 88 -9.49 -1.45 -10.45
C ASP A 88 -8.54 -0.57 -9.64
N ARG A 89 -7.38 -0.28 -10.18
CA ARG A 89 -6.40 0.57 -9.44
C ARG A 89 -7.09 1.88 -9.02
N GLU A 90 -6.60 2.51 -7.99
CA GLU A 90 -7.22 3.78 -7.53
C GLU A 90 -8.56 3.49 -6.87
N ALA A 91 -8.91 2.24 -6.73
CA ALA A 91 -10.21 1.89 -6.09
C ALA A 91 -9.95 1.47 -4.64
N THR A 92 -10.84 1.84 -3.74
CA THR A 92 -10.65 1.47 -2.31
C THR A 92 -11.76 0.51 -1.89
N GLY A 93 -11.57 -0.19 -0.80
CA GLY A 93 -12.62 -1.14 -0.33
C GLY A 93 -12.20 -1.73 1.02
N VAL A 94 -13.08 -2.46 1.65
CA VAL A 94 -12.73 -3.06 2.97
C VAL A 94 -12.50 -4.57 2.81
N LEU A 95 -11.58 -5.12 3.55
CA LEU A 95 -11.32 -6.58 3.44
C LEU A 95 -12.23 -7.34 4.40
N LEU A 96 -12.84 -8.40 3.95
CA LEU A 96 -13.74 -9.18 4.85
C LEU A 96 -13.12 -10.56 5.12
N SER A 97 -12.32 -11.06 4.22
CA SER A 97 -11.69 -12.39 4.43
C SER A 97 -10.47 -12.54 3.51
N ILE A 98 -9.72 -13.58 3.70
CA ILE A 98 -8.52 -13.78 2.83
C ILE A 98 -8.21 -15.28 2.71
N ASP A 99 -7.77 -15.72 1.56
CA ASP A 99 -7.47 -17.16 1.38
C ASP A 99 -5.95 -17.35 1.34
N GLY A 100 -5.44 -18.27 2.11
CA GLY A 100 -3.97 -18.51 2.12
C GLY A 100 -3.40 -18.41 0.70
N GLU A 101 -4.21 -18.66 -0.30
CA GLU A 101 -3.71 -18.57 -1.70
C GLU A 101 -4.12 -17.24 -2.32
N ASP A 102 -5.26 -16.72 -1.94
CA ASP A 102 -5.70 -15.42 -2.52
C ASP A 102 -6.27 -14.54 -1.40
N GLY A 103 -6.61 -13.31 -1.72
CA GLY A 103 -7.16 -12.41 -0.67
C GLY A 103 -8.54 -11.90 -1.12
N ILE A 104 -9.58 -12.39 -0.52
CA ILE A 104 -10.94 -11.92 -0.91
C ILE A 104 -11.23 -10.57 -0.26
N VAL A 105 -11.68 -9.61 -1.03
CA VAL A 105 -11.97 -8.27 -0.46
C VAL A 105 -13.35 -7.81 -0.92
N ARG A 106 -13.93 -6.86 -0.24
CA ARG A 106 -15.27 -6.36 -0.64
C ARG A 106 -15.17 -4.90 -1.08
N MET A 107 -15.83 -4.54 -2.14
CA MET A 107 -15.77 -3.14 -2.62
C MET A 107 -16.63 -2.25 -1.72
N ASP A 108 -16.03 -1.31 -1.05
CA ASP A 108 -16.82 -0.41 -0.16
C ASP A 108 -17.65 0.56 -1.00
N LEU A 109 -17.35 0.66 -2.27
CA LEU A 109 -18.13 1.59 -3.14
C LEU A 109 -19.48 0.96 -3.48
N ASP A 110 -19.47 -0.24 -4.01
CA ASP A 110 -20.75 -0.90 -4.37
C ASP A 110 -21.08 -2.00 -3.34
N GLU A 111 -20.26 -2.15 -2.34
CA GLU A 111 -20.52 -3.20 -1.31
C GLU A 111 -20.45 -4.58 -1.98
N GLN A 112 -19.96 -4.65 -3.18
CA GLN A 112 -19.87 -5.98 -3.87
C GLN A 112 -18.60 -6.70 -3.42
N LEU A 113 -18.63 -8.00 -3.39
CA LEU A 113 -17.41 -8.76 -2.97
C LEU A 113 -16.59 -9.14 -4.21
N LYS A 114 -15.30 -9.19 -4.06
CA LYS A 114 -14.44 -9.55 -5.23
C LYS A 114 -13.15 -10.21 -4.73
N ILE A 115 -12.59 -11.11 -5.49
CA ILE A 115 -11.33 -11.78 -5.04
C ILE A 115 -10.14 -11.10 -5.72
N LEU A 116 -9.07 -10.90 -4.99
CA LEU A 116 -7.88 -10.24 -5.59
C LEU A 116 -6.61 -10.71 -4.87
N ASN A 117 -5.54 -10.85 -5.58
CA ASN A 117 -4.27 -11.31 -4.93
C ASN A 117 -3.74 -10.22 -4.01
N LEU A 118 -3.02 -10.58 -2.98
CA LEU A 118 -2.48 -9.57 -2.04
C LEU A 118 -1.43 -8.72 -2.78
N ARG A 119 -0.93 -9.20 -3.89
CA ARG A 119 0.10 -8.42 -4.64
C ARG A 119 -0.52 -7.11 -5.12
N PHE A 120 -1.80 -7.06 -5.28
CA PHE A 120 -2.46 -5.80 -5.74
C PHE A 120 -3.28 -5.20 -4.61
N LEU A 121 -3.23 -5.79 -3.44
CA LEU A 121 -4.01 -5.25 -2.29
C LEU A 121 -3.09 -4.39 -1.41
N GLY A 122 -3.41 -3.14 -1.24
CA GLY A 122 -2.57 -2.26 -0.39
C GLY A 122 -3.33 -1.91 0.89
N LYS A 123 -2.68 -1.95 2.02
CA LYS A 123 -3.39 -1.62 3.29
C LYS A 123 -3.73 -0.13 3.31
N LEU A 124 -4.99 0.19 3.40
CA LEU A 124 -5.40 1.62 3.41
C LEU A 124 -5.57 2.09 4.87
N LEU A 125 -5.02 3.22 5.20
CA LEU A 125 -5.15 3.73 6.60
C LEU A 125 -6.28 4.76 6.67
N GLU A 126 -7.24 4.55 7.53
CA GLU A 126 -8.36 5.51 7.63
C GLU A 126 -7.85 6.84 8.18
N ALA A 127 -6.95 6.80 9.12
CA ALA A 127 -6.41 8.06 9.69
C ALA A 127 -5.57 8.78 8.63
N GLN A 14 6.76 5.41 -7.61
CA GLN A 14 7.26 6.12 -8.82
C GLN A 14 6.20 6.08 -9.91
N ASN A 15 5.82 7.22 -10.43
CA ASN A 15 4.79 7.25 -11.50
C ASN A 15 5.08 6.15 -12.52
N SER A 16 6.33 5.91 -12.82
CA SER A 16 6.68 4.85 -13.81
C SER A 16 6.12 3.51 -13.33
N SER A 17 6.40 3.14 -12.11
CA SER A 17 5.88 1.84 -11.59
C SER A 17 4.38 1.76 -11.83
N ASP A 18 3.84 0.57 -11.96
CA ASP A 18 2.38 0.43 -12.19
C ASP A 18 1.74 -0.30 -11.01
N TRP A 19 2.34 -0.21 -9.86
CA TRP A 19 1.76 -0.91 -8.66
C TRP A 19 1.92 -0.01 -7.44
N VAL A 20 1.75 1.28 -7.59
CA VAL A 20 1.90 2.19 -6.43
C VAL A 20 0.67 3.10 -6.33
N THR A 21 0.16 3.29 -5.14
CA THR A 21 -1.03 4.17 -4.97
C THR A 21 -0.90 4.96 -3.66
N THR A 22 -1.70 5.98 -3.50
CA THR A 22 -1.62 6.79 -2.26
C THR A 22 -2.64 6.27 -1.24
N ASP A 23 -2.58 6.76 -0.03
CA ASP A 23 -3.56 6.31 1.01
C ASP A 23 -3.18 4.91 1.50
N ILE A 24 -2.11 4.37 1.01
CA ILE A 24 -1.69 3.01 1.46
C ILE A 24 -0.46 3.12 2.36
N GLN A 25 -0.29 2.20 3.27
CA GLN A 25 0.89 2.26 4.18
C GLN A 25 1.96 1.30 3.68
N VAL A 26 3.22 1.66 3.81
CA VAL A 26 4.31 0.77 3.35
C VAL A 26 5.48 0.81 4.35
N LYS A 27 6.46 -0.02 4.16
CA LYS A 27 7.62 -0.03 5.10
C LYS A 27 8.90 0.30 4.31
N VAL A 28 9.95 0.66 5.00
CA VAL A 28 11.22 1.00 4.30
C VAL A 28 12.16 -0.21 4.32
N ARG A 29 12.72 -0.56 3.20
CA ARG A 29 13.64 -1.73 3.15
C ARG A 29 14.97 -1.36 3.84
N ASP A 30 15.69 -2.33 4.31
CA ASP A 30 16.98 -2.05 4.98
C ASP A 30 18.00 -1.53 3.96
N THR A 31 17.65 -1.54 2.70
CA THR A 31 18.61 -1.06 1.67
C THR A 31 18.55 0.46 1.59
N TYR A 32 17.64 1.07 2.30
CA TYR A 32 17.54 2.56 2.27
C TYR A 32 18.80 3.17 2.88
N LEU A 33 19.32 4.20 2.29
CA LEU A 33 20.55 4.84 2.84
C LEU A 33 20.25 5.37 4.24
N ASP A 34 19.11 5.96 4.44
CA ASP A 34 18.77 6.50 5.78
C ASP A 34 18.51 5.35 6.75
N THR A 35 19.48 5.00 7.54
CA THR A 35 19.29 3.87 8.50
C THR A 35 18.25 4.26 9.55
N GLN A 36 18.03 5.54 9.73
CA GLN A 36 17.02 5.98 10.74
C GLN A 36 15.61 5.66 10.24
N VAL A 37 15.46 5.46 8.96
CA VAL A 37 14.11 5.14 8.41
C VAL A 37 14.05 3.66 8.01
N VAL A 38 15.09 2.92 8.28
CA VAL A 38 15.09 1.48 7.91
C VAL A 38 14.13 0.71 8.83
N GLY A 39 13.33 -0.15 8.27
CA GLY A 39 12.37 -0.93 9.11
C GLY A 39 11.31 0.02 9.68
N GLN A 40 11.30 1.24 9.24
CA GLN A 40 10.29 2.20 9.77
C GLN A 40 9.02 2.13 8.92
N THR A 41 7.88 2.23 9.54
CA THR A 41 6.60 2.17 8.77
C THR A 41 6.08 3.58 8.54
N GLY A 42 5.52 3.85 7.39
CA GLY A 42 4.99 5.21 7.10
C GLY A 42 3.83 5.12 6.11
N VAL A 43 3.25 6.23 5.77
CA VAL A 43 2.12 6.21 4.80
C VAL A 43 2.52 6.97 3.53
N ILE A 44 1.96 6.59 2.41
CA ILE A 44 2.31 7.29 1.13
C ILE A 44 1.36 8.47 0.92
N ARG A 45 1.87 9.67 1.00
CA ARG A 45 1.00 10.86 0.81
C ARG A 45 0.83 11.12 -0.69
N SER A 46 1.84 10.90 -1.46
CA SER A 46 1.74 11.14 -2.93
C SER A 46 2.87 10.41 -3.65
N VAL A 47 2.76 10.26 -4.93
CA VAL A 47 3.83 9.54 -5.69
C VAL A 47 4.28 10.40 -6.88
N THR A 48 5.57 10.49 -7.10
CA THR A 48 6.07 11.32 -8.24
C THR A 48 6.95 10.45 -9.14
N GLY A 49 6.92 10.68 -10.43
CA GLY A 49 7.76 9.88 -11.35
C GLY A 49 9.19 9.83 -10.84
N GLY A 50 9.70 8.67 -10.53
CA GLY A 50 11.10 8.57 -10.02
C GLY A 50 11.07 8.31 -8.51
N MET A 51 10.36 9.11 -7.77
CA MET A 51 10.30 8.91 -6.29
C MET A 51 8.93 9.36 -5.78
N CYS A 52 8.58 8.99 -4.59
CA CYS A 52 7.26 9.39 -4.03
C CYS A 52 7.45 9.99 -2.63
N SER A 53 6.41 10.55 -2.07
CA SER A 53 6.54 11.14 -0.71
C SER A 53 5.93 10.17 0.32
N VAL A 54 6.71 9.73 1.26
CA VAL A 54 6.17 8.79 2.28
C VAL A 54 6.31 9.40 3.66
N TYR A 55 5.27 9.35 4.45
CA TYR A 55 5.33 9.93 5.82
C TYR A 55 5.68 8.82 6.81
N LEU A 56 6.69 9.01 7.61
CA LEU A 56 7.06 7.95 8.59
C LEU A 56 6.35 8.19 9.92
N LYS A 57 5.46 7.32 10.30
CA LYS A 57 4.73 7.52 11.58
C LYS A 57 5.71 7.46 12.74
N ASP A 58 6.67 6.58 12.68
CA ASP A 58 7.67 6.48 13.79
C ASP A 58 8.44 7.80 13.89
N SER A 59 8.88 8.33 12.79
CA SER A 59 9.63 9.62 12.83
C SER A 59 8.64 10.78 12.84
N GLU A 60 7.41 10.54 12.51
CA GLU A 60 6.39 11.63 12.51
C GLU A 60 6.82 12.72 11.52
N LYS A 61 7.77 12.42 10.67
CA LYS A 61 8.21 13.43 9.68
C LYS A 61 7.89 12.95 8.26
N VAL A 62 8.16 13.75 7.27
CA VAL A 62 7.85 13.33 5.87
C VAL A 62 9.16 13.21 5.08
N VAL A 63 9.30 12.16 4.31
CA VAL A 63 10.54 11.98 3.52
C VAL A 63 10.20 11.35 2.17
N SER A 64 11.03 11.55 1.18
CA SER A 64 10.74 10.97 -0.16
C SER A 64 11.62 9.72 -0.38
N ILE A 65 11.02 8.63 -0.79
CA ILE A 65 11.81 7.40 -1.02
C ILE A 65 11.45 6.79 -2.38
N SER A 66 12.40 6.20 -3.05
CA SER A 66 12.10 5.60 -4.37
C SER A 66 11.30 4.31 -4.18
N SER A 67 10.38 4.04 -5.07
CA SER A 67 9.56 2.80 -4.93
C SER A 67 10.49 1.59 -4.79
N GLU A 68 11.62 1.62 -5.42
CA GLU A 68 12.56 0.47 -5.31
C GLU A 68 12.93 0.24 -3.85
N HIS A 69 12.82 1.25 -3.03
CA HIS A 69 13.17 1.09 -1.59
C HIS A 69 11.89 1.05 -0.76
N LEU A 70 10.75 1.01 -1.40
CA LEU A 70 9.47 0.97 -0.64
C LEU A 70 8.81 -0.39 -0.83
N GLU A 71 8.17 -0.89 0.20
CA GLU A 71 7.50 -2.22 0.09
C GLU A 71 6.05 -2.10 0.55
N PRO A 72 5.12 -2.72 -0.19
CA PRO A 72 3.69 -2.69 0.15
C PRO A 72 3.38 -3.51 1.40
N ILE A 73 2.42 -3.08 2.18
CA ILE A 73 2.07 -3.83 3.42
C ILE A 73 0.75 -4.57 3.20
N THR A 74 0.67 -5.80 3.62
CA THR A 74 -0.59 -6.57 3.44
C THR A 74 -1.64 -6.08 4.44
N PRO A 75 -2.85 -5.78 3.94
CA PRO A 75 -3.95 -5.29 4.77
C PRO A 75 -4.51 -6.39 5.67
N THR A 76 -4.99 -6.05 6.83
CA THR A 76 -5.56 -7.08 7.75
C THR A 76 -7.07 -7.13 7.59
N LYS A 77 -7.70 -8.18 8.04
CA LYS A 77 -9.17 -8.29 7.91
C LYS A 77 -9.83 -7.08 8.56
N ASN A 78 -10.98 -6.69 8.09
CA ASN A 78 -11.67 -5.51 8.68
C ASN A 78 -10.80 -4.26 8.50
N ASN A 79 -9.85 -4.31 7.62
CA ASN A 79 -8.97 -3.13 7.40
C ASN A 79 -9.25 -2.53 6.02
N LYS A 80 -8.90 -1.30 5.82
CA LYS A 80 -9.14 -0.66 4.50
C LYS A 80 -8.04 -1.06 3.52
N VAL A 81 -8.40 -1.48 2.35
CA VAL A 81 -7.37 -1.89 1.35
C VAL A 81 -7.64 -1.18 0.02
N LYS A 82 -6.64 -1.06 -0.81
CA LYS A 82 -6.84 -0.37 -2.11
C LYS A 82 -6.16 -1.17 -3.23
N VAL A 83 -6.79 -1.26 -4.37
CA VAL A 83 -6.18 -2.03 -5.49
C VAL A 83 -4.99 -1.24 -6.05
N ILE A 84 -3.79 -1.72 -5.84
CA ILE A 84 -2.60 -1.01 -6.36
C ILE A 84 -2.28 -1.49 -7.78
N LEU A 85 -2.95 -2.50 -8.25
CA LEU A 85 -2.68 -2.99 -9.63
C LEU A 85 -4.00 -3.44 -10.28
N GLY A 86 -4.04 -3.47 -11.58
CA GLY A 86 -5.29 -3.89 -12.27
C GLY A 86 -6.02 -2.67 -12.80
N GLU A 87 -7.04 -2.86 -13.59
CA GLU A 87 -7.80 -1.70 -14.13
C GLU A 87 -8.62 -1.06 -13.01
N ASP A 88 -9.02 -1.84 -12.04
CA ASP A 88 -9.82 -1.27 -10.92
C ASP A 88 -8.91 -0.45 -10.00
N ARG A 89 -7.62 -0.53 -10.20
CA ARG A 89 -6.67 0.23 -9.34
C ARG A 89 -7.27 1.60 -9.01
N GLU A 90 -6.81 2.21 -7.94
CA GLU A 90 -7.36 3.55 -7.55
C GLU A 90 -8.66 3.36 -6.77
N ALA A 91 -9.20 2.18 -6.77
CA ALA A 91 -10.47 1.93 -6.02
C ALA A 91 -10.14 1.45 -4.61
N THR A 92 -10.94 1.79 -3.65
CA THR A 92 -10.66 1.35 -2.25
C THR A 92 -11.83 0.50 -1.76
N GLY A 93 -11.64 -0.21 -0.68
CA GLY A 93 -12.73 -1.06 -0.13
C GLY A 93 -12.27 -1.74 1.15
N VAL A 94 -13.13 -2.49 1.78
CA VAL A 94 -12.73 -3.18 3.04
C VAL A 94 -12.45 -4.66 2.74
N LEU A 95 -11.51 -5.24 3.44
CA LEU A 95 -11.19 -6.67 3.21
C LEU A 95 -12.04 -7.54 4.13
N LEU A 96 -12.88 -8.38 3.57
CA LEU A 96 -13.74 -9.24 4.42
C LEU A 96 -12.97 -10.50 4.83
N SER A 97 -12.07 -10.96 4.01
CA SER A 97 -11.29 -12.18 4.37
C SER A 97 -10.15 -12.38 3.35
N ILE A 98 -9.44 -13.46 3.45
CA ILE A 98 -8.33 -13.71 2.50
C ILE A 98 -7.98 -15.21 2.49
N ASP A 99 -7.56 -15.73 1.37
CA ASP A 99 -7.22 -17.18 1.31
C ASP A 99 -5.87 -17.36 0.60
N GLY A 100 -4.86 -17.74 1.35
CA GLY A 100 -3.53 -17.96 0.73
C GLY A 100 -3.12 -16.73 -0.09
N GLU A 101 -3.27 -16.79 -1.38
CA GLU A 101 -2.89 -15.63 -2.24
C GLU A 101 -4.16 -15.02 -2.83
N ASP A 102 -5.22 -15.78 -2.90
CA ASP A 102 -6.49 -15.24 -3.47
C ASP A 102 -7.48 -15.03 -2.32
N GLY A 103 -7.71 -13.80 -1.94
CA GLY A 103 -8.65 -13.54 -0.83
C GLY A 103 -9.91 -12.85 -1.35
N ILE A 104 -11.03 -13.06 -0.71
CA ILE A 104 -12.28 -12.41 -1.16
C ILE A 104 -12.28 -10.96 -0.69
N VAL A 105 -12.38 -10.03 -1.60
CA VAL A 105 -12.37 -8.60 -1.19
C VAL A 105 -13.71 -7.96 -1.56
N ARG A 106 -14.21 -7.06 -0.74
CA ARG A 106 -15.50 -6.40 -1.04
C ARG A 106 -15.28 -4.91 -1.24
N MET A 107 -15.70 -4.38 -2.35
CA MET A 107 -15.49 -2.92 -2.60
C MET A 107 -16.44 -2.11 -1.71
N ASP A 108 -15.92 -1.18 -0.97
CA ASP A 108 -16.80 -0.36 -0.08
C ASP A 108 -17.62 0.61 -0.93
N LEU A 109 -17.26 0.76 -2.18
CA LEU A 109 -18.02 1.70 -3.06
C LEU A 109 -19.34 1.05 -3.48
N ASP A 110 -19.28 -0.12 -4.06
CA ASP A 110 -20.54 -0.81 -4.49
C ASP A 110 -20.88 -1.92 -3.52
N GLU A 111 -20.01 -2.22 -2.60
CA GLU A 111 -20.30 -3.31 -1.61
C GLU A 111 -20.37 -4.65 -2.34
N GLN A 112 -20.01 -4.68 -3.60
CA GLN A 112 -20.07 -5.95 -4.37
C GLN A 112 -18.94 -6.88 -3.90
N LEU A 113 -19.22 -8.14 -3.74
CA LEU A 113 -18.16 -9.09 -3.30
C LEU A 113 -17.27 -9.45 -4.49
N LYS A 114 -15.97 -9.41 -4.30
CA LYS A 114 -15.05 -9.75 -5.43
C LYS A 114 -13.85 -10.53 -4.88
N ILE A 115 -13.11 -11.17 -5.74
CA ILE A 115 -11.94 -11.95 -5.28
C ILE A 115 -10.66 -11.31 -5.83
N LEU A 116 -9.79 -10.87 -4.97
CA LEU A 116 -8.53 -10.23 -5.44
C LEU A 116 -7.34 -10.79 -4.66
N ASN A 117 -6.25 -11.03 -5.33
CA ASN A 117 -5.06 -11.57 -4.61
C ASN A 117 -4.45 -10.48 -3.73
N LEU A 118 -3.78 -10.87 -2.67
CA LEU A 118 -3.17 -9.85 -1.77
C LEU A 118 -2.09 -9.08 -2.53
N ARG A 119 -1.60 -9.62 -3.61
CA ARG A 119 -0.54 -8.92 -4.38
C ARG A 119 -1.06 -7.56 -4.85
N PHE A 120 -2.36 -7.41 -4.96
CA PHE A 120 -2.92 -6.11 -5.41
C PHE A 120 -3.69 -5.45 -4.26
N LEU A 121 -3.64 -6.03 -3.09
CA LEU A 121 -4.37 -5.45 -1.94
C LEU A 121 -3.39 -4.72 -1.02
N GLY A 122 -3.41 -3.41 -1.04
CA GLY A 122 -2.48 -2.64 -0.17
C GLY A 122 -3.22 -2.23 1.11
N LYS A 123 -2.50 -2.08 2.19
CA LYS A 123 -3.16 -1.69 3.47
C LYS A 123 -3.18 -0.17 3.59
N LEU A 124 -4.32 0.41 3.88
CA LEU A 124 -4.40 1.89 4.00
C LEU A 124 -4.62 2.26 5.48
N LEU A 125 -4.17 3.42 5.88
CA LEU A 125 -4.36 3.84 7.30
C LEU A 125 -5.70 4.58 7.44
N GLU A 126 -6.45 4.27 8.45
CA GLU A 126 -7.76 4.96 8.64
C GLU A 126 -7.53 6.38 9.16
N ALA A 127 -8.15 7.36 8.56
CA ALA A 127 -7.96 8.76 9.03
C ALA A 127 -8.00 8.80 10.56
N GLN A 14 6.65 -9.04 -13.85
CA GLN A 14 6.53 -7.57 -13.61
C GLN A 14 6.27 -6.86 -14.95
N ASN A 15 5.15 -7.13 -15.56
CA ASN A 15 4.83 -6.48 -16.86
C ASN A 15 4.98 -4.96 -16.72
N SER A 16 4.47 -4.40 -15.64
CA SER A 16 4.59 -2.93 -15.45
C SER A 16 5.16 -2.64 -14.06
N SER A 17 5.93 -1.61 -13.93
CA SER A 17 6.52 -1.27 -12.59
C SER A 17 5.61 -0.28 -11.86
N ASP A 18 4.64 0.26 -12.54
CA ASP A 18 3.72 1.23 -11.89
C ASP A 18 2.78 0.50 -10.92
N TRP A 19 3.32 -0.29 -10.04
CA TRP A 19 2.46 -1.03 -9.06
C TRP A 19 2.26 -0.19 -7.81
N VAL A 20 3.19 0.67 -7.50
CA VAL A 20 3.06 1.52 -6.29
C VAL A 20 1.77 2.34 -6.37
N THR A 21 1.15 2.62 -5.26
CA THR A 21 -0.11 3.41 -5.28
C THR A 21 -0.16 4.33 -4.06
N THR A 22 -1.04 5.29 -4.06
CA THR A 22 -1.14 6.22 -2.89
C THR A 22 -2.27 5.76 -1.97
N ASP A 23 -2.34 6.33 -0.79
CA ASP A 23 -3.43 5.93 0.15
C ASP A 23 -3.10 4.57 0.77
N ILE A 24 -2.03 3.95 0.34
CA ILE A 24 -1.66 2.62 0.91
C ILE A 24 -0.48 2.78 1.88
N GLN A 25 -0.40 1.94 2.87
CA GLN A 25 0.73 2.04 3.84
C GLN A 25 1.89 1.19 3.34
N VAL A 26 3.10 1.64 3.54
CA VAL A 26 4.28 0.85 3.08
C VAL A 26 5.44 1.04 4.06
N LYS A 27 6.46 0.24 3.95
CA LYS A 27 7.62 0.38 4.87
C LYS A 27 8.89 0.59 4.06
N VAL A 28 10.01 0.81 4.72
CA VAL A 28 11.28 1.02 3.97
C VAL A 28 12.08 -0.27 3.96
N ARG A 29 12.49 -0.72 2.81
CA ARG A 29 13.28 -1.98 2.75
C ARG A 29 14.56 -1.78 3.58
N ASP A 30 14.99 -2.80 4.27
CA ASP A 30 16.22 -2.66 5.11
C ASP A 30 17.28 -1.83 4.36
N THR A 31 17.20 -1.79 3.05
CA THR A 31 18.21 -1.01 2.27
C THR A 31 17.86 0.48 2.30
N TYR A 32 16.85 0.88 3.03
CA TYR A 32 16.49 2.33 3.06
C TYR A 32 17.77 3.16 3.16
N LEU A 33 17.97 4.08 2.24
CA LEU A 33 19.20 4.93 2.28
C LEU A 33 19.51 5.32 3.73
N ASP A 34 18.53 5.78 4.45
CA ASP A 34 18.77 6.18 5.86
C ASP A 34 18.49 4.99 6.78
N THR A 35 19.49 4.51 7.49
CA THR A 35 19.27 3.36 8.40
C THR A 35 18.41 3.81 9.59
N GLN A 36 18.44 5.08 9.89
CA GLN A 36 17.62 5.58 11.02
C GLN A 36 16.14 5.37 10.71
N VAL A 37 15.83 5.09 9.48
CA VAL A 37 14.41 4.86 9.10
C VAL A 37 14.25 3.46 8.50
N VAL A 38 15.34 2.79 8.25
CA VAL A 38 15.26 1.42 7.67
C VAL A 38 14.32 0.57 8.54
N GLY A 39 13.42 -0.16 7.93
CA GLY A 39 12.49 -1.01 8.73
C GLY A 39 11.39 -0.15 9.35
N GLN A 40 11.38 1.12 9.06
CA GLN A 40 10.32 2.00 9.65
C GLN A 40 9.06 1.94 8.78
N THR A 41 7.91 2.05 9.38
CA THR A 41 6.64 1.99 8.59
C THR A 41 6.10 3.41 8.39
N GLY A 42 5.55 3.67 7.23
CA GLY A 42 5.00 5.03 6.96
C GLY A 42 3.83 4.92 6.00
N VAL A 43 3.26 6.04 5.60
CA VAL A 43 2.12 6.00 4.65
C VAL A 43 2.47 6.79 3.39
N ILE A 44 1.91 6.42 2.27
CA ILE A 44 2.21 7.14 1.01
C ILE A 44 1.21 8.28 0.81
N ARG A 45 1.66 9.50 0.88
CA ARG A 45 0.73 10.65 0.70
C ARG A 45 0.50 10.89 -0.80
N SER A 46 1.54 11.02 -1.57
CA SER A 46 1.38 11.25 -3.02
C SER A 46 2.60 10.72 -3.76
N VAL A 47 2.56 10.71 -5.07
CA VAL A 47 3.72 10.19 -5.85
C VAL A 47 4.05 11.18 -6.98
N THR A 48 5.31 11.39 -7.24
CA THR A 48 5.70 12.34 -8.33
C THR A 48 6.87 11.76 -9.12
N GLY A 49 6.77 11.72 -10.42
CA GLY A 49 7.88 11.17 -11.24
C GLY A 49 8.29 9.80 -10.68
N GLY A 50 9.55 9.63 -10.39
CA GLY A 50 10.01 8.32 -9.85
C GLY A 50 10.10 8.40 -8.32
N MET A 51 9.91 9.57 -7.76
CA MET A 51 9.99 9.71 -6.28
C MET A 51 8.60 10.04 -5.73
N CYS A 52 8.22 9.41 -4.65
CA CYS A 52 6.88 9.69 -4.07
C CYS A 52 7.04 10.21 -2.64
N SER A 53 5.98 10.67 -2.03
CA SER A 53 6.09 11.19 -0.64
C SER A 53 5.58 10.13 0.34
N VAL A 54 6.29 9.91 1.41
CA VAL A 54 5.86 8.88 2.40
C VAL A 54 5.94 9.47 3.81
N TYR A 55 4.89 9.31 4.58
CA TYR A 55 4.91 9.84 5.97
C TYR A 55 5.29 8.72 6.94
N LEU A 56 6.37 8.86 7.65
CA LEU A 56 6.78 7.80 8.60
C LEU A 56 6.04 7.98 9.93
N LYS A 57 5.20 7.04 10.28
CA LYS A 57 4.43 7.16 11.55
C LYS A 57 5.39 7.10 12.74
N ASP A 58 6.34 6.20 12.71
CA ASP A 58 7.29 6.09 13.85
C ASP A 58 8.05 7.41 14.01
N SER A 59 8.47 8.00 12.92
CA SER A 59 9.22 9.29 13.01
C SER A 59 8.22 10.45 12.94
N GLU A 60 7.02 10.18 12.54
CA GLU A 60 6.00 11.27 12.44
C GLU A 60 6.53 12.38 11.52
N LYS A 61 7.20 12.02 10.46
CA LYS A 61 7.73 13.05 9.52
C LYS A 61 7.41 12.64 8.09
N VAL A 62 7.54 13.55 7.16
CA VAL A 62 7.25 13.21 5.73
C VAL A 62 8.55 13.14 4.94
N VAL A 63 8.75 12.09 4.19
CA VAL A 63 10.00 11.98 3.39
C VAL A 63 9.69 11.38 2.02
N SER A 64 10.49 11.67 1.04
CA SER A 64 10.23 11.12 -0.33
C SER A 64 11.06 9.85 -0.53
N ILE A 65 10.45 8.78 -0.95
CA ILE A 65 11.20 7.53 -1.17
C ILE A 65 10.87 6.96 -2.54
N SER A 66 11.83 6.39 -3.22
CA SER A 66 11.57 5.82 -4.57
C SER A 66 10.82 4.50 -4.42
N SER A 67 9.78 4.31 -5.18
CA SER A 67 9.00 3.05 -5.08
C SER A 67 9.95 1.85 -5.08
N GLU A 68 11.10 1.99 -5.68
CA GLU A 68 12.09 0.88 -5.70
C GLU A 68 12.55 0.57 -4.28
N HIS A 69 12.52 1.54 -3.41
CA HIS A 69 12.97 1.30 -2.01
C HIS A 69 11.75 1.19 -1.09
N LEU A 70 10.57 1.26 -1.65
CA LEU A 70 9.34 1.17 -0.81
C LEU A 70 8.69 -0.20 -1.01
N GLU A 71 8.08 -0.74 0.01
CA GLU A 71 7.41 -2.07 -0.13
C GLU A 71 5.99 -1.98 0.40
N PRO A 72 5.03 -2.56 -0.33
CA PRO A 72 3.61 -2.55 0.06
C PRO A 72 3.36 -3.44 1.29
N ILE A 73 2.45 -3.04 2.14
CA ILE A 73 2.15 -3.86 3.35
C ILE A 73 0.83 -4.60 3.16
N THR A 74 0.74 -5.81 3.66
CA THR A 74 -0.52 -6.58 3.51
C THR A 74 -1.55 -6.08 4.53
N PRO A 75 -2.77 -5.79 4.06
CA PRO A 75 -3.86 -5.30 4.91
C PRO A 75 -4.39 -6.40 5.84
N THR A 76 -4.82 -6.04 7.01
CA THR A 76 -5.35 -7.05 7.97
C THR A 76 -6.87 -7.12 7.84
N LYS A 77 -7.48 -8.19 8.29
CA LYS A 77 -8.95 -8.30 8.20
C LYS A 77 -9.61 -7.07 8.82
N ASN A 78 -10.80 -6.75 8.42
CA ASN A 78 -11.50 -5.56 8.99
C ASN A 78 -10.65 -4.31 8.73
N ASN A 79 -9.71 -4.39 7.83
CA ASN A 79 -8.85 -3.21 7.53
C ASN A 79 -9.17 -2.68 6.14
N LYS A 80 -8.88 -1.43 5.88
CA LYS A 80 -9.16 -0.86 4.54
C LYS A 80 -8.04 -1.22 3.58
N VAL A 81 -8.36 -1.70 2.41
CA VAL A 81 -7.30 -2.08 1.43
C VAL A 81 -7.53 -1.31 0.12
N LYS A 82 -6.49 -1.10 -0.65
CA LYS A 82 -6.65 -0.37 -1.93
C LYS A 82 -5.98 -1.15 -3.06
N VAL A 83 -6.62 -1.26 -4.18
CA VAL A 83 -6.03 -2.01 -5.32
C VAL A 83 -4.77 -1.28 -5.80
N ILE A 84 -3.62 -1.87 -5.61
CA ILE A 84 -2.36 -1.22 -6.05
C ILE A 84 -2.04 -1.64 -7.49
N LEU A 85 -2.71 -2.65 -7.97
CA LEU A 85 -2.44 -3.11 -9.37
C LEU A 85 -3.74 -3.66 -9.98
N GLY A 86 -3.77 -3.83 -11.27
CA GLY A 86 -5.00 -4.36 -11.92
C GLY A 86 -5.85 -3.20 -12.43
N GLU A 87 -6.71 -3.44 -13.38
CA GLU A 87 -7.57 -2.35 -13.91
C GLU A 87 -8.28 -1.65 -12.75
N ASP A 88 -8.38 -2.30 -11.62
CA ASP A 88 -9.06 -1.68 -10.45
C ASP A 88 -8.05 -0.88 -9.64
N ARG A 89 -6.88 -0.65 -10.18
CA ARG A 89 -5.85 0.12 -9.43
C ARG A 89 -6.43 1.48 -9.02
N GLU A 90 -5.91 2.07 -7.98
CA GLU A 90 -6.43 3.40 -7.53
C GLU A 90 -7.82 3.21 -6.90
N ALA A 91 -8.27 1.99 -6.78
CA ALA A 91 -9.61 1.75 -6.17
C ALA A 91 -9.45 1.43 -4.68
N THR A 92 -10.37 1.87 -3.87
CA THR A 92 -10.27 1.58 -2.41
C THR A 92 -11.30 0.54 -2.02
N GLY A 93 -11.03 -0.25 -1.02
CA GLY A 93 -12.00 -1.30 -0.60
C GLY A 93 -11.65 -1.81 0.80
N VAL A 94 -12.55 -2.48 1.44
CA VAL A 94 -12.26 -3.01 2.81
C VAL A 94 -12.05 -4.52 2.75
N LEU A 95 -11.17 -5.04 3.56
CA LEU A 95 -10.92 -6.51 3.55
C LEU A 95 -11.87 -7.20 4.54
N LEU A 96 -12.46 -8.29 4.14
CA LEU A 96 -13.39 -9.01 5.05
C LEU A 96 -12.86 -10.42 5.33
N SER A 97 -12.15 -10.99 4.39
CA SER A 97 -11.61 -12.36 4.60
C SER A 97 -10.52 -12.64 3.56
N ILE A 98 -9.81 -13.72 3.72
CA ILE A 98 -8.73 -14.06 2.75
C ILE A 98 -8.65 -15.58 2.59
N ASP A 99 -8.37 -16.05 1.41
CA ASP A 99 -8.27 -17.53 1.20
C ASP A 99 -6.98 -17.85 0.45
N GLY A 100 -6.01 -18.42 1.14
CA GLY A 100 -4.73 -18.77 0.46
C GLY A 100 -4.15 -17.53 -0.22
N GLU A 101 -4.07 -17.54 -1.52
CA GLU A 101 -3.52 -16.35 -2.24
C GLU A 101 -4.66 -15.44 -2.68
N ASP A 102 -5.85 -15.98 -2.80
CA ASP A 102 -7.00 -15.14 -3.23
C ASP A 102 -7.61 -14.45 -2.02
N GLY A 103 -7.28 -13.20 -1.81
CA GLY A 103 -7.83 -12.47 -0.63
C GLY A 103 -9.19 -11.87 -0.99
N ILE A 104 -10.22 -12.24 -0.28
CA ILE A 104 -11.57 -11.68 -0.59
C ILE A 104 -11.73 -10.32 0.09
N VAL A 105 -12.09 -9.31 -0.68
CA VAL A 105 -12.26 -7.96 -0.07
C VAL A 105 -13.61 -7.39 -0.49
N ARG A 106 -14.15 -6.49 0.29
CA ARG A 106 -15.47 -5.90 -0.07
C ARG A 106 -15.26 -4.51 -0.68
N MET A 107 -15.84 -4.27 -1.82
CA MET A 107 -15.66 -2.93 -2.47
C MET A 107 -16.44 -1.88 -1.68
N ASP A 108 -15.74 -0.97 -1.05
CA ASP A 108 -16.42 0.08 -0.25
C ASP A 108 -17.15 1.04 -1.20
N LEU A 109 -16.84 0.98 -2.47
CA LEU A 109 -17.50 1.90 -3.44
C LEU A 109 -18.88 1.34 -3.81
N ASP A 110 -18.95 0.06 -4.09
CA ASP A 110 -20.26 -0.54 -4.47
C ASP A 110 -20.74 -1.47 -3.36
N GLU A 111 -19.96 -1.65 -2.33
CA GLU A 111 -20.37 -2.54 -1.23
C GLU A 111 -20.45 -3.98 -1.74
N GLN A 112 -19.95 -4.23 -2.92
CA GLN A 112 -20.00 -5.61 -3.47
C GLN A 112 -18.72 -6.35 -3.11
N LEU A 113 -18.75 -7.66 -3.13
CA LEU A 113 -17.54 -8.45 -2.78
C LEU A 113 -16.72 -8.72 -4.05
N LYS A 114 -15.42 -8.77 -3.93
CA LYS A 114 -14.57 -9.03 -5.12
C LYS A 114 -13.30 -9.77 -4.69
N ILE A 115 -12.87 -10.72 -5.47
CA ILE A 115 -11.63 -11.47 -5.11
C ILE A 115 -10.43 -10.84 -5.80
N LEU A 116 -9.33 -10.73 -5.11
CA LEU A 116 -8.11 -10.12 -5.73
C LEU A 116 -6.86 -10.71 -5.08
N ASN A 117 -5.81 -10.88 -5.85
CA ASN A 117 -4.56 -11.44 -5.28
C ASN A 117 -3.98 -10.47 -4.25
N LEU A 118 -3.63 -10.95 -3.10
CA LEU A 118 -3.06 -10.05 -2.05
C LEU A 118 -1.98 -9.16 -2.68
N ARG A 119 -1.36 -9.61 -3.73
CA ARG A 119 -0.30 -8.78 -4.38
C ARG A 119 -0.91 -7.49 -4.91
N PHE A 120 -2.20 -7.46 -5.09
CA PHE A 120 -2.85 -6.21 -5.61
C PHE A 120 -3.61 -5.51 -4.49
N LEU A 121 -3.51 -6.01 -3.29
CA LEU A 121 -4.23 -5.37 -2.16
C LEU A 121 -3.23 -4.67 -1.24
N GLY A 122 -3.37 -3.39 -1.04
CA GLY A 122 -2.42 -2.65 -0.16
C GLY A 122 -3.15 -2.24 1.12
N LYS A 123 -2.44 -2.11 2.21
CA LYS A 123 -3.11 -1.71 3.48
C LYS A 123 -3.35 -0.19 3.48
N LEU A 124 -4.58 0.21 3.60
CA LEU A 124 -4.89 1.67 3.60
C LEU A 124 -4.99 2.16 5.04
N LEU A 125 -4.37 3.28 5.34
CA LEU A 125 -4.42 3.80 6.73
C LEU A 125 -5.64 4.72 6.88
N GLU A 126 -6.37 4.58 7.95
CA GLU A 126 -7.58 5.44 8.15
C GLU A 126 -7.13 6.89 8.33
N ALA A 127 -6.13 7.13 9.14
CA ALA A 127 -5.66 8.52 9.35
C ALA A 127 -4.89 8.99 8.11
N GLN A 14 3.96 -4.89 -19.69
CA GLN A 14 5.27 -4.51 -19.08
C GLN A 14 5.09 -3.31 -18.16
N ASN A 15 3.94 -2.68 -18.21
CA ASN A 15 3.69 -1.50 -17.34
C ASN A 15 3.17 -1.97 -15.97
N SER A 16 3.20 -3.25 -15.74
CA SER A 16 2.71 -3.77 -14.43
C SER A 16 3.60 -3.26 -13.29
N SER A 17 4.78 -2.80 -13.63
CA SER A 17 5.70 -2.28 -12.58
C SER A 17 5.06 -1.09 -11.87
N ASP A 18 4.32 -0.29 -12.59
CA ASP A 18 3.67 0.89 -11.97
C ASP A 18 2.61 0.42 -10.96
N TRP A 19 3.00 -0.31 -9.96
CA TRP A 19 2.02 -0.80 -8.95
C TRP A 19 1.99 0.17 -7.77
N VAL A 20 3.03 0.93 -7.58
CA VAL A 20 3.05 1.88 -6.44
C VAL A 20 1.81 2.76 -6.48
N THR A 21 1.22 3.04 -5.35
CA THR A 21 0.00 3.90 -5.33
C THR A 21 -0.04 4.70 -4.03
N THR A 22 -0.93 5.65 -3.94
CA THR A 22 -1.01 6.47 -2.69
C THR A 22 -2.12 5.93 -1.79
N ASP A 23 -2.20 6.42 -0.58
CA ASP A 23 -3.26 5.93 0.35
C ASP A 23 -2.87 4.54 0.87
N ILE A 24 -1.77 4.01 0.42
CA ILE A 24 -1.36 2.66 0.90
C ILE A 24 -0.11 2.79 1.77
N GLN A 25 0.03 1.94 2.75
CA GLN A 25 1.23 2.01 3.63
C GLN A 25 2.44 1.42 2.90
N VAL A 26 3.63 1.75 3.34
CA VAL A 26 4.84 1.19 2.67
C VAL A 26 5.88 0.81 3.71
N LYS A 27 6.69 -0.18 3.44
CA LYS A 27 7.71 -0.60 4.43
C LYS A 27 9.10 -0.21 3.89
N VAL A 28 9.83 0.56 4.63
CA VAL A 28 11.19 0.97 4.18
C VAL A 28 12.09 -0.25 4.08
N ARG A 29 12.60 -0.54 2.91
CA ARG A 29 13.48 -1.73 2.74
C ARG A 29 14.84 -1.44 3.39
N ASP A 30 15.52 -2.46 3.85
CA ASP A 30 16.84 -2.24 4.50
C ASP A 30 17.83 -1.69 3.47
N THR A 31 17.46 -1.68 2.22
CA THR A 31 18.38 -1.15 1.17
C THR A 31 18.38 0.38 1.22
N TYR A 32 17.51 0.96 2.01
CA TYR A 32 17.47 2.44 2.09
C TYR A 32 18.73 2.96 2.79
N LEU A 33 19.22 4.10 2.38
CA LEU A 33 20.44 4.65 3.02
C LEU A 33 20.15 5.00 4.49
N ASP A 34 18.99 5.53 4.75
CA ASP A 34 18.64 5.88 6.16
C ASP A 34 18.35 4.61 6.95
N THR A 35 19.35 4.02 7.54
CA THR A 35 19.12 2.77 8.33
C THR A 35 18.20 3.08 9.51
N GLN A 36 18.09 4.33 9.87
CA GLN A 36 17.19 4.70 11.01
C GLN A 36 15.74 4.57 10.58
N VAL A 37 15.50 4.48 9.30
CA VAL A 37 14.10 4.35 8.81
C VAL A 37 13.89 2.96 8.22
N VAL A 38 14.85 2.09 8.35
CA VAL A 38 14.70 0.72 7.79
C VAL A 38 13.72 -0.07 8.67
N GLY A 39 12.79 -0.76 8.06
CA GLY A 39 11.81 -1.54 8.87
C GLY A 39 10.75 -0.60 9.44
N GLN A 40 10.83 0.66 9.12
CA GLN A 40 9.82 1.63 9.64
C GLN A 40 8.61 1.66 8.71
N THR A 41 7.46 1.94 9.24
CA THR A 41 6.23 1.98 8.38
C THR A 41 5.91 3.43 8.00
N GLY A 42 5.55 3.65 6.77
CA GLY A 42 5.21 5.03 6.32
C GLY A 42 4.03 4.98 5.36
N VAL A 43 3.27 6.04 5.26
CA VAL A 43 2.10 6.05 4.34
C VAL A 43 2.41 6.91 3.13
N ILE A 44 1.87 6.59 1.99
CA ILE A 44 2.14 7.40 0.77
C ILE A 44 1.07 8.49 0.65
N ARG A 45 1.47 9.73 0.79
CA ARG A 45 0.48 10.85 0.69
C ARG A 45 0.33 11.27 -0.78
N SER A 46 1.39 11.27 -1.51
CA SER A 46 1.30 11.68 -2.95
C SER A 46 2.58 11.30 -3.69
N VAL A 47 2.60 11.48 -4.98
CA VAL A 47 3.83 11.14 -5.76
C VAL A 47 4.14 12.28 -6.73
N THR A 48 5.39 12.47 -7.06
CA THR A 48 5.75 13.57 -8.00
C THR A 48 7.18 13.37 -8.50
N GLY A 49 7.46 13.81 -9.70
CA GLY A 49 8.84 13.65 -10.26
C GLY A 49 9.18 12.16 -10.35
N GLY A 50 8.19 11.31 -10.29
CA GLY A 50 8.47 9.84 -10.36
C GLY A 50 8.77 9.31 -8.97
N MET A 51 9.25 10.14 -8.08
CA MET A 51 9.55 9.68 -6.70
C MET A 51 8.25 9.56 -5.90
N CYS A 52 8.33 9.11 -4.68
CA CYS A 52 7.10 8.99 -3.85
C CYS A 52 7.30 9.71 -2.52
N SER A 53 6.28 10.37 -2.04
CA SER A 53 6.40 11.08 -0.74
C SER A 53 5.61 10.32 0.32
N VAL A 54 6.27 9.75 1.29
CA VAL A 54 5.53 8.98 2.34
C VAL A 54 5.83 9.58 3.71
N TYR A 55 4.83 9.64 4.55
CA TYR A 55 5.04 10.18 5.92
C TYR A 55 5.49 9.03 6.83
N LEU A 56 6.52 9.24 7.60
CA LEU A 56 7.00 8.15 8.49
C LEU A 56 6.28 8.22 9.83
N LYS A 57 5.50 7.23 10.15
CA LYS A 57 4.76 7.25 11.45
C LYS A 57 5.75 7.19 12.60
N ASP A 58 6.71 6.31 12.55
CA ASP A 58 7.70 6.22 13.65
C ASP A 58 8.49 7.53 13.76
N SER A 59 8.97 8.04 12.65
CA SER A 59 9.74 9.32 12.71
C SER A 59 8.77 10.49 12.89
N GLU A 60 7.50 10.26 12.73
CA GLU A 60 6.51 11.36 12.90
C GLU A 60 6.91 12.55 12.00
N LYS A 61 7.51 12.27 10.88
CA LYS A 61 7.91 13.38 9.97
C LYS A 61 7.58 13.01 8.52
N VAL A 62 7.72 13.94 7.61
CA VAL A 62 7.41 13.63 6.19
C VAL A 62 8.72 13.54 5.40
N VAL A 63 8.88 12.49 4.63
CA VAL A 63 10.13 12.34 3.83
C VAL A 63 9.80 11.76 2.46
N SER A 64 10.62 12.02 1.48
CA SER A 64 10.36 11.48 0.11
C SER A 64 11.09 10.15 -0.06
N ILE A 65 10.41 9.14 -0.54
CA ILE A 65 11.08 7.82 -0.73
C ILE A 65 10.75 7.29 -2.13
N SER A 66 11.71 6.73 -2.80
CA SER A 66 11.46 6.19 -4.17
C SER A 66 10.70 4.87 -4.05
N SER A 67 9.80 4.61 -4.97
CA SER A 67 9.03 3.34 -4.91
C SER A 67 9.99 2.15 -4.85
N GLU A 68 11.16 2.31 -5.40
CA GLU A 68 12.15 1.19 -5.37
C GLU A 68 12.59 0.92 -3.93
N HIS A 69 12.53 1.91 -3.09
CA HIS A 69 12.95 1.72 -1.67
C HIS A 69 11.71 1.56 -0.79
N LEU A 70 10.55 1.53 -1.39
CA LEU A 70 9.30 1.38 -0.57
C LEU A 70 8.71 -0.02 -0.83
N GLU A 71 8.17 -0.63 0.19
CA GLU A 71 7.58 -1.99 0.02
C GLU A 71 6.10 -1.95 0.43
N PRO A 72 5.25 -2.65 -0.34
CA PRO A 72 3.80 -2.72 -0.07
C PRO A 72 3.50 -3.53 1.20
N ILE A 73 2.51 -3.13 1.94
CA ILE A 73 2.16 -3.89 3.18
C ILE A 73 0.82 -4.60 2.99
N THR A 74 0.72 -5.82 3.46
CA THR A 74 -0.55 -6.58 3.29
C THR A 74 -1.62 -6.00 4.23
N PRO A 75 -2.81 -5.73 3.69
CA PRO A 75 -3.93 -5.16 4.46
C PRO A 75 -4.51 -6.20 5.44
N THR A 76 -4.87 -5.77 6.62
CA THR A 76 -5.45 -6.72 7.61
C THR A 76 -6.95 -6.87 7.35
N LYS A 77 -7.51 -8.01 7.67
CA LYS A 77 -8.97 -8.20 7.44
C LYS A 77 -9.74 -7.08 8.14
N ASN A 78 -10.90 -6.75 7.63
CA ASN A 78 -11.70 -5.65 8.26
C ASN A 78 -10.94 -4.33 8.15
N ASN A 79 -9.96 -4.28 7.29
CA ASN A 79 -9.18 -3.01 7.13
C ASN A 79 -9.40 -2.45 5.72
N LYS A 80 -9.02 -1.24 5.50
CA LYS A 80 -9.21 -0.63 4.14
C LYS A 80 -7.97 -0.92 3.29
N VAL A 81 -8.15 -1.11 2.01
CA VAL A 81 -6.97 -1.39 1.14
C VAL A 81 -7.13 -0.67 -0.20
N LYS A 82 -6.08 -0.62 -0.97
CA LYS A 82 -6.16 0.06 -2.30
C LYS A 82 -5.64 -0.87 -3.39
N VAL A 83 -6.48 -1.22 -4.33
CA VAL A 83 -6.03 -2.13 -5.42
C VAL A 83 -4.85 -1.50 -6.16
N ILE A 84 -3.71 -2.13 -6.12
CA ILE A 84 -2.52 -1.56 -6.81
C ILE A 84 -2.26 -2.34 -8.11
N LEU A 85 -3.02 -3.36 -8.37
CA LEU A 85 -2.81 -4.15 -9.61
C LEU A 85 -4.17 -4.54 -10.20
N GLY A 86 -4.25 -4.68 -11.49
CA GLY A 86 -5.54 -5.05 -12.14
C GLY A 86 -6.26 -3.79 -12.62
N GLU A 87 -7.22 -3.94 -13.49
CA GLU A 87 -7.95 -2.76 -14.01
C GLU A 87 -8.64 -2.05 -12.84
N ASP A 88 -8.74 -2.70 -11.71
CA ASP A 88 -9.41 -2.06 -10.54
C ASP A 88 -8.36 -1.31 -9.71
N ARG A 89 -7.18 -1.14 -10.24
CA ARG A 89 -6.13 -0.41 -9.49
C ARG A 89 -6.65 0.97 -9.08
N GLU A 90 -6.08 1.55 -8.06
CA GLU A 90 -6.56 2.89 -7.61
C GLU A 90 -7.90 2.75 -6.89
N ALA A 91 -8.40 1.55 -6.78
CA ALA A 91 -9.71 1.36 -6.08
C ALA A 91 -9.44 0.87 -4.65
N THR A 92 -10.31 1.22 -3.73
CA THR A 92 -10.10 0.77 -2.32
C THR A 92 -11.32 -0.02 -1.86
N GLY A 93 -11.19 -0.77 -0.79
CA GLY A 93 -12.36 -1.55 -0.30
C GLY A 93 -12.01 -2.20 1.04
N VAL A 94 -12.99 -2.71 1.73
CA VAL A 94 -12.72 -3.36 3.04
C VAL A 94 -12.54 -4.86 2.85
N LEU A 95 -11.68 -5.47 3.62
CA LEU A 95 -11.47 -6.94 3.48
C LEU A 95 -12.45 -7.69 4.36
N LEU A 96 -13.48 -8.25 3.79
CA LEU A 96 -14.49 -9.00 4.60
C LEU A 96 -13.89 -10.35 5.01
N SER A 97 -12.91 -10.82 4.28
CA SER A 97 -12.29 -12.13 4.64
C SER A 97 -11.16 -12.44 3.65
N ILE A 98 -10.43 -13.50 3.89
CA ILE A 98 -9.31 -13.86 2.97
C ILE A 98 -9.32 -15.37 2.73
N ASP A 99 -9.00 -15.80 1.55
CA ASP A 99 -8.99 -17.27 1.27
C ASP A 99 -7.55 -17.76 1.10
N GLY A 100 -6.98 -18.28 2.16
CA GLY A 100 -5.58 -18.79 2.07
C GLY A 100 -4.72 -17.83 1.25
N GLU A 101 -4.53 -18.10 -0.01
CA GLU A 101 -3.71 -17.20 -0.86
C GLU A 101 -4.59 -16.15 -1.52
N ASP A 102 -5.79 -16.51 -1.88
CA ASP A 102 -6.70 -15.52 -2.52
C ASP A 102 -7.42 -14.71 -1.43
N GLY A 103 -7.19 -13.43 -1.39
CA GLY A 103 -7.84 -12.60 -0.34
C GLY A 103 -9.13 -11.98 -0.91
N ILE A 104 -10.26 -12.35 -0.37
CA ILE A 104 -11.54 -11.78 -0.86
C ILE A 104 -11.72 -10.38 -0.28
N VAL A 105 -12.02 -9.41 -1.10
CA VAL A 105 -12.21 -8.03 -0.58
C VAL A 105 -13.57 -7.50 -1.02
N ARG A 106 -14.13 -6.59 -0.26
CA ARG A 106 -15.46 -6.03 -0.63
C ARG A 106 -15.29 -4.56 -1.04
N MET A 107 -15.78 -4.19 -2.19
CA MET A 107 -15.64 -2.78 -2.63
C MET A 107 -16.46 -1.87 -1.70
N ASP A 108 -15.80 -1.04 -0.95
CA ASP A 108 -16.53 -0.13 -0.03
C ASP A 108 -17.32 0.88 -0.84
N LEU A 109 -17.04 0.98 -2.11
CA LEU A 109 -17.78 1.95 -2.97
C LEU A 109 -19.13 1.36 -3.39
N ASP A 110 -19.11 0.19 -3.97
CA ASP A 110 -20.39 -0.45 -4.40
C ASP A 110 -20.76 -1.57 -3.43
N GLU A 111 -19.95 -1.78 -2.42
CA GLU A 111 -20.26 -2.86 -1.44
C GLU A 111 -20.21 -4.22 -2.14
N GLN A 112 -19.74 -4.26 -3.36
CA GLN A 112 -19.68 -5.56 -4.08
C GLN A 112 -18.46 -6.35 -3.61
N LEU A 113 -18.57 -7.65 -3.54
CA LEU A 113 -17.42 -8.48 -3.08
C LEU A 113 -16.54 -8.82 -4.28
N LYS A 114 -15.24 -8.82 -4.09
CA LYS A 114 -14.33 -9.15 -5.22
C LYS A 114 -13.14 -9.97 -4.71
N ILE A 115 -12.66 -10.89 -5.48
CA ILE A 115 -11.51 -11.72 -5.03
C ILE A 115 -10.22 -11.19 -5.66
N LEU A 116 -9.20 -11.01 -4.87
CA LEU A 116 -7.92 -10.49 -5.42
C LEU A 116 -6.75 -11.02 -4.58
N ASN A 117 -5.63 -11.30 -5.20
CA ASN A 117 -4.47 -11.82 -4.45
C ASN A 117 -3.98 -10.75 -3.46
N LEU A 118 -3.44 -11.16 -2.35
CA LEU A 118 -2.96 -10.17 -1.34
C LEU A 118 -1.76 -9.41 -1.92
N ARG A 119 -1.11 -9.96 -2.90
CA ARG A 119 0.06 -9.27 -3.51
C ARG A 119 -0.39 -8.01 -4.24
N PHE A 120 -1.66 -7.92 -4.55
CA PHE A 120 -2.16 -6.70 -5.27
C PHE A 120 -3.04 -5.88 -4.33
N LEU A 121 -3.07 -6.23 -3.07
CA LEU A 121 -3.92 -5.46 -2.11
C LEU A 121 -3.01 -4.62 -1.21
N GLY A 122 -3.11 -3.32 -1.30
CA GLY A 122 -2.26 -2.45 -0.45
C GLY A 122 -3.01 -2.09 0.84
N LYS A 123 -2.34 -2.02 1.95
CA LYS A 123 -3.02 -1.68 3.23
C LYS A 123 -3.11 -0.16 3.36
N LEU A 124 -4.28 0.35 3.62
CA LEU A 124 -4.43 1.82 3.78
C LEU A 124 -4.33 2.20 5.26
N LEU A 125 -3.74 3.33 5.55
CA LEU A 125 -3.60 3.75 6.98
C LEU A 125 -4.62 4.86 7.28
N GLU A 126 -5.32 4.75 8.38
CA GLU A 126 -6.31 5.79 8.73
C GLU A 126 -5.90 6.48 10.03
N ALA A 127 -6.15 7.75 10.14
CA ALA A 127 -5.77 8.48 11.38
C ALA A 127 -6.46 7.83 12.59
#